data_6M5S
#
_entry.id   6M5S
#
_cell.length_a   1.00
_cell.length_b   1.00
_cell.length_c   1.00
_cell.angle_alpha   90.00
_cell.angle_beta   90.00
_cell.angle_gamma   90.00
#
_symmetry.space_group_name_H-M   'P 1'
#
loop_
_entity.id
_entity.type
_entity.pdbx_description
1 polymer 'Tripartite terminase subunit 3'
2 polymer 'Tripartite terminase subunit 1'
3 polymer 'Tripartite terminase subunit 2'
4 non-polymer 'ZINC ION'
#
loop_
_entity_poly.entity_id
_entity_poly.type
_entity_poly.pdbx_seq_one_letter_code
_entity_poly.pdbx_strand_id
1 'polypeptide(L)'
;TMGGDALRVPFLDFATATPKRHQTVVPGVGTLHDCCEHSPLFSAVARRLLFNSLVPAQLKGRDFGGDHTAKLEFLAPELV
RAVARLRFKECAPADVVPQRNAYYSVLNTFQALHRSEAFRQLVHFVRDFAQLLKTSFRASSLTETTGPPKKRAKVDVATH
GRTYGTLELFQKMILMHATYFLAAVLLGDHAEQVNTFLRLVFEIPLFSDAAVRHFRQRATVFLVPRRHGKTWFLVPLIAL
SLASFRGIKIGYTAHIRKATEPVFEEIDACLRGWFGSARVDHVKGETISFSFPDGSRSTIVFASSHNTNGIRGQDFNLLF
VDEANFIRPDAVQTIMGFLNQANCKIIFVSSTNTGKASTSFLYNLRGAADELLNVVTYICDDHMPRVVTHTNATACSCYI
LNKPVFITMDGAVRRTADLFLADSFMQEIIGGQARETGDDRPVLTKSAGERFLLYRPSTTTNSGLMAPDLYVYVDPAFTA
NTRASGTGVAVVGRYRDDYIIFALEHFFLRALTGSAPADIARCVVHSLTQVLALHPGAFRGVRVAVEGNSSQDSAVAIAT
HVHTEMHRLLASEGADAGSGPELLFYHCEPPGSAVLYPFFLLNKQKTPAFEHFIKKFNSGGVMASQEIVSATVRLQTDPV
EYLLEQLNNLTETVSPNTDVRTYSGKRNGASDDLMVAVIMAIYLAAQAGPPHT
;
A
2 'polypeptide(L)'
;AAPVSEPTVARQKLLALLGQVQTYVFQIELLRRCDPHIGRGKLPQLKLNALQVRALRRRLRPGLEAQAGAFLTPLSVTLE
LLLEYAWREGERLLGSLETFATAGDVAAFFTETMGLARPCPYHQRVRLDTYGGTVHMELCFLHDVENFLKQLNYCHLITP
SRGATAALERVREFMVGAVGSGLIVPPELSDPSHPCAVCFEELCVTANQGATIASRLADRICNHVTQQAQVRLDANELRR
YLPHAAGLSDADRARALSVLDHALARTAGGDGQPHPSPENDSVRKEADALLEAHDVFQATTPGLYAISELQFWLASGDRA
GQTTMDAFASNLTALARRELQQETAAVAVELALFGRRAEHFDRAFGSHLAALDMVDALIIGGQATSPDDQIEALIRACYD
HHLTTPLLRRLVSPEQCDEEALRRVLARMGAGGAADAPKGGAGPDDDGDRVAVEEGARGLGAPGGGGEDEDRRRGPGGQG
PETWGDIATQAAADVRERRRLYADRLTKRSLASLGRCVREQRGELEKMLRVSVHGEVLPATFAAVANGFAARARFCALTA
GAGTVIDNRSAPGVFDAHRFMRASLLRHQVDPALLPSITHRFFELVNGPLFDHSTHSFAQPPNTALYYSVENVGLLPHLK
EELARFIMGAGGSGADWAVSEFQRFYCFDGISGITPTQRAAWRYIRELIIATTLFASVYRCGELELRRPDCSRPTSEGRY
RYPPGVYLTYDSDCPLVAIVESAPDGCIGPRSVVVYDRDVFSILYSVLQHLAPR
;
B
3 'polypeptide(L)'
;TLRDTIPDCALRSQTLESLDARYVSRDGAHDAAVWFEDMTPAELEVVFPTTDAKLNYLSRTQRLASLLTYAGPIKAPDDA
AAPQTPDTACVHGELLARKRERFAAVINRFLDLHQILR
;
C
#
# COMPACT_ATOMS: atom_id res chain seq x y z
N THR A 1 -0.22 -22.17 -29.40
CA THR A 1 -1.57 -21.81 -29.80
C THR A 1 -2.57 -22.21 -28.73
N MET A 2 -2.33 -23.36 -28.10
CA MET A 2 -3.20 -23.87 -27.05
C MET A 2 -2.91 -23.26 -25.69
N GLY A 3 -1.88 -22.41 -25.58
CA GLY A 3 -1.54 -21.80 -24.31
C GLY A 3 -0.64 -22.66 -23.45
N GLY A 4 -0.87 -22.62 -22.13
CA GLY A 4 -0.08 -23.40 -21.20
C GLY A 4 -0.78 -24.69 -20.79
N ASP A 5 -0.15 -25.38 -19.84
CA ASP A 5 -0.65 -26.65 -19.36
C ASP A 5 -1.57 -26.52 -18.15
N ALA A 6 -1.87 -25.30 -17.73
CA ALA A 6 -2.67 -25.08 -16.53
C ALA A 6 -4.17 -25.07 -16.81
N LEU A 7 -4.59 -25.08 -18.07
CA LEU A 7 -6.00 -25.07 -18.45
C LEU A 7 -6.43 -26.38 -19.09
N ARG A 8 -5.67 -27.45 -18.89
CA ARG A 8 -5.97 -28.74 -19.50
C ARG A 8 -5.90 -29.89 -18.50
N VAL A 9 -5.77 -29.59 -17.21
CA VAL A 9 -5.50 -30.59 -16.18
C VAL A 9 -6.68 -31.54 -16.03
N PRO A 10 -6.43 -32.78 -15.60
CA PRO A 10 -7.54 -33.72 -15.37
C PRO A 10 -8.33 -33.42 -14.11
N PHE A 11 -9.25 -34.32 -13.75
CA PHE A 11 -10.20 -34.06 -12.67
C PHE A 11 -9.50 -33.93 -11.32
N LEU A 12 -8.79 -34.97 -10.88
CA LEU A 12 -8.23 -35.02 -9.53
C LEU A 12 -9.34 -34.90 -8.48
N ASP A 13 -10.20 -35.93 -8.48
CA ASP A 13 -11.37 -35.98 -7.61
C ASP A 13 -10.94 -36.46 -6.23
N PHE A 14 -10.38 -35.54 -5.44
CA PHE A 14 -9.82 -35.96 -4.17
C PHE A 14 -10.88 -36.46 -3.19
N ALA A 15 -11.65 -35.55 -2.61
CA ALA A 15 -12.62 -35.88 -1.57
C ALA A 15 -13.28 -34.61 -1.05
N THR A 16 -14.28 -34.76 -0.19
CA THR A 16 -14.80 -33.63 0.59
C THR A 16 -15.75 -34.18 1.66
N ALA A 17 -15.65 -33.62 2.86
CA ALA A 17 -16.57 -33.96 3.93
C ALA A 17 -17.60 -32.88 4.17
N THR A 18 -17.52 -31.76 3.47
CA THR A 18 -18.44 -30.65 3.64
C THR A 18 -19.72 -30.90 2.84
N PRO A 19 -20.86 -30.48 3.36
CA PRO A 19 -22.11 -30.64 2.61
C PRO A 19 -22.11 -29.74 1.37
N LYS A 20 -22.83 -30.18 0.34
CA LYS A 20 -22.91 -29.40 -0.89
C LYS A 20 -23.50 -28.03 -0.66
N ARG A 21 -24.20 -27.82 0.45
CA ARG A 21 -24.72 -26.50 0.79
C ARG A 21 -23.61 -25.49 1.01
N HIS A 22 -22.37 -25.94 1.22
CA HIS A 22 -21.25 -25.06 1.51
C HIS A 22 -20.17 -25.05 0.44
N GLN A 23 -19.93 -26.19 -0.21
CA GLN A 23 -18.75 -26.31 -1.06
C GLN A 23 -18.84 -25.41 -2.28
N THR A 24 -17.70 -24.85 -2.67
CA THR A 24 -17.57 -24.02 -3.86
C THR A 24 -16.58 -24.67 -4.81
N VAL A 25 -16.54 -24.17 -6.04
CA VAL A 25 -15.71 -24.72 -7.09
C VAL A 25 -14.71 -23.66 -7.52
N VAL A 26 -13.44 -23.85 -7.17
CA VAL A 26 -12.38 -22.98 -7.65
C VAL A 26 -11.87 -23.56 -8.96
N PRO A 27 -11.75 -22.76 -10.03
CA PRO A 27 -11.35 -23.31 -11.32
C PRO A 27 -9.90 -23.77 -11.30
N GLY A 28 -9.65 -24.89 -11.98
CA GLY A 28 -8.35 -25.52 -12.00
C GLY A 28 -8.14 -26.53 -10.90
N VAL A 29 -8.86 -26.40 -9.79
CA VAL A 29 -8.80 -27.35 -8.69
C VAL A 29 -10.20 -27.93 -8.54
N GLY A 30 -10.39 -28.87 -7.62
CA GLY A 30 -11.69 -29.49 -7.45
C GLY A 30 -12.69 -28.60 -6.72
N THR A 31 -13.54 -29.21 -5.89
CA THR A 31 -14.58 -28.51 -5.15
C THR A 31 -14.19 -28.48 -3.68
N LEU A 32 -13.91 -27.29 -3.17
CA LEU A 32 -13.45 -27.11 -1.79
C LEU A 32 -14.48 -26.36 -0.97
N HIS A 33 -14.22 -26.30 0.34
CA HIS A 33 -15.10 -25.63 1.27
C HIS A 33 -15.25 -24.16 0.91
N ASP A 34 -16.32 -23.54 1.42
CA ASP A 34 -16.60 -22.14 1.10
C ASP A 34 -15.58 -21.21 1.73
N CYS A 35 -15.00 -21.59 2.87
CA CYS A 35 -14.03 -20.75 3.55
C CYS A 35 -12.77 -20.51 2.74
N CYS A 36 -12.56 -21.27 1.66
CA CYS A 36 -11.42 -21.04 0.78
C CYS A 36 -11.66 -19.92 -0.22
N GLU A 37 -12.76 -19.16 -0.08
CA GLU A 37 -13.02 -18.04 -0.96
C GLU A 37 -12.89 -16.69 -0.26
N HIS A 38 -13.06 -16.67 1.06
CA HIS A 38 -12.83 -15.47 1.85
C HIS A 38 -11.39 -15.35 2.32
N SER A 39 -10.53 -16.31 1.97
CA SER A 39 -9.12 -16.27 2.33
C SER A 39 -8.31 -15.92 1.10
N PRO A 40 -7.83 -14.69 0.96
CA PRO A 40 -7.08 -14.33 -0.26
C PRO A 40 -5.78 -15.09 -0.41
N LEU A 41 -5.19 -15.57 0.69
CA LEU A 41 -3.95 -16.33 0.59
C LEU A 41 -4.10 -17.58 -0.27
N PHE A 42 -5.32 -18.05 -0.49
CA PHE A 42 -5.57 -19.19 -1.36
C PHE A 42 -6.29 -18.80 -2.64
N SER A 43 -7.32 -17.95 -2.56
CA SER A 43 -8.03 -17.54 -3.75
C SER A 43 -7.24 -16.57 -4.61
N ALA A 44 -6.03 -16.20 -4.19
CA ALA A 44 -5.14 -15.40 -5.02
C ALA A 44 -3.97 -16.19 -5.55
N VAL A 45 -3.75 -17.40 -5.04
CA VAL A 45 -2.75 -18.31 -5.58
C VAL A 45 -3.38 -19.29 -6.56
N ALA A 46 -4.56 -19.80 -6.23
CA ALA A 46 -5.24 -20.75 -7.13
C ALA A 46 -5.81 -20.06 -8.36
N ARG A 47 -5.88 -18.73 -8.37
CA ARG A 47 -6.39 -18.00 -9.51
C ARG A 47 -5.26 -17.42 -10.37
N ARG A 48 -4.12 -17.12 -9.76
CA ARG A 48 -3.00 -16.59 -10.53
C ARG A 48 -2.32 -17.68 -11.35
N LEU A 49 -2.26 -18.90 -10.80
CA LEU A 49 -1.67 -20.01 -11.54
C LEU A 49 -2.52 -20.43 -12.74
N LEU A 50 -3.76 -19.94 -12.84
CA LEU A 50 -4.57 -20.19 -14.02
C LEU A 50 -4.27 -19.19 -15.12
N PHE A 51 -4.41 -17.89 -14.81
CA PHE A 51 -4.11 -16.85 -15.78
C PHE A 51 -2.64 -16.79 -16.15
N ASN A 52 -1.77 -17.45 -15.38
CA ASN A 52 -0.38 -17.58 -15.82
C ASN A 52 -0.23 -18.55 -16.98
N SER A 53 -1.34 -19.12 -17.48
CA SER A 53 -1.33 -19.93 -18.68
C SER A 53 -1.73 -19.13 -19.91
N LEU A 54 -2.69 -18.21 -19.76
CA LEU A 54 -3.08 -17.36 -20.87
C LEU A 54 -1.96 -16.43 -21.29
N VAL A 55 -1.14 -15.98 -20.34
CA VAL A 55 -0.02 -15.07 -20.63
C VAL A 55 0.98 -15.78 -21.54
N PRO A 56 1.28 -15.24 -22.72
CA PRO A 56 2.24 -15.89 -23.61
C PRO A 56 3.64 -15.88 -23.02
N ALA A 57 4.54 -16.58 -23.71
CA ALA A 57 5.92 -16.66 -23.24
C ALA A 57 6.70 -15.39 -23.48
N GLN A 58 6.26 -14.53 -24.40
CA GLN A 58 6.92 -13.27 -24.68
C GLN A 58 6.55 -12.19 -23.67
N LEU A 59 5.80 -12.53 -22.62
CA LEU A 59 5.37 -11.56 -21.63
C LEU A 59 5.69 -11.99 -20.20
N LYS A 60 6.33 -13.14 -20.00
CA LYS A 60 6.74 -13.51 -18.65
C LYS A 60 7.86 -12.61 -18.15
N GLY A 61 8.74 -12.18 -19.05
CA GLY A 61 9.84 -11.32 -18.66
C GLY A 61 11.01 -11.50 -19.61
N ARG A 62 12.22 -11.42 -19.03
CA ARG A 62 13.45 -11.61 -19.78
C ARG A 62 14.32 -12.74 -19.26
N ASP A 63 14.33 -12.98 -17.95
CA ASP A 63 14.99 -14.15 -17.35
C ASP A 63 14.02 -14.71 -16.31
N PHE A 64 13.16 -15.63 -16.76
CA PHE A 64 12.08 -16.14 -15.94
C PHE A 64 12.10 -17.66 -15.84
N GLY A 65 13.18 -18.31 -16.24
CA GLY A 65 13.12 -19.75 -16.42
C GLY A 65 12.74 -20.12 -17.83
N GLY A 66 13.34 -21.20 -18.32
CA GLY A 66 13.20 -21.55 -19.73
C GLY A 66 11.79 -21.95 -20.10
N ASP A 67 11.15 -22.78 -19.28
CA ASP A 67 9.90 -23.40 -19.67
C ASP A 67 8.67 -22.81 -18.99
N HIS A 68 8.82 -22.14 -17.86
CA HIS A 68 7.67 -21.66 -17.10
C HIS A 68 8.05 -20.40 -16.35
N THR A 69 7.03 -19.72 -15.83
CA THR A 69 7.25 -18.58 -14.96
C THR A 69 7.69 -19.08 -13.59
N ALA A 70 8.99 -19.30 -13.42
CA ALA A 70 9.50 -19.94 -12.21
C ALA A 70 9.07 -19.19 -10.95
N LYS A 71 8.88 -17.88 -11.04
CA LYS A 71 8.55 -17.11 -9.85
C LYS A 71 7.13 -17.36 -9.36
N LEU A 72 6.30 -18.05 -10.14
CA LEU A 72 4.95 -18.42 -9.73
C LEU A 72 4.75 -19.93 -9.67
N GLU A 73 5.10 -20.64 -10.74
CA GLU A 73 4.83 -22.07 -10.86
C GLU A 73 6.16 -22.82 -10.94
N PHE A 74 6.71 -23.16 -9.78
CA PHE A 74 7.92 -23.95 -9.73
C PHE A 74 7.88 -24.85 -8.49
N LEU A 75 8.11 -26.14 -8.71
CA LEU A 75 8.23 -27.10 -7.62
C LEU A 75 9.53 -27.86 -7.78
N ALA A 76 10.33 -27.90 -6.72
CA ALA A 76 11.60 -28.61 -6.75
C ALA A 76 11.37 -30.06 -7.16
N PRO A 77 12.35 -30.69 -7.82
CA PRO A 77 12.16 -32.08 -8.23
C PRO A 77 11.93 -33.02 -7.06
N GLU A 78 12.58 -32.77 -5.92
CA GLU A 78 12.32 -33.58 -4.74
C GLU A 78 10.87 -33.44 -4.28
N LEU A 79 10.35 -32.22 -4.28
CA LEU A 79 8.96 -32.02 -3.87
C LEU A 79 7.99 -32.63 -4.86
N VAL A 80 8.33 -32.63 -6.15
CA VAL A 80 7.46 -33.26 -7.13
C VAL A 80 7.45 -34.76 -6.96
N ARG A 81 8.62 -35.36 -6.70
CA ARG A 81 8.69 -36.79 -6.45
C ARG A 81 8.07 -37.17 -5.11
N ALA A 82 7.99 -36.23 -4.16
CA ALA A 82 7.37 -36.50 -2.88
C ALA A 82 5.85 -36.39 -2.93
N VAL A 83 5.33 -35.36 -3.58
CA VAL A 83 3.89 -35.23 -3.72
C VAL A 83 3.33 -36.19 -4.76
N ALA A 84 4.20 -36.81 -5.56
CA ALA A 84 3.72 -37.79 -6.54
C ALA A 84 3.14 -39.02 -5.85
N ARG A 85 3.82 -39.52 -4.81
CA ARG A 85 3.33 -40.65 -4.04
C ARG A 85 2.37 -40.23 -2.95
N LEU A 86 1.78 -39.04 -3.07
CA LEU A 86 0.68 -38.62 -2.22
C LEU A 86 -0.63 -38.87 -2.96
N ARG A 87 -1.54 -39.61 -2.32
CA ARG A 87 -2.79 -40.02 -2.95
C ARG A 87 -3.94 -39.60 -2.05
N PHE A 88 -4.83 -38.76 -2.57
CA PHE A 88 -6.03 -38.40 -1.85
C PHE A 88 -6.99 -39.58 -1.80
N LYS A 89 -8.16 -39.36 -1.20
CA LYS A 89 -9.22 -40.34 -1.26
C LYS A 89 -9.82 -40.38 -2.67
N GLU A 90 -10.87 -41.17 -2.82
CA GLU A 90 -11.62 -41.22 -4.07
C GLU A 90 -13.06 -40.83 -3.80
N CYS A 91 -13.59 -39.92 -4.61
CA CYS A 91 -14.94 -39.42 -4.40
C CYS A 91 -15.96 -40.54 -4.56
N ALA A 92 -17.02 -40.48 -3.77
CA ALA A 92 -18.10 -41.44 -3.90
C ALA A 92 -18.73 -41.34 -5.28
N PRO A 93 -19.26 -42.43 -5.82
CA PRO A 93 -19.85 -42.36 -7.18
C PRO A 93 -20.96 -41.33 -7.31
N ALA A 94 -21.98 -41.42 -6.46
CA ALA A 94 -23.07 -40.47 -6.50
C ALA A 94 -22.59 -39.04 -6.31
N ASP A 95 -21.40 -38.84 -5.76
CA ASP A 95 -20.84 -37.51 -5.61
C ASP A 95 -19.86 -37.15 -6.72
N VAL A 96 -19.25 -38.15 -7.37
CA VAL A 96 -18.31 -37.81 -8.44
C VAL A 96 -19.06 -37.52 -9.73
N VAL A 97 -20.27 -38.06 -9.90
CA VAL A 97 -21.06 -37.74 -11.09
C VAL A 97 -21.28 -36.24 -11.27
N PRO A 98 -21.74 -35.49 -10.25
CA PRO A 98 -21.94 -34.04 -10.47
C PRO A 98 -20.69 -33.22 -10.23
N GLN A 99 -19.73 -33.74 -9.46
CA GLN A 99 -18.52 -33.00 -9.18
C GLN A 99 -17.70 -32.80 -10.45
N ARG A 100 -17.57 -33.84 -11.26
CA ARG A 100 -16.82 -33.70 -12.51
C ARG A 100 -17.51 -32.73 -13.45
N ASN A 101 -18.84 -32.75 -13.48
CA ASN A 101 -19.58 -31.80 -14.31
C ASN A 101 -19.31 -30.36 -13.86
N ALA A 102 -19.43 -30.10 -12.56
CA ALA A 102 -19.15 -28.76 -12.05
C ALA A 102 -17.72 -28.34 -12.36
N TYR A 103 -16.76 -29.25 -12.20
CA TYR A 103 -15.37 -28.90 -12.42
C TYR A 103 -15.10 -28.57 -13.89
N TYR A 104 -15.46 -29.47 -14.79
CA TYR A 104 -15.21 -29.25 -16.21
C TYR A 104 -16.08 -28.16 -16.81
N SER A 105 -17.13 -27.74 -16.12
CA SER A 105 -17.94 -26.62 -16.60
C SER A 105 -17.47 -25.28 -16.09
N VAL A 106 -16.98 -25.20 -14.84
CA VAL A 106 -16.44 -23.94 -14.36
C VAL A 106 -15.11 -23.63 -15.04
N LEU A 107 -14.49 -24.61 -15.69
CA LEU A 107 -13.26 -24.39 -16.44
C LEU A 107 -13.53 -24.05 -17.90
N ASN A 108 -14.71 -24.39 -18.42
CA ASN A 108 -15.04 -24.11 -19.81
C ASN A 108 -15.01 -22.61 -20.11
N THR A 109 -15.40 -21.78 -19.14
CA THR A 109 -15.38 -20.34 -19.37
C THR A 109 -13.98 -19.77 -19.46
N PHE A 110 -12.94 -20.59 -19.32
CA PHE A 110 -11.56 -20.18 -19.55
C PHE A 110 -11.03 -20.70 -20.87
N GLN A 111 -11.31 -21.96 -21.19
CA GLN A 111 -10.99 -22.51 -22.49
C GLN A 111 -11.89 -21.90 -23.57
N ALA A 112 -12.82 -21.04 -23.15
CA ALA A 112 -13.64 -20.28 -24.08
C ALA A 112 -13.14 -18.86 -24.28
N LEU A 113 -12.46 -18.30 -23.28
CA LEU A 113 -11.82 -17.00 -23.44
C LEU A 113 -10.54 -17.12 -24.26
N HIS A 114 -9.86 -18.25 -24.17
CA HIS A 114 -8.64 -18.50 -24.93
C HIS A 114 -8.90 -18.67 -26.42
N ARG A 115 -10.16 -18.69 -26.84
CA ARG A 115 -10.51 -18.86 -28.25
C ARG A 115 -11.11 -17.62 -28.87
N SER A 116 -11.93 -16.87 -28.13
CA SER A 116 -12.63 -15.73 -28.68
C SER A 116 -11.63 -14.73 -29.27
N GLU A 117 -11.86 -14.36 -30.53
CA GLU A 117 -10.98 -13.42 -31.21
C GLU A 117 -11.00 -12.04 -30.56
N ALA A 118 -12.07 -11.71 -29.82
CA ALA A 118 -12.09 -10.43 -29.13
C ALA A 118 -11.00 -10.35 -28.07
N PHE A 119 -10.68 -11.48 -27.44
CA PHE A 119 -9.59 -11.52 -26.47
C PHE A 119 -8.25 -11.78 -27.15
N ARG A 120 -8.26 -12.55 -28.24
CA ARG A 120 -7.04 -12.75 -29.00
C ARG A 120 -6.52 -11.44 -29.57
N GLN A 121 -7.41 -10.49 -29.85
CA GLN A 121 -6.97 -9.17 -30.29
C GLN A 121 -6.11 -8.50 -29.23
N LEU A 122 -6.58 -8.51 -27.97
CA LEU A 122 -5.82 -7.93 -26.88
C LEU A 122 -4.51 -8.67 -26.66
N VAL A 123 -4.55 -10.00 -26.67
CA VAL A 123 -3.32 -10.78 -26.48
C VAL A 123 -2.32 -10.46 -27.57
N HIS A 124 -2.77 -10.38 -28.82
CA HIS A 124 -1.87 -10.05 -29.91
C HIS A 124 -1.31 -8.65 -29.77
N PHE A 125 -2.16 -7.69 -29.40
CA PHE A 125 -1.68 -6.32 -29.21
C PHE A 125 -0.56 -6.26 -28.19
N VAL A 126 -0.78 -6.86 -27.01
CA VAL A 126 0.22 -6.76 -25.95
C VAL A 126 1.47 -7.55 -26.31
N ARG A 127 1.32 -8.74 -26.89
CA ARG A 127 2.48 -9.55 -27.22
C ARG A 127 3.31 -8.91 -28.32
N ASP A 128 2.68 -8.35 -29.35
CA ASP A 128 3.42 -7.65 -30.39
C ASP A 128 4.10 -6.40 -29.84
N PHE A 129 3.42 -5.66 -28.97
CA PHE A 129 4.06 -4.50 -28.35
C PHE A 129 5.32 -4.91 -27.60
N ALA A 130 5.23 -5.98 -26.80
CA ALA A 130 6.39 -6.42 -26.03
C ALA A 130 7.51 -6.89 -26.95
N GLN A 131 7.20 -7.80 -27.88
CA GLN A 131 8.22 -8.35 -28.76
C GLN A 131 8.83 -7.30 -29.69
N LEU A 132 8.09 -6.23 -30.00
CA LEU A 132 8.57 -5.20 -30.89
C LEU A 132 9.27 -4.07 -30.15
N LEU A 133 9.06 -3.97 -28.83
CA LEU A 133 9.86 -3.07 -28.01
C LEU A 133 11.11 -3.74 -27.47
N LYS A 134 11.15 -5.07 -27.44
CA LYS A 134 12.37 -5.80 -27.04
C LYS A 134 13.60 -5.19 -27.70
N THR A 135 13.62 -5.16 -29.03
CA THR A 135 14.49 -4.24 -29.74
C THR A 135 13.79 -2.90 -29.84
N SER A 136 14.44 -1.86 -29.31
CA SER A 136 13.79 -0.56 -29.17
C SER A 136 13.16 -0.12 -30.49
N PHE A 137 12.11 0.70 -30.38
CA PHE A 137 11.25 1.02 -31.51
C PHE A 137 12.05 1.51 -32.71
N ARG A 138 12.07 0.72 -33.77
CA ARG A 138 12.90 0.98 -34.93
C ARG A 138 12.18 0.42 -36.15
N ALA A 139 12.91 0.25 -37.26
CA ALA A 139 12.36 -0.27 -38.50
C ALA A 139 12.53 -1.79 -38.63
N SER A 140 12.42 -2.52 -37.52
CA SER A 140 12.59 -3.97 -37.54
C SER A 140 11.46 -4.63 -38.34
N SER A 141 11.63 -5.93 -38.59
CA SER A 141 10.71 -6.68 -39.42
C SER A 141 9.65 -7.44 -38.64
N LEU A 142 9.85 -7.64 -37.34
CA LEU A 142 8.93 -8.39 -36.48
C LEU A 142 8.75 -9.82 -37.01
N THR A 143 9.85 -10.56 -36.99
CA THR A 143 9.84 -11.96 -37.42
C THR A 143 10.72 -12.82 -36.50
N GLY A 161 26.30 -3.57 -21.32
CA GLY A 161 25.65 -3.81 -22.60
C GLY A 161 24.16 -4.03 -22.49
N ARG A 162 23.39 -3.07 -22.98
CA ARG A 162 21.93 -3.14 -22.94
C ARG A 162 21.40 -3.30 -24.36
N THR A 163 20.58 -4.33 -24.56
CA THR A 163 19.98 -4.61 -25.86
C THR A 163 18.47 -4.55 -25.84
N TYR A 164 17.85 -4.27 -24.70
CA TYR A 164 16.39 -4.27 -24.57
C TYR A 164 15.91 -2.89 -24.16
N GLY A 165 14.93 -2.36 -24.90
CA GLY A 165 14.41 -1.04 -24.62
C GLY A 165 13.54 -1.00 -23.38
N THR A 166 13.44 0.19 -22.81
CA THR A 166 12.74 0.41 -21.55
C THR A 166 11.68 1.49 -21.69
N LEU A 167 10.49 1.19 -21.19
CA LEU A 167 9.43 2.19 -21.07
C LEU A 167 9.61 2.93 -19.75
N GLU A 168 9.69 4.25 -19.83
CA GLU A 168 9.74 5.06 -18.61
C GLU A 168 8.37 5.01 -17.95
N LEU A 169 8.21 5.72 -16.84
CA LEU A 169 6.99 5.56 -16.03
C LEU A 169 5.76 6.03 -16.80
N PHE A 170 5.80 7.24 -17.37
CA PHE A 170 4.64 7.74 -18.08
C PHE A 170 4.40 6.98 -19.38
N GLN A 171 5.47 6.53 -20.03
CA GLN A 171 5.33 5.69 -21.21
C GLN A 171 4.66 4.36 -20.91
N LYS A 172 4.55 3.99 -19.63
CA LYS A 172 3.80 2.82 -19.21
C LYS A 172 2.42 3.16 -18.70
N MET A 173 2.27 4.30 -18.03
CA MET A 173 0.94 4.75 -17.60
C MET A 173 0.04 5.03 -18.80
N ILE A 174 0.60 5.60 -19.88
CA ILE A 174 -0.19 5.85 -21.07
C ILE A 174 -0.62 4.54 -21.71
N LEU A 175 0.29 3.57 -21.79
CA LEU A 175 -0.05 2.27 -22.35
C LEU A 175 -1.12 1.58 -21.53
N MET A 176 -1.06 1.72 -20.20
CA MET A 176 -2.09 1.11 -19.35
C MET A 176 -3.43 1.80 -19.55
N HIS A 177 -3.43 3.14 -19.56
CA HIS A 177 -4.66 3.89 -19.79
C HIS A 177 -5.31 3.51 -21.12
N ALA A 178 -4.49 3.24 -22.14
CA ALA A 178 -5.05 2.85 -23.43
C ALA A 178 -5.56 1.41 -23.39
N THR A 179 -4.74 0.49 -22.87
CA THR A 179 -5.05 -0.93 -22.97
C THR A 179 -6.24 -1.32 -22.09
N TYR A 180 -6.29 -0.82 -20.85
CA TYR A 180 -7.39 -1.17 -19.98
C TYR A 180 -8.71 -0.66 -20.53
N PHE A 181 -8.71 0.54 -21.11
CA PHE A 181 -9.93 1.09 -21.68
C PHE A 181 -10.34 0.31 -22.92
N LEU A 182 -9.40 0.01 -23.81
CA LEU A 182 -9.73 -0.76 -25.00
C LEU A 182 -10.24 -2.15 -24.64
N ALA A 183 -9.72 -2.75 -23.57
CA ALA A 183 -10.20 -4.05 -23.14
C ALA A 183 -11.60 -3.95 -22.54
N ALA A 184 -11.82 -2.94 -21.68
CA ALA A 184 -13.15 -2.75 -21.10
C ALA A 184 -14.20 -2.40 -22.15
N VAL A 185 -13.78 -1.87 -23.30
CA VAL A 185 -14.72 -1.53 -24.35
C VAL A 185 -14.97 -2.69 -25.30
N LEU A 186 -13.91 -3.33 -25.80
CA LEU A 186 -14.11 -4.43 -26.74
C LEU A 186 -14.47 -5.73 -26.04
N LEU A 187 -14.18 -5.85 -24.75
CA LEU A 187 -14.54 -7.03 -23.96
C LEU A 187 -15.35 -6.57 -22.75
N GLY A 188 -16.67 -6.66 -22.86
CA GLY A 188 -17.54 -6.31 -21.75
C GLY A 188 -18.05 -7.52 -21.02
N ASP A 189 -18.24 -8.63 -21.75
CA ASP A 189 -18.72 -9.87 -21.15
C ASP A 189 -17.66 -10.60 -20.35
N HIS A 190 -16.42 -10.10 -20.34
CA HIS A 190 -15.32 -10.71 -19.60
C HIS A 190 -14.57 -9.65 -18.81
N ALA A 191 -15.31 -8.79 -18.11
CA ALA A 191 -14.70 -7.73 -17.31
C ALA A 191 -14.04 -8.26 -16.05
N GLU A 192 -14.00 -9.57 -15.83
CA GLU A 192 -13.35 -10.17 -14.68
C GLU A 192 -12.16 -11.04 -15.06
N GLN A 193 -12.28 -11.83 -16.13
CA GLN A 193 -11.16 -12.62 -16.62
C GLN A 193 -10.11 -11.77 -17.34
N VAL A 194 -10.42 -10.51 -17.60
CA VAL A 194 -9.48 -9.65 -18.33
C VAL A 194 -8.69 -8.75 -17.39
N ASN A 195 -9.30 -8.28 -16.31
CA ASN A 195 -8.58 -7.47 -15.34
C ASN A 195 -7.42 -8.27 -14.73
N THR A 196 -7.71 -9.48 -14.25
CA THR A 196 -6.71 -10.32 -13.63
C THR A 196 -5.85 -11.06 -14.66
N PHE A 197 -5.93 -10.68 -15.93
CA PHE A 197 -4.94 -11.05 -16.93
C PHE A 197 -4.06 -9.89 -17.32
N LEU A 198 -4.64 -8.70 -17.49
CA LEU A 198 -3.84 -7.50 -17.69
C LEU A 198 -2.98 -7.20 -16.47
N ARG A 199 -3.42 -7.63 -15.28
CA ARG A 199 -2.56 -7.52 -14.10
C ARG A 199 -1.29 -8.34 -14.28
N LEU A 200 -1.42 -9.60 -14.70
CA LEU A 200 -0.26 -10.44 -14.90
C LEU A 200 0.58 -9.97 -16.06
N VAL A 201 -0.04 -9.37 -17.08
CA VAL A 201 0.72 -8.99 -18.27
C VAL A 201 1.51 -7.71 -18.05
N PHE A 202 1.06 -6.85 -17.16
CA PHE A 202 1.82 -5.65 -16.80
C PHE A 202 2.71 -5.86 -15.60
N GLU A 203 2.82 -7.10 -15.10
CA GLU A 203 3.51 -7.41 -13.86
C GLU A 203 3.09 -6.46 -12.76
N ILE A 204 1.77 -6.39 -12.55
CA ILE A 204 1.19 -5.47 -11.60
C ILE A 204 0.13 -6.19 -10.75
N PRO A 205 0.42 -7.38 -10.19
CA PRO A 205 -0.58 -8.03 -9.34
C PRO A 205 -0.62 -7.38 -7.98
N LEU A 206 -1.36 -7.97 -7.04
CA LEU A 206 -1.48 -7.44 -5.68
C LEU A 206 -2.08 -6.04 -5.68
N PHE A 207 -2.72 -5.67 -6.79
CA PHE A 207 -3.21 -4.31 -7.02
C PHE A 207 -4.72 -4.31 -6.84
N SER A 208 -5.19 -3.62 -5.80
CA SER A 208 -6.61 -3.57 -5.50
C SER A 208 -7.41 -3.11 -6.71
N ASP A 209 -8.65 -3.58 -6.81
CA ASP A 209 -9.48 -3.29 -7.97
C ASP A 209 -9.75 -1.80 -8.15
N ALA A 210 -9.57 -1.00 -7.10
CA ALA A 210 -9.77 0.44 -7.24
C ALA A 210 -8.68 1.06 -8.10
N ALA A 211 -7.42 0.78 -7.76
CA ALA A 211 -6.30 1.36 -8.49
C ALA A 211 -6.09 0.75 -9.86
N VAL A 212 -6.92 -0.22 -10.25
CA VAL A 212 -6.92 -0.74 -11.61
C VAL A 212 -8.14 -0.25 -12.39
N ARG A 213 -9.29 -0.20 -11.74
CA ARG A 213 -10.45 0.49 -12.31
C ARG A 213 -10.16 1.95 -12.59
N HIS A 214 -9.17 2.53 -11.90
CA HIS A 214 -8.75 3.90 -12.21
C HIS A 214 -8.36 4.05 -13.67
N PHE A 215 -7.83 2.99 -14.29
CA PHE A 215 -7.46 3.05 -15.69
C PHE A 215 -8.67 2.91 -16.62
N ARG A 216 -9.83 2.53 -16.10
CA ARG A 216 -11.03 2.41 -16.91
C ARG A 216 -11.67 3.76 -17.21
N GLN A 217 -11.28 4.81 -16.49
CA GLN A 217 -11.90 6.11 -16.67
C GLN A 217 -11.43 6.76 -17.97
N ARG A 218 -12.10 7.84 -18.33
CA ARG A 218 -11.83 8.58 -19.55
C ARG A 218 -11.21 9.93 -19.24
N ALA A 219 -10.55 10.50 -20.25
CA ALA A 219 -10.04 11.87 -20.22
C ALA A 219 -9.01 12.05 -19.09
N THR A 220 -7.90 11.35 -19.22
CA THR A 220 -6.80 11.41 -18.25
C THR A 220 -5.62 12.17 -18.85
N VAL A 221 -5.41 13.39 -18.40
CA VAL A 221 -4.44 14.31 -18.99
C VAL A 221 -3.03 13.96 -18.56
N PHE A 222 -2.08 14.09 -19.48
CA PHE A 222 -0.66 13.83 -19.21
C PHE A 222 0.14 15.09 -19.49
N LEU A 223 0.98 15.50 -18.52
CA LEU A 223 1.87 16.64 -18.67
C LEU A 223 3.30 16.13 -18.62
N VAL A 224 4.01 16.26 -19.74
CA VAL A 224 5.30 15.60 -19.97
C VAL A 224 6.39 16.65 -20.15
N PRO A 225 7.63 16.38 -19.70
CA PRO A 225 8.72 17.34 -19.94
C PRO A 225 9.16 17.39 -21.40
N ARG A 226 10.26 18.09 -21.67
CA ARG A 226 10.62 18.55 -23.01
C ARG A 226 10.45 17.50 -24.11
N ARG A 227 11.23 16.41 -24.07
CA ARG A 227 11.08 15.38 -25.09
C ARG A 227 10.65 14.04 -24.51
N HIS A 228 11.45 13.45 -23.62
CA HIS A 228 11.15 12.18 -22.97
C HIS A 228 10.53 11.14 -23.89
N GLY A 229 10.93 11.13 -25.16
CA GLY A 229 10.30 10.25 -26.13
C GLY A 229 8.80 10.45 -26.24
N LYS A 230 8.34 11.69 -26.12
CA LYS A 230 6.91 12.00 -26.21
C LYS A 230 6.30 11.45 -27.49
N THR A 231 6.81 11.93 -28.63
CA THR A 231 6.29 11.48 -29.92
C THR A 231 6.79 10.09 -30.29
N TRP A 232 8.02 9.75 -29.92
CA TRP A 232 8.61 8.48 -30.30
C TRP A 232 7.80 7.29 -29.81
N PHE A 233 6.96 7.47 -28.79
CA PHE A 233 6.20 6.37 -28.21
C PHE A 233 4.80 6.24 -28.76
N LEU A 234 4.18 7.35 -29.18
CA LEU A 234 2.78 7.29 -29.59
C LEU A 234 2.60 6.67 -30.96
N VAL A 235 3.60 6.78 -31.84
CA VAL A 235 3.47 6.21 -33.18
C VAL A 235 3.48 4.69 -33.11
N PRO A 236 4.34 4.03 -32.31
CA PRO A 236 4.22 2.57 -32.19
C PRO A 236 2.95 2.16 -31.48
N LEU A 237 2.54 2.94 -30.48
CA LEU A 237 1.27 2.70 -29.81
C LEU A 237 0.13 2.63 -30.82
N ILE A 238 0.07 3.62 -31.72
CA ILE A 238 -0.99 3.66 -32.71
C ILE A 238 -0.84 2.53 -33.72
N ALA A 239 0.38 2.34 -34.22
CA ALA A 239 0.63 1.30 -35.22
C ALA A 239 0.21 -0.07 -34.72
N LEU A 240 0.38 -0.34 -33.42
CA LEU A 240 -0.02 -1.63 -32.87
C LEU A 240 -1.48 -1.65 -32.40
N SER A 241 -2.04 -0.52 -31.99
CA SER A 241 -3.44 -0.47 -31.61
C SER A 241 -4.37 -0.42 -32.82
N LEU A 242 -3.82 -0.26 -34.02
CA LEU A 242 -4.62 -0.31 -35.24
C LEU A 242 -4.59 -1.70 -35.87
N ALA A 243 -3.41 -2.24 -36.12
CA ALA A 243 -3.26 -3.52 -36.79
C ALA A 243 -3.54 -4.71 -35.87
N SER A 244 -4.06 -4.48 -34.68
CA SER A 244 -4.42 -5.56 -33.76
C SER A 244 -5.91 -5.60 -33.47
N PHE A 245 -6.49 -4.48 -33.07
CA PHE A 245 -7.93 -4.41 -32.83
C PHE A 245 -8.65 -4.11 -34.15
N ARG A 246 -9.96 -4.35 -34.17
CA ARG A 246 -10.77 -4.19 -35.36
C ARG A 246 -12.05 -3.45 -35.01
N GLY A 247 -12.16 -2.21 -35.46
CA GLY A 247 -13.38 -1.45 -35.26
C GLY A 247 -13.23 -0.21 -34.40
N ILE A 248 -12.04 0.39 -34.40
CA ILE A 248 -11.80 1.62 -33.66
C ILE A 248 -11.23 2.65 -34.63
N LYS A 249 -11.57 3.91 -34.39
CA LYS A 249 -11.09 5.02 -35.21
C LYS A 249 -10.44 6.07 -34.30
N ILE A 250 -9.14 5.91 -34.08
CA ILE A 250 -8.39 6.74 -33.14
C ILE A 250 -8.25 8.14 -33.76
N GLY A 251 -8.91 9.12 -33.16
CA GLY A 251 -8.70 10.50 -33.58
C GLY A 251 -7.39 11.03 -33.03
N TYR A 252 -6.63 11.71 -33.90
CA TYR A 252 -5.33 12.26 -33.51
C TYR A 252 -5.28 13.72 -33.93
N THR A 253 -5.66 14.61 -33.01
CA THR A 253 -5.48 16.03 -33.23
C THR A 253 -4.08 16.44 -32.79
N ALA A 254 -3.77 17.71 -33.00
CA ALA A 254 -2.43 18.23 -32.72
C ALA A 254 -2.51 19.76 -32.75
N HIS A 255 -1.34 20.39 -32.76
CA HIS A 255 -1.20 21.82 -33.01
C HIS A 255 -1.34 22.07 -34.50
N ILE A 256 -0.88 23.24 -34.97
CA ILE A 256 -0.92 23.59 -36.38
C ILE A 256 -0.50 22.40 -37.23
N ARG A 257 -1.28 22.10 -38.27
CA ARG A 257 -1.22 20.82 -38.96
C ARG A 257 0.13 20.57 -39.64
N LYS A 258 1.07 21.52 -39.57
CA LYS A 258 2.40 21.27 -40.07
C LYS A 258 3.13 20.22 -39.26
N ALA A 259 2.69 19.96 -38.03
CA ALA A 259 3.31 18.95 -37.17
C ALA A 259 2.63 17.59 -37.26
N THR A 260 1.46 17.51 -37.89
CA THR A 260 0.73 16.25 -37.98
C THR A 260 1.22 15.36 -39.11
N GLU A 261 1.62 15.94 -40.24
CA GLU A 261 2.21 15.16 -41.33
C GLU A 261 3.44 14.36 -40.89
N PRO A 262 4.34 14.87 -40.05
CA PRO A 262 5.37 13.97 -39.49
C PRO A 262 4.79 12.75 -38.81
N VAL A 263 3.68 12.90 -38.09
CA VAL A 263 3.03 11.74 -37.46
C VAL A 263 2.52 10.79 -38.53
N PHE A 264 1.90 11.33 -39.58
CA PHE A 264 1.53 10.54 -40.75
C PHE A 264 2.69 9.67 -41.19
N GLU A 265 3.83 10.30 -41.50
CA GLU A 265 4.94 9.57 -42.08
C GLU A 265 5.51 8.55 -41.11
N GLU A 266 5.69 8.92 -39.84
CA GLU A 266 6.28 7.97 -38.90
C GLU A 266 5.34 6.85 -38.52
N ILE A 267 4.03 7.02 -38.67
CA ILE A 267 3.11 5.92 -38.48
C ILE A 267 3.10 5.00 -39.70
N ASP A 268 3.06 5.56 -40.90
CA ASP A 268 2.90 4.75 -42.09
C ASP A 268 4.21 4.08 -42.52
N ALA A 269 5.35 4.63 -42.11
CA ALA A 269 6.61 4.00 -42.46
C ALA A 269 6.77 2.65 -41.77
N CYS A 270 6.49 2.60 -40.47
CA CYS A 270 6.56 1.33 -39.75
C CYS A 270 5.33 0.47 -40.01
N LEU A 271 4.15 1.09 -40.04
CA LEU A 271 2.92 0.35 -40.32
C LEU A 271 3.00 -0.34 -41.68
N ARG A 272 3.72 0.24 -42.63
CA ARG A 272 4.03 -0.44 -43.88
C ARG A 272 5.34 -1.20 -43.82
N GLY A 273 6.20 -0.88 -42.85
CA GLY A 273 7.46 -1.57 -42.70
C GLY A 273 7.31 -3.00 -42.24
N TRP A 274 6.82 -3.20 -41.01
CA TRP A 274 6.65 -4.53 -40.47
C TRP A 274 5.31 -5.17 -40.82
N PHE A 275 4.61 -4.64 -41.81
CA PHE A 275 3.38 -5.23 -42.30
C PHE A 275 3.33 -5.09 -43.82
N GLY A 276 2.24 -5.60 -44.41
CA GLY A 276 2.08 -5.53 -45.85
C GLY A 276 1.45 -4.22 -46.28
N SER A 277 1.97 -3.66 -47.37
CA SER A 277 1.48 -2.39 -47.88
C SER A 277 0.06 -2.48 -48.41
N ALA A 278 -0.39 -3.67 -48.79
CA ALA A 278 -1.74 -3.82 -49.33
C ALA A 278 -2.79 -3.44 -48.30
N ARG A 279 -2.56 -3.77 -47.03
CA ARG A 279 -3.50 -3.42 -45.97
C ARG A 279 -3.33 -1.98 -45.50
N VAL A 280 -2.25 -1.32 -45.89
CA VAL A 280 -2.02 0.07 -45.53
C VAL A 280 -2.79 0.95 -46.52
N ASP A 281 -3.93 1.48 -46.07
CA ASP A 281 -4.70 2.44 -46.85
C ASP A 281 -4.32 3.83 -46.34
N HIS A 282 -3.93 4.71 -47.25
CA HIS A 282 -3.39 6.01 -46.88
C HIS A 282 -3.87 7.07 -47.86
N VAL A 283 -4.46 8.14 -47.33
CA VAL A 283 -4.74 9.36 -48.09
C VAL A 283 -3.97 10.49 -47.42
N LYS A 284 -3.40 11.37 -48.24
CA LYS A 284 -2.53 12.42 -47.72
C LYS A 284 -3.33 13.45 -46.94
N GLY A 285 -2.79 13.85 -45.79
CA GLY A 285 -3.43 14.87 -44.97
C GLY A 285 -4.72 14.46 -44.31
N GLU A 286 -5.10 13.18 -44.39
CA GLU A 286 -6.37 12.73 -43.83
C GLU A 286 -6.21 11.28 -43.36
N THR A 287 -7.33 10.60 -43.18
CA THR A 287 -7.39 9.33 -42.45
C THR A 287 -6.42 8.30 -43.02
N ILE A 288 -5.98 7.41 -42.13
CA ILE A 288 -5.21 6.23 -42.50
C ILE A 288 -5.99 5.01 -42.00
N SER A 289 -5.98 3.94 -42.79
CA SER A 289 -6.83 2.80 -42.51
C SER A 289 -6.07 1.50 -42.70
N PHE A 290 -6.19 0.61 -41.73
CA PHE A 290 -5.65 -0.74 -41.82
C PHE A 290 -6.79 -1.72 -42.10
N SER A 291 -6.62 -2.54 -43.13
CA SER A 291 -7.60 -3.53 -43.53
C SER A 291 -7.15 -4.92 -43.10
N PHE A 292 -8.12 -5.78 -42.82
CA PHE A 292 -7.91 -7.12 -42.33
C PHE A 292 -8.43 -8.15 -43.32
N PRO A 293 -7.87 -9.36 -43.34
CA PRO A 293 -8.16 -10.29 -44.45
C PRO A 293 -9.60 -10.76 -44.54
N ASP A 294 -10.47 -10.39 -43.59
CA ASP A 294 -11.89 -10.78 -43.65
C ASP A 294 -12.75 -9.53 -43.43
N GLY A 295 -13.00 -8.81 -44.52
CA GLY A 295 -13.94 -7.69 -44.56
C GLY A 295 -13.96 -6.76 -43.36
N SER A 296 -12.81 -6.52 -42.75
CA SER A 296 -12.71 -5.68 -41.57
C SER A 296 -11.73 -4.54 -41.83
N ARG A 297 -11.96 -3.40 -41.18
CA ARG A 297 -11.08 -2.25 -41.35
C ARG A 297 -11.17 -1.37 -40.11
N SER A 298 -10.01 -0.99 -39.59
CA SER A 298 -9.91 -0.06 -38.47
C SER A 298 -9.03 1.10 -38.89
N THR A 299 -9.44 2.32 -38.53
CA THR A 299 -8.79 3.52 -39.04
C THR A 299 -8.30 4.40 -37.90
N ILE A 300 -7.55 5.44 -38.28
CA ILE A 300 -6.99 6.40 -37.34
C ILE A 300 -7.40 7.82 -37.75
N VAL A 301 -8.64 7.97 -38.21
CA VAL A 301 -9.11 9.20 -38.86
C VAL A 301 -8.61 10.44 -38.12
N PHE A 302 -8.00 11.36 -38.87
CA PHE A 302 -7.30 12.49 -38.29
C PHE A 302 -8.27 13.65 -38.12
N ALA A 303 -8.61 13.95 -36.87
CA ALA A 303 -9.40 15.13 -36.56
C ALA A 303 -8.57 16.41 -36.58
N SER A 304 -7.34 16.34 -37.09
CA SER A 304 -6.47 17.51 -37.13
C SER A 304 -7.01 18.60 -38.04
N SER A 305 -7.91 18.27 -38.96
CA SER A 305 -8.49 19.29 -39.83
C SER A 305 -9.26 20.33 -39.04
N HIS A 306 -9.86 19.94 -37.91
CA HIS A 306 -10.56 20.81 -36.98
C HIS A 306 -11.80 21.46 -37.60
N ASN A 307 -12.21 21.04 -38.80
CA ASN A 307 -13.38 21.61 -39.45
C ASN A 307 -14.54 20.63 -39.53
N THR A 308 -14.32 19.47 -40.14
CA THR A 308 -15.38 18.47 -40.33
C THR A 308 -14.76 17.09 -40.21
N ASN A 309 -15.54 16.07 -40.62
CA ASN A 309 -15.14 14.67 -40.64
C ASN A 309 -14.84 14.11 -39.25
N GLY A 310 -15.01 14.91 -38.20
CA GLY A 310 -14.76 14.45 -36.85
C GLY A 310 -15.89 14.75 -35.89
N ILE A 311 -16.83 15.60 -36.30
CA ILE A 311 -17.93 15.97 -35.42
C ILE A 311 -18.83 14.75 -35.15
N ARG A 312 -19.17 14.01 -36.20
CA ARG A 312 -19.95 12.79 -36.04
C ARG A 312 -19.05 11.67 -35.55
N GLY A 313 -19.27 11.21 -34.32
CA GLY A 313 -18.45 10.17 -33.75
C GLY A 313 -19.14 8.82 -33.73
N GLN A 314 -18.44 7.79 -34.20
CA GLN A 314 -18.98 6.44 -34.21
C GLN A 314 -18.21 5.50 -33.28
N ASP A 315 -16.90 5.35 -33.48
CA ASP A 315 -16.10 4.44 -32.66
C ASP A 315 -14.75 5.03 -32.30
N PHE A 316 -14.70 6.34 -32.03
CA PHE A 316 -13.41 7.00 -31.80
C PHE A 316 -12.69 6.43 -30.59
N ASN A 317 -13.25 6.69 -29.40
CA ASN A 317 -12.87 6.07 -28.14
C ASN A 317 -11.48 6.47 -27.63
N LEU A 318 -10.67 7.13 -28.44
CA LEU A 318 -9.32 7.50 -28.00
C LEU A 318 -9.04 8.99 -28.07
N LEU A 319 -9.23 9.63 -29.23
CA LEU A 319 -8.96 11.05 -29.40
C LEU A 319 -7.59 11.45 -28.83
N PHE A 320 -6.55 10.91 -29.47
CA PHE A 320 -5.18 11.16 -29.04
C PHE A 320 -4.79 12.61 -29.35
N VAL A 321 -5.18 13.51 -28.45
CA VAL A 321 -4.75 14.90 -28.55
C VAL A 321 -3.29 14.99 -28.16
N ASP A 322 -2.45 15.45 -29.09
CA ASP A 322 -1.01 15.40 -28.90
C ASP A 322 -0.49 16.48 -27.96
N GLU A 323 -0.73 17.75 -28.30
CA GLU A 323 -0.19 18.87 -27.53
C GLU A 323 -1.33 19.79 -27.13
N ALA A 324 -1.78 19.69 -25.87
CA ALA A 324 -2.81 20.56 -25.33
C ALA A 324 -2.23 21.69 -24.49
N ASN A 325 -0.93 21.93 -24.59
CA ASN A 325 -0.28 23.01 -23.85
C ASN A 325 -0.89 24.35 -24.26
N PHE A 326 -0.72 24.72 -25.52
CA PHE A 326 -1.46 25.83 -26.12
C PHE A 326 -2.48 25.23 -27.07
N ILE A 327 -3.75 25.19 -26.64
CA ILE A 327 -4.77 24.52 -27.44
C ILE A 327 -4.86 25.15 -28.81
N ARG A 328 -5.15 24.32 -29.81
CA ARG A 328 -5.26 24.81 -31.18
C ARG A 328 -6.39 25.83 -31.26
N PRO A 329 -6.20 26.92 -32.01
CA PRO A 329 -7.26 27.94 -32.13
C PRO A 329 -8.53 27.33 -32.71
N ASP A 330 -9.67 27.75 -32.15
CA ASP A 330 -11.01 27.34 -32.57
C ASP A 330 -11.13 25.83 -32.80
N ALA A 331 -10.37 25.05 -32.04
CA ALA A 331 -10.44 23.59 -32.10
C ALA A 331 -10.98 22.97 -30.83
N VAL A 332 -11.42 23.79 -29.87
CA VAL A 332 -11.96 23.24 -28.63
C VAL A 332 -13.41 22.82 -28.78
N GLN A 333 -14.10 23.30 -29.82
CA GLN A 333 -15.51 22.93 -30.00
C GLN A 333 -15.65 21.46 -30.37
N THR A 334 -14.82 20.99 -31.29
CA THR A 334 -14.87 19.57 -31.66
C THR A 334 -14.43 18.69 -30.50
N ILE A 335 -13.48 19.17 -29.69
CA ILE A 335 -13.04 18.40 -28.53
C ILE A 335 -14.17 18.29 -27.50
N MET A 336 -14.85 19.42 -27.23
CA MET A 336 -15.96 19.39 -26.29
C MET A 336 -17.13 18.57 -26.82
N GLY A 337 -17.29 18.51 -28.14
CA GLY A 337 -18.30 17.63 -28.71
C GLY A 337 -17.92 16.17 -28.58
N PHE A 338 -16.62 15.87 -28.73
CA PHE A 338 -16.13 14.52 -28.49
C PHE A 338 -16.33 14.10 -27.04
N LEU A 339 -16.17 15.04 -26.11
CA LEU A 339 -16.42 14.75 -24.70
C LEU A 339 -17.84 14.27 -24.47
N ASN A 340 -18.77 14.63 -25.37
CA ASN A 340 -20.15 14.17 -25.25
C ASN A 340 -20.32 12.74 -25.73
N GLN A 341 -19.38 12.22 -26.53
CA GLN A 341 -19.49 10.85 -27.01
C GLN A 341 -19.44 9.88 -25.83
N ALA A 342 -20.22 8.81 -25.92
CA ALA A 342 -20.47 7.94 -24.77
C ALA A 342 -19.27 7.05 -24.41
N ASN A 343 -18.40 6.74 -25.36
CA ASN A 343 -17.31 5.81 -25.12
C ASN A 343 -15.96 6.39 -25.54
N CYS A 344 -15.73 7.66 -25.27
CA CYS A 344 -14.49 8.32 -25.68
C CYS A 344 -13.62 8.59 -24.46
N LYS A 345 -12.32 8.29 -24.59
CA LYS A 345 -11.34 8.54 -23.54
C LYS A 345 -10.27 9.47 -24.10
N ILE A 346 -10.50 10.77 -23.96
CA ILE A 346 -9.60 11.79 -24.53
C ILE A 346 -8.28 11.76 -23.75
N ILE A 347 -7.23 11.23 -24.36
CA ILE A 347 -6.01 10.98 -23.62
C ILE A 347 -5.31 12.28 -23.25
N PHE A 348 -5.39 13.29 -24.12
CA PHE A 348 -4.93 14.65 -23.79
C PHE A 348 -3.46 14.65 -23.36
N VAL A 349 -2.59 14.25 -24.29
CA VAL A 349 -1.16 14.38 -24.04
C VAL A 349 -0.78 15.85 -24.08
N SER A 350 0.32 16.20 -23.42
CA SER A 350 0.81 17.57 -23.46
C SER A 350 2.31 17.55 -23.24
N SER A 351 2.93 18.72 -23.31
CA SER A 351 4.38 18.86 -23.12
C SER A 351 4.68 20.22 -22.51
N THR A 352 4.81 20.25 -21.18
CA THR A 352 5.35 21.41 -20.48
C THR A 352 6.83 21.16 -20.24
N ASN A 353 7.67 21.82 -21.05
CA ASN A 353 9.09 21.53 -21.12
C ASN A 353 9.90 22.15 -19.98
N THR A 354 9.22 22.58 -18.90
CA THR A 354 9.80 23.36 -17.82
C THR A 354 10.28 24.72 -18.31
N GLY A 355 10.04 25.02 -19.59
CA GLY A 355 10.25 26.37 -20.08
C GLY A 355 9.25 27.34 -19.51
N LYS A 356 8.04 26.85 -19.22
CA LYS A 356 7.05 27.60 -18.46
C LYS A 356 6.76 26.96 -17.12
N ALA A 357 6.90 25.64 -17.00
CA ALA A 357 6.73 24.83 -15.81
C ALA A 357 5.28 24.79 -15.32
N SER A 358 4.38 25.53 -15.96
CA SER A 358 2.97 25.53 -15.56
C SER A 358 2.13 25.82 -16.81
N THR A 359 1.64 24.76 -17.44
CA THR A 359 0.64 24.90 -18.51
C THR A 359 -0.70 25.22 -17.86
N SER A 360 -0.78 26.43 -17.30
CA SER A 360 -1.92 26.84 -16.49
C SER A 360 -3.25 26.73 -17.22
N PHE A 361 -3.23 26.60 -18.55
CA PHE A 361 -4.45 26.24 -19.26
C PHE A 361 -4.93 24.85 -18.85
N LEU A 362 -4.01 23.95 -18.56
CA LEU A 362 -4.33 22.62 -18.05
C LEU A 362 -3.96 22.44 -16.59
N TYR A 363 -2.90 23.07 -16.12
CA TYR A 363 -2.44 22.86 -14.74
C TYR A 363 -3.44 23.36 -13.72
N ASN A 364 -4.35 24.26 -14.09
CA ASN A 364 -5.39 24.68 -13.16
C ASN A 364 -6.39 23.57 -12.87
N LEU A 365 -6.31 22.45 -13.59
CA LEU A 365 -7.24 21.35 -13.37
C LEU A 365 -7.04 20.71 -12.01
N ARG A 366 -5.81 20.71 -11.49
CA ARG A 366 -5.53 20.10 -10.19
C ARG A 366 -6.26 20.76 -9.05
N GLY A 367 -6.89 21.92 -9.28
CA GLY A 367 -7.62 22.61 -8.23
C GLY A 367 -8.82 21.84 -7.75
N ALA A 368 -9.77 21.57 -8.65
CA ALA A 368 -11.00 20.85 -8.32
C ALA A 368 -11.16 19.69 -9.30
N ALA A 369 -10.54 18.57 -8.97
CA ALA A 369 -10.61 17.33 -9.75
C ALA A 369 -9.82 16.28 -8.99
N ASP A 370 -10.00 15.02 -9.39
CA ASP A 370 -9.29 13.92 -8.75
C ASP A 370 -9.01 12.82 -9.76
N GLU A 371 -7.78 12.33 -9.76
CA GLU A 371 -7.37 11.23 -10.64
C GLU A 371 -7.59 11.58 -12.11
N LEU A 372 -7.35 12.83 -12.45
CA LEU A 372 -7.55 13.30 -13.82
C LEU A 372 -6.24 13.52 -14.56
N LEU A 373 -5.34 14.32 -14.01
CA LEU A 373 -4.10 14.67 -14.69
C LEU A 373 -2.89 14.16 -13.91
N ASN A 374 -1.84 13.81 -14.65
CA ASN A 374 -0.60 13.35 -14.05
C ASN A 374 0.57 14.12 -14.68
N VAL A 375 1.43 14.66 -13.83
CA VAL A 375 2.56 15.48 -14.25
C VAL A 375 3.84 14.67 -14.09
N VAL A 376 4.64 14.61 -15.15
CA VAL A 376 5.96 14.00 -15.10
C VAL A 376 6.94 15.12 -14.80
N THR A 377 7.14 15.41 -13.53
CA THR A 377 8.01 16.48 -13.09
C THR A 377 9.25 15.92 -12.43
N TYR A 378 10.33 16.70 -12.49
CA TYR A 378 11.58 16.35 -11.81
C TYR A 378 11.93 17.30 -10.69
N ILE A 379 11.16 18.36 -10.49
CA ILE A 379 11.33 19.27 -9.36
C ILE A 379 9.96 19.46 -8.72
N CYS A 380 9.92 19.39 -7.39
CA CYS A 380 8.66 19.45 -6.67
C CYS A 380 8.12 20.89 -6.68
N ASP A 381 7.01 21.11 -5.96
CA ASP A 381 6.53 22.47 -5.76
C ASP A 381 7.61 23.33 -5.11
N ASP A 382 8.14 22.86 -3.98
CA ASP A 382 9.37 23.41 -3.43
C ASP A 382 10.53 22.94 -4.30
N HIS A 383 11.28 23.88 -4.85
CA HIS A 383 12.37 23.55 -5.75
C HIS A 383 13.64 23.13 -5.01
N MET A 384 13.62 23.08 -3.69
CA MET A 384 14.76 22.64 -2.90
C MET A 384 14.87 21.11 -2.87
N PRO A 385 13.77 20.36 -2.60
CA PRO A 385 13.88 18.89 -2.61
C PRO A 385 13.72 18.29 -4.00
N ARG A 386 14.54 18.78 -4.93
CA ARG A 386 14.57 18.19 -6.30
C ARG A 386 15.11 16.76 -6.14
N VAL A 387 15.96 16.54 -5.13
CA VAL A 387 16.51 15.22 -4.86
C VAL A 387 15.42 14.21 -4.52
N VAL A 388 14.19 14.67 -4.28
CA VAL A 388 13.08 13.74 -4.10
C VAL A 388 12.91 12.89 -5.36
N THR A 389 12.88 13.53 -6.52
CA THR A 389 12.72 12.84 -7.80
C THR A 389 14.03 12.79 -8.58
N HIS A 390 15.15 12.58 -7.89
CA HIS A 390 16.45 12.60 -8.57
C HIS A 390 16.78 11.25 -9.20
N THR A 391 16.70 10.17 -8.43
CA THR A 391 17.02 8.85 -8.96
C THR A 391 16.05 8.42 -10.05
N ASN A 392 14.96 9.16 -10.26
CA ASN A 392 13.99 8.84 -11.29
C ASN A 392 14.30 9.52 -12.62
N ALA A 393 15.01 10.64 -12.60
CA ALA A 393 15.37 11.34 -13.83
C ALA A 393 16.23 10.44 -14.70
N THR A 394 15.85 10.34 -15.99
CA THR A 394 16.51 9.41 -16.90
C THR A 394 18.00 9.70 -16.99
N ALA A 395 18.77 8.65 -17.24
CA ALA A 395 20.22 8.76 -17.35
C ALA A 395 20.68 9.22 -18.73
N CYS A 396 19.86 9.04 -19.76
CA CYS A 396 20.24 9.50 -21.09
C CYS A 396 20.33 11.01 -21.15
N SER A 397 19.41 11.71 -20.47
CA SER A 397 19.43 13.17 -20.42
C SER A 397 20.19 13.62 -19.17
N CYS A 398 21.51 13.44 -19.24
CA CYS A 398 22.41 13.86 -18.16
C CYS A 398 23.68 14.50 -18.71
N TYR A 399 23.69 14.89 -19.97
CA TYR A 399 24.90 15.37 -20.61
C TYR A 399 25.34 16.72 -20.04
N ILE A 400 26.65 16.90 -19.96
CA ILE A 400 27.27 18.10 -19.39
C ILE A 400 28.27 18.59 -20.42
N LEU A 401 29.04 19.62 -20.08
CA LEU A 401 30.11 20.17 -20.91
C LEU A 401 31.21 19.10 -21.28
N ASN A 402 31.06 17.89 -20.76
CA ASN A 402 32.00 16.79 -21.01
C ASN A 402 33.37 17.07 -20.40
N LYS A 403 33.39 17.82 -19.31
CA LYS A 403 34.59 18.07 -18.52
C LYS A 403 34.18 18.44 -17.10
N PRO A 404 34.49 17.60 -16.10
CA PRO A 404 34.09 17.92 -14.72
C PRO A 404 34.67 19.25 -14.25
N VAL A 405 36.01 19.35 -14.23
CA VAL A 405 36.71 20.58 -13.91
C VAL A 405 38.01 20.62 -14.73
N PHE A 406 38.47 21.83 -15.01
CA PHE A 406 39.78 22.00 -15.63
C PHE A 406 40.86 21.51 -14.68
N ILE A 407 41.01 22.19 -13.54
CA ILE A 407 41.88 21.74 -12.44
C ILE A 407 41.20 22.16 -11.15
N THR A 408 40.55 21.22 -10.47
CA THR A 408 39.89 21.52 -9.20
C THR A 408 39.63 20.22 -8.45
N MET A 409 39.75 20.28 -7.12
CA MET A 409 39.43 19.16 -6.24
C MET A 409 38.28 19.60 -5.34
N ASP A 410 37.05 19.43 -5.83
CA ASP A 410 35.86 19.81 -5.10
C ASP A 410 34.92 18.63 -4.97
N GLY A 411 34.25 18.55 -3.82
CA GLY A 411 33.25 17.53 -3.62
C GLY A 411 32.00 17.78 -4.45
N ALA A 412 31.21 16.72 -4.61
CA ALA A 412 30.02 16.79 -5.46
C ALA A 412 29.09 17.91 -5.02
N VAL A 413 29.09 18.27 -3.74
CA VAL A 413 28.20 19.32 -3.25
C VAL A 413 28.59 20.67 -3.85
N ARG A 414 29.87 21.05 -3.70
CA ARG A 414 30.33 22.32 -4.25
C ARG A 414 30.28 22.31 -5.77
N ARG A 415 30.57 21.17 -6.40
CA ARG A 415 30.50 21.06 -7.85
C ARG A 415 29.08 21.34 -8.33
N THR A 416 28.10 20.63 -7.77
CA THR A 416 26.70 20.84 -8.11
C THR A 416 26.21 22.24 -7.74
N ALA A 417 26.82 22.88 -6.74
CA ALA A 417 26.51 24.27 -6.48
C ALA A 417 27.00 25.18 -7.60
N ASP A 418 28.24 24.96 -8.05
CA ASP A 418 28.75 25.69 -9.21
C ASP A 418 28.04 25.25 -10.49
N LEU A 419 27.74 23.95 -10.60
CA LEU A 419 27.11 23.40 -11.80
C LEU A 419 25.62 23.17 -11.61
N PHE A 420 24.94 24.03 -10.86
CA PHE A 420 23.50 23.87 -10.63
C PHE A 420 22.73 23.97 -11.93
N LEU A 421 22.70 25.16 -12.51
CA LEU A 421 21.97 25.45 -13.75
C LEU A 421 20.61 24.77 -13.76
N ALA A 422 19.86 24.98 -12.68
CA ALA A 422 18.53 24.41 -12.47
C ALA A 422 18.55 22.88 -12.38
N ASP A 423 19.71 22.29 -12.11
CA ASP A 423 19.91 20.85 -11.92
C ASP A 423 19.56 20.03 -13.16
N SER A 424 19.21 20.68 -14.27
CA SER A 424 18.90 19.94 -15.50
C SER A 424 19.42 20.66 -16.74
N PHE A 425 20.43 21.52 -16.59
CA PHE A 425 21.01 22.36 -17.63
C PHE A 425 20.01 23.40 -18.13
N MET A 426 18.89 23.60 -17.44
CA MET A 426 17.89 24.55 -17.86
C MET A 426 18.04 25.88 -17.10
N GLN A 427 17.16 26.83 -17.42
CA GLN A 427 17.19 28.17 -16.85
C GLN A 427 15.93 28.45 -16.03
N GLU A 428 15.58 27.50 -15.15
CA GLU A 428 14.33 27.55 -14.41
C GLU A 428 14.20 28.84 -13.60
N ILE A 429 12.97 29.09 -13.13
CA ILE A 429 12.63 30.34 -12.46
C ILE A 429 13.61 30.63 -11.32
N ILE A 430 14.11 31.85 -11.30
CA ILE A 430 15.00 32.32 -10.24
C ILE A 430 14.15 32.88 -9.10
N GLY A 431 14.57 32.60 -7.88
CA GLY A 431 13.86 33.08 -6.70
C GLY A 431 13.05 31.99 -6.04
N GLY A 432 12.26 32.41 -5.05
CA GLY A 432 11.43 31.49 -4.30
C GLY A 432 12.26 30.48 -3.54
N GLN A 433 12.24 29.23 -3.99
CA GLN A 433 13.02 28.17 -3.38
C GLN A 433 14.44 28.22 -3.93
N ALA A 434 15.41 28.38 -3.04
CA ALA A 434 16.79 28.63 -3.42
C ALA A 434 17.40 27.39 -4.07
N ARG A 435 18.67 27.52 -4.49
CA ARG A 435 19.35 26.44 -5.18
C ARG A 435 19.90 25.40 -4.22
N GLU A 436 20.59 25.86 -3.18
CA GLU A 436 21.02 24.94 -2.10
C GLU A 436 19.76 24.58 -1.30
N THR A 437 19.38 23.30 -1.27
CA THR A 437 18.11 22.87 -0.61
C THR A 437 18.15 23.20 0.88
N GLY A 438 19.27 22.95 1.56
CA GLY A 438 19.40 23.25 3.00
C GLY A 438 18.35 22.55 3.86
N ASP A 439 18.00 21.30 3.52
CA ASP A 439 17.03 20.50 4.32
C ASP A 439 15.72 21.28 4.54
N ASP A 440 15.15 21.86 3.47
CA ASP A 440 13.87 22.61 3.61
C ASP A 440 12.71 21.74 3.16
N ARG A 441 11.67 21.59 4.01
CA ARG A 441 10.49 20.76 3.70
C ARG A 441 9.22 21.35 4.34
N PRO A 442 8.00 20.99 3.88
CA PRO A 442 6.76 21.23 4.62
C PRO A 442 6.62 20.35 5.88
N VAL A 443 5.71 20.72 6.79
CA VAL A 443 5.55 19.99 8.04
C VAL A 443 4.14 19.45 8.33
N LEU A 444 3.14 20.30 8.14
CA LEU A 444 1.74 19.93 8.30
C LEU A 444 1.23 19.44 6.94
N THR A 445 0.58 18.28 6.90
CA THR A 445 0.11 17.73 5.62
C THR A 445 -1.04 18.54 5.07
N LYS A 446 -1.17 18.60 3.75
CA LYS A 446 -2.25 19.35 3.13
C LYS A 446 -3.61 18.76 3.53
N SER A 447 -3.66 17.44 3.69
CA SER A 447 -4.91 16.76 4.01
C SER A 447 -5.42 17.13 5.40
N ALA A 448 -4.53 17.16 6.38
CA ALA A 448 -4.92 17.61 7.72
C ALA A 448 -5.31 19.08 7.70
N GLY A 449 -4.61 19.87 6.91
CA GLY A 449 -4.92 21.29 6.76
C GLY A 449 -6.31 21.54 6.20
N GLU A 450 -6.71 20.74 5.23
CA GLU A 450 -8.02 20.89 4.60
C GLU A 450 -9.11 20.54 5.58
N ARG A 451 -8.87 19.49 6.35
CA ARG A 451 -9.84 19.10 7.36
C ARG A 451 -9.93 20.12 8.49
N PHE A 452 -8.81 20.79 8.79
CA PHE A 452 -8.78 21.82 9.82
C PHE A 452 -9.65 22.98 9.39
N LEU A 453 -9.56 23.34 8.11
CA LEU A 453 -10.37 24.42 7.57
C LEU A 453 -11.88 24.10 7.57
N LEU A 454 -12.22 22.88 7.16
CA LEU A 454 -13.60 22.49 6.85
C LEU A 454 -14.43 21.91 8.01
N TYR A 455 -13.83 21.01 8.78
CA TYR A 455 -14.56 20.40 9.92
C TYR A 455 -14.30 21.22 11.18
N ARG A 456 -15.32 21.97 11.59
CA ARG A 456 -15.27 22.81 12.77
C ARG A 456 -16.39 22.48 13.72
N PRO A 457 -16.09 21.77 14.81
CA PRO A 457 -17.15 21.38 15.76
C PRO A 457 -17.89 22.61 16.24
N SER A 458 -19.19 22.50 16.40
CA SER A 458 -19.95 23.59 16.99
C SER A 458 -19.85 23.48 18.52
N THR A 459 -19.05 24.35 19.11
CA THR A 459 -18.80 24.29 20.54
C THR A 459 -19.97 24.82 21.39
N THR A 460 -20.76 25.74 20.83
CA THR A 460 -21.84 26.34 21.61
C THR A 460 -22.96 25.34 21.88
N THR A 461 -23.00 24.27 21.08
CA THR A 461 -24.02 23.25 21.22
C THR A 461 -23.48 21.86 21.60
N ASN A 462 -22.18 21.77 21.87
CA ASN A 462 -21.62 20.51 22.32
C ASN A 462 -20.72 20.74 23.52
N SER A 463 -21.22 21.57 24.42
CA SER A 463 -20.40 22.10 25.50
C SER A 463 -20.02 20.99 26.46
N GLY A 464 -20.84 19.94 26.52
CA GLY A 464 -20.51 18.79 27.36
C GLY A 464 -19.24 18.08 26.96
N LEU A 465 -18.77 18.33 25.74
CA LEU A 465 -17.55 17.70 25.27
C LEU A 465 -16.29 18.48 25.65
N MET A 466 -16.48 19.69 26.14
CA MET A 466 -15.34 20.55 26.47
C MET A 466 -14.81 20.36 27.90
N ALA A 467 -13.51 20.55 28.07
CA ALA A 467 -12.93 20.61 29.40
C ALA A 467 -13.26 21.97 30.04
N PRO A 468 -13.35 22.03 31.37
CA PRO A 468 -13.79 23.29 32.00
C PRO A 468 -12.70 24.36 32.14
N ASP A 469 -11.62 24.25 31.38
CA ASP A 469 -10.53 25.22 31.45
C ASP A 469 -10.19 25.83 30.08
N LEU A 470 -10.00 27.14 30.04
CA LEU A 470 -9.62 27.87 28.84
C LEU A 470 -8.16 28.18 28.99
N TYR A 471 -7.40 28.13 27.91
CA TYR A 471 -5.99 28.48 27.96
C TYR A 471 -5.75 29.56 26.94
N VAL A 472 -5.13 30.64 27.39
CA VAL A 472 -4.82 31.71 26.47
C VAL A 472 -3.37 32.09 26.45
N TYR A 473 -2.85 32.26 25.24
CA TYR A 473 -1.48 32.67 25.08
C TYR A 473 -1.43 33.97 24.29
N VAL A 474 -0.73 34.96 24.82
CA VAL A 474 -0.49 36.17 24.06
C VAL A 474 0.98 36.40 23.75
N ASP A 475 1.26 36.49 22.46
CA ASP A 475 2.60 36.65 21.92
C ASP A 475 2.68 38.07 21.37
N PRO A 476 3.10 39.02 22.21
CA PRO A 476 3.05 40.45 21.89
C PRO A 476 4.20 40.97 21.03
N ALA A 477 3.88 41.97 20.20
CA ALA A 477 4.87 42.75 19.49
C ALA A 477 4.57 44.20 19.83
N PHE A 478 5.58 44.93 20.28
CA PHE A 478 5.37 46.28 20.80
C PHE A 478 5.80 47.39 19.85
N THR A 479 5.70 47.14 18.55
CA THR A 479 5.95 48.17 17.56
C THR A 479 4.71 48.36 16.67
N ALA A 480 4.71 49.46 15.92
CA ALA A 480 3.64 49.73 14.97
C ALA A 480 4.26 49.94 13.60
N ASN A 481 3.41 49.98 12.57
CA ASN A 481 3.84 50.26 11.19
C ASN A 481 4.96 49.32 10.73
N THR A 482 4.76 48.03 10.98
CA THR A 482 5.64 46.96 10.53
C THR A 482 4.74 45.74 10.30
N ARG A 483 5.16 44.81 9.44
CA ARG A 483 4.37 43.63 9.15
C ARG A 483 4.55 42.55 10.23
N ALA A 484 5.68 42.60 10.94
CA ALA A 484 5.95 41.68 12.04
C ALA A 484 5.63 42.32 13.40
N SER A 485 4.80 43.35 13.36
CA SER A 485 4.44 44.06 14.58
C SER A 485 3.09 43.59 15.13
N GLY A 486 2.59 42.46 14.59
CA GLY A 486 1.32 41.93 15.04
C GLY A 486 1.44 41.15 16.33
N THR A 487 0.44 41.33 17.20
CA THR A 487 0.36 40.59 18.45
C THR A 487 -0.55 39.39 18.21
N GLY A 488 -0.07 38.20 18.55
CA GLY A 488 -0.89 37.00 18.38
C GLY A 488 -1.56 36.60 19.67
N VAL A 489 -2.83 36.23 19.60
CA VAL A 489 -3.58 35.76 20.76
C VAL A 489 -4.34 34.51 20.39
N ALA A 490 -4.28 33.47 21.23
CA ALA A 490 -5.09 32.27 21.01
C ALA A 490 -5.78 31.85 22.29
N VAL A 491 -7.05 31.47 22.20
CA VAL A 491 -7.70 30.86 23.37
C VAL A 491 -8.23 29.53 22.93
N VAL A 492 -7.76 28.50 23.62
CA VAL A 492 -8.01 27.13 23.27
C VAL A 492 -8.45 26.34 24.49
N GLY A 493 -8.98 25.15 24.24
CA GLY A 493 -9.35 24.24 25.31
C GLY A 493 -9.36 22.78 24.84
N ARG A 494 -9.66 21.87 25.76
CA ARG A 494 -9.76 20.47 25.40
C ARG A 494 -11.18 20.21 24.91
N TYR A 495 -11.28 19.42 23.84
CA TYR A 495 -12.55 19.01 23.27
C TYR A 495 -12.42 17.51 23.07
N ARG A 496 -13.24 16.73 23.75
CA ARG A 496 -12.94 15.32 23.97
C ARG A 496 -11.47 15.25 24.42
N ASP A 497 -10.63 14.48 23.74
CA ASP A 497 -9.20 14.43 24.05
C ASP A 497 -8.38 15.22 23.02
N ASP A 498 -9.06 16.09 22.30
CA ASP A 498 -8.42 16.86 21.26
C ASP A 498 -8.32 18.33 21.70
N TYR A 499 -7.84 19.20 20.83
CA TYR A 499 -7.75 20.62 21.18
C TYR A 499 -8.48 21.48 20.17
N ILE A 500 -9.21 22.47 20.67
CA ILE A 500 -10.06 23.27 19.82
C ILE A 500 -9.75 24.73 20.06
N ILE A 501 -9.74 25.52 18.99
CA ILE A 501 -9.48 26.94 19.14
C ILE A 501 -10.79 27.73 19.23
N PHE A 502 -10.96 28.52 20.29
CA PHE A 502 -12.16 29.33 20.47
C PHE A 502 -12.05 30.76 19.92
N ALA A 503 -10.82 31.30 19.88
CA ALA A 503 -10.60 32.69 19.45
C ALA A 503 -9.17 32.91 18.93
N LEU A 504 -9.00 33.90 18.06
CA LEU A 504 -7.71 34.24 17.45
C LEU A 504 -7.65 35.72 17.28
N GLU A 505 -6.50 36.32 17.52
CA GLU A 505 -6.33 37.73 17.22
C GLU A 505 -4.95 37.96 16.63
N HIS A 506 -4.90 38.86 15.67
CA HIS A 506 -3.65 39.26 15.06
C HIS A 506 -3.72 40.76 15.09
N PHE A 507 -3.21 41.32 16.16
CA PHE A 507 -3.51 42.67 16.58
C PHE A 507 -2.36 43.62 16.30
N PHE A 508 -2.70 44.77 15.73
CA PHE A 508 -1.71 45.76 15.31
C PHE A 508 -1.84 47.06 16.06
N LEU A 509 -0.90 47.36 16.93
CA LEU A 509 -0.87 48.63 17.66
C LEU A 509 -1.13 49.84 16.78
N ARG A 510 -1.94 50.77 17.26
CA ARG A 510 -2.05 52.09 16.65
C ARG A 510 -0.72 52.80 16.94
N ALA A 511 -0.18 53.51 15.96
CA ALA A 511 1.14 54.14 16.12
C ALA A 511 1.17 55.22 17.19
N LEU A 512 2.19 55.17 18.04
CA LEU A 512 2.39 56.17 19.07
C LEU A 512 1.20 56.32 20.04
N THR A 513 0.55 55.19 20.36
CA THR A 513 -0.35 55.17 21.52
C THR A 513 0.45 55.35 22.80
N GLY A 514 -0.21 55.81 23.85
CA GLY A 514 0.49 55.97 25.13
C GLY A 514 0.27 54.77 26.02
N SER A 515 -0.51 53.82 25.51
CA SER A 515 -0.98 52.68 26.30
C SER A 515 -0.97 51.36 25.53
N ALA A 516 0.15 51.03 24.89
CA ALA A 516 0.24 49.77 24.14
C ALA A 516 -0.13 48.50 24.95
N PRO A 517 0.37 48.34 26.18
CA PRO A 517 -0.05 47.16 26.96
C PRO A 517 -1.55 47.10 27.22
N ALA A 518 -2.16 48.23 27.55
CA ALA A 518 -3.62 48.24 27.77
C ALA A 518 -4.41 48.03 26.47
N ASP A 519 -3.84 48.45 25.34
CA ASP A 519 -4.50 48.27 24.05
C ASP A 519 -4.50 46.79 23.73
N ILE A 520 -3.35 46.15 23.93
CA ILE A 520 -3.24 44.71 23.80
C ILE A 520 -4.16 44.01 24.83
N ALA A 521 -4.18 44.49 26.07
CA ALA A 521 -5.02 43.86 27.08
C ALA A 521 -6.48 43.98 26.72
N ARG A 522 -6.87 45.14 26.24
CA ARG A 522 -8.26 45.33 25.86
C ARG A 522 -8.62 44.39 24.73
N CYS A 523 -7.66 44.13 23.85
CA CYS A 523 -7.92 43.20 22.75
C CYS A 523 -8.17 41.82 23.29
N VAL A 524 -7.31 41.33 24.18
CA VAL A 524 -7.49 39.96 24.67
C VAL A 524 -8.71 39.79 25.55
N VAL A 525 -9.01 40.80 26.36
CA VAL A 525 -10.19 40.77 27.21
C VAL A 525 -11.49 40.73 26.40
N HIS A 526 -11.51 41.49 25.30
CA HIS A 526 -12.68 41.49 24.43
C HIS A 526 -12.90 40.10 23.82
N SER A 527 -11.80 39.46 23.40
CA SER A 527 -11.85 38.10 22.86
C SER A 527 -12.39 37.08 23.85
N LEU A 528 -11.83 37.12 25.06
CA LEU A 528 -12.23 36.21 26.13
C LEU A 528 -13.71 36.33 26.45
N THR A 529 -14.13 37.57 26.58
CA THR A 529 -15.49 37.88 26.94
C THR A 529 -16.46 37.26 25.97
N GLN A 530 -16.16 37.43 24.69
CA GLN A 530 -16.99 36.87 23.65
C GLN A 530 -17.02 35.36 23.76
N VAL A 531 -15.86 34.75 24.02
CA VAL A 531 -15.82 33.29 24.17
C VAL A 531 -16.62 32.84 25.39
N LEU A 532 -16.47 33.55 26.50
CA LEU A 532 -17.25 33.28 27.70
C LEU A 532 -18.76 33.41 27.48
N ALA A 533 -19.19 34.49 26.81
CA ALA A 533 -20.61 34.71 26.52
C ALA A 533 -21.24 33.67 25.59
N LEU A 534 -20.45 33.17 24.65
CA LEU A 534 -20.88 32.12 23.73
C LEU A 534 -21.04 30.76 24.42
N HIS A 535 -20.36 30.55 25.55
CA HIS A 535 -20.45 29.26 26.26
C HIS A 535 -20.69 29.48 27.76
N PRO A 536 -21.83 30.05 28.15
CA PRO A 536 -22.00 30.46 29.55
C PRO A 536 -22.02 29.32 30.55
N GLY A 537 -21.26 29.49 31.62
CA GLY A 537 -21.16 28.47 32.66
C GLY A 537 -20.28 27.28 32.33
N ALA A 538 -19.70 27.27 31.14
CA ALA A 538 -18.83 26.16 30.72
C ALA A 538 -17.51 26.13 31.45
N PHE A 539 -16.91 27.29 31.70
CA PHE A 539 -15.54 27.35 32.19
C PHE A 539 -15.38 27.74 33.69
N ARG A 540 -14.60 26.93 34.41
CA ARG A 540 -14.30 27.20 35.82
C ARG A 540 -13.01 27.98 35.95
N GLY A 541 -12.15 27.85 34.95
CA GLY A 541 -10.87 28.51 34.96
C GLY A 541 -10.41 29.00 33.61
N VAL A 542 -9.78 30.17 33.61
CA VAL A 542 -9.04 30.58 32.45
C VAL A 542 -7.63 30.89 32.88
N ARG A 543 -6.70 30.32 32.15
CA ARG A 543 -5.29 30.42 32.45
C ARG A 543 -4.61 31.18 31.33
N VAL A 544 -3.89 32.24 31.70
CA VAL A 544 -3.39 33.19 30.74
C VAL A 544 -1.87 33.27 30.81
N ALA A 545 -1.22 33.11 29.66
CA ALA A 545 0.21 33.26 29.53
C ALA A 545 0.54 34.40 28.57
N VAL A 546 1.34 35.35 29.04
CA VAL A 546 1.81 36.48 28.24
C VAL A 546 3.29 36.32 27.96
N GLU A 547 3.66 36.08 26.70
CA GLU A 547 5.06 35.84 26.39
C GLU A 547 5.87 37.08 26.71
N GLY A 548 6.99 36.90 27.41
CA GLY A 548 7.78 38.02 27.90
C GLY A 548 9.14 38.18 27.24
N ASN A 549 9.42 37.36 26.22
CA ASN A 549 10.72 37.40 25.53
C ASN A 549 11.07 38.78 25.00
N SER A 550 10.06 39.47 24.48
CA SER A 550 10.22 40.80 23.91
C SER A 550 10.54 41.82 25.01
N SER A 551 9.65 41.93 25.98
CA SER A 551 9.86 42.81 27.11
C SER A 551 9.15 42.24 28.33
N GLN A 552 9.89 42.01 29.41
CA GLN A 552 9.29 41.43 30.59
C GLN A 552 8.32 42.42 31.23
N ASP A 553 8.76 43.65 31.35
CA ASP A 553 7.96 44.73 31.92
C ASP A 553 6.66 44.97 31.14
N SER A 554 6.80 45.00 29.81
CA SER A 554 5.63 45.21 28.95
C SER A 554 4.68 44.02 29.05
N ALA A 555 5.23 42.80 29.14
CA ALA A 555 4.39 41.60 29.34
C ALA A 555 3.68 41.65 30.68
N VAL A 556 4.39 42.08 31.73
CA VAL A 556 3.78 42.21 33.05
C VAL A 556 2.64 43.23 33.00
N ALA A 557 2.88 44.35 32.32
CA ALA A 557 1.86 45.38 32.19
C ALA A 557 0.59 44.87 31.50
N ILE A 558 0.76 44.06 30.46
CA ILE A 558 -0.38 43.44 29.79
C ILE A 558 -1.14 42.55 30.75
N ALA A 559 -0.42 41.70 31.48
CA ALA A 559 -1.06 40.81 32.46
C ALA A 559 -1.81 41.63 33.51
N THR A 560 -1.20 42.71 33.97
CA THR A 560 -1.85 43.55 34.97
C THR A 560 -3.16 44.15 34.44
N HIS A 561 -3.15 44.71 33.23
CA HIS A 561 -4.39 45.21 32.63
C HIS A 561 -5.43 44.12 32.37
N VAL A 562 -5.00 42.94 31.92
CA VAL A 562 -5.93 41.83 31.74
C VAL A 562 -6.56 41.48 33.08
N HIS A 563 -5.71 41.39 34.11
CA HIS A 563 -6.09 41.09 35.49
C HIS A 563 -7.17 42.05 35.97
N THR A 564 -6.92 43.34 35.79
CA THR A 564 -7.84 44.37 36.26
C THR A 564 -9.13 44.43 35.48
N GLU A 565 -9.04 44.35 34.16
CA GLU A 565 -10.23 44.46 33.32
C GLU A 565 -11.16 43.26 33.48
N MET A 566 -10.57 42.09 33.65
CA MET A 566 -11.32 40.87 33.83
C MET A 566 -12.07 40.89 35.17
N HIS A 567 -11.65 41.77 36.07
CA HIS A 567 -12.25 41.86 37.40
C HIS A 567 -13.71 42.30 37.31
N ARG A 568 -14.09 42.86 36.16
CA ARG A 568 -15.50 43.05 35.82
C ARG A 568 -15.97 41.88 34.93
N GLY A 580 -18.24 32.24 39.25
CA GLY A 580 -17.75 32.50 37.91
C GLY A 580 -16.38 31.90 37.72
N PRO A 581 -15.83 32.02 36.50
CA PRO A 581 -14.51 31.45 36.20
C PRO A 581 -13.37 32.16 36.91
N GLU A 582 -12.44 31.41 37.50
CA GLU A 582 -11.28 32.01 38.10
C GLU A 582 -10.19 32.29 37.07
N LEU A 583 -9.51 33.42 37.22
CA LEU A 583 -8.49 33.84 36.27
C LEU A 583 -7.11 33.61 36.86
N LEU A 584 -6.30 32.80 36.20
CA LEU A 584 -4.93 32.52 36.66
C LEU A 584 -3.94 32.92 35.59
N PHE A 585 -2.76 33.33 36.01
CA PHE A 585 -1.67 33.65 35.09
C PHE A 585 -0.54 32.66 35.24
N TYR A 586 0.09 32.31 34.12
CA TYR A 586 1.35 31.59 34.22
C TYR A 586 2.38 32.53 34.79
N HIS A 587 3.20 32.01 35.69
CA HIS A 587 4.22 32.81 36.35
C HIS A 587 5.59 32.25 36.05
N CYS A 588 6.59 33.11 36.12
CA CYS A 588 7.93 32.73 35.76
C CYS A 588 8.87 33.33 36.78
N GLU A 589 9.80 32.51 37.23
CA GLU A 589 10.84 32.95 38.13
C GLU A 589 12.10 33.05 37.28
N PRO A 590 12.43 34.28 36.83
CA PRO A 590 13.58 34.43 35.94
C PRO A 590 14.85 33.97 36.64
N PRO A 591 15.86 33.53 35.88
CA PRO A 591 17.13 33.03 36.43
C PRO A 591 17.80 34.03 37.37
N GLY A 592 18.22 33.54 38.53
CA GLY A 592 18.82 34.38 39.57
C GLY A 592 17.81 35.16 40.40
N SER A 593 16.53 34.97 40.12
CA SER A 593 15.49 35.71 40.83
C SER A 593 14.65 34.81 41.72
N ALA A 594 14.02 35.41 42.72
CA ALA A 594 13.07 34.69 43.57
C ALA A 594 11.66 35.19 43.30
N VAL A 595 11.52 36.10 42.33
CA VAL A 595 10.23 36.72 42.07
C VAL A 595 9.45 35.92 41.04
N LEU A 596 8.14 35.80 41.26
CA LEU A 596 7.26 35.12 40.29
C LEU A 596 6.46 36.13 39.48
N TYR A 597 6.90 36.34 38.24
CA TYR A 597 6.28 37.32 37.36
C TYR A 597 5.21 36.68 36.50
N PRO A 598 4.14 37.44 36.20
CA PRO A 598 3.06 36.90 35.37
C PRO A 598 3.39 37.04 33.90
N PHE A 599 4.51 36.47 33.50
CA PHE A 599 4.79 36.32 32.09
C PHE A 599 5.37 34.94 31.85
N PHE A 600 5.45 34.56 30.58
CA PHE A 600 5.95 33.26 30.17
C PHE A 600 7.18 33.50 29.32
N LEU A 601 8.26 32.77 29.61
CA LEU A 601 9.47 32.87 28.80
C LEU A 601 9.60 31.64 27.88
N LEU A 602 9.65 31.90 26.59
CA LEU A 602 9.65 30.84 25.59
C LEU A 602 11.08 30.49 25.24
N ASN A 603 11.50 29.29 25.62
CA ASN A 603 12.83 28.84 25.27
C ASN A 603 12.90 27.34 25.01
N LYS A 604 13.18 26.58 26.05
CA LYS A 604 13.42 25.16 25.91
C LYS A 604 12.16 24.41 25.56
N GLN A 605 11.02 25.03 25.82
CA GLN A 605 9.77 24.32 25.64
C GLN A 605 9.21 24.47 24.22
N LYS A 606 9.86 25.30 23.42
CA LYS A 606 9.41 25.53 22.05
C LYS A 606 9.43 24.27 21.18
N THR A 607 10.56 23.59 21.18
CA THR A 607 10.69 22.38 20.35
C THR A 607 9.72 21.27 20.75
N PRO A 608 9.58 20.95 22.05
CA PRO A 608 8.52 19.99 22.41
C PRO A 608 7.11 20.43 22.03
N ALA A 609 6.78 21.70 22.27
CA ALA A 609 5.47 22.25 21.94
C ALA A 609 5.13 22.09 20.44
N PHE A 610 6.11 22.42 19.58
CA PHE A 610 5.93 22.35 18.13
C PHE A 610 5.82 20.92 17.63
N GLU A 611 6.66 20.09 18.20
CA GLU A 611 6.69 18.69 17.87
C GLU A 611 5.35 18.02 18.21
N HIS A 612 4.81 18.30 19.39
CA HIS A 612 3.54 17.72 19.79
C HIS A 612 2.40 18.24 18.92
N PHE A 613 2.42 19.53 18.61
CA PHE A 613 1.39 20.15 17.80
C PHE A 613 1.30 19.51 16.42
N ILE A 614 2.45 19.39 15.78
CA ILE A 614 2.56 18.83 14.44
C ILE A 614 1.97 17.42 14.41
N LYS A 615 2.34 16.60 15.38
CA LYS A 615 1.77 15.26 15.49
C LYS A 615 0.25 15.29 15.70
N LYS A 616 -0.23 16.15 16.60
CA LYS A 616 -1.66 16.23 16.89
C LYS A 616 -2.43 16.76 15.69
N PHE A 617 -1.93 17.85 15.11
CA PHE A 617 -2.58 18.47 13.97
C PHE A 617 -2.71 17.49 12.80
N ASN A 618 -1.63 16.79 12.49
CA ASN A 618 -1.61 15.88 11.36
C ASN A 618 -2.55 14.65 11.50
N SER A 619 -2.88 14.30 12.74
CA SER A 619 -3.74 13.14 12.97
C SER A 619 -5.22 13.50 13.15
N GLY A 620 -5.53 14.79 12.98
CA GLY A 620 -6.89 15.31 13.07
C GLY A 620 -7.28 15.77 14.48
N GLY A 621 -6.30 15.95 15.37
CA GLY A 621 -6.57 16.24 16.77
C GLY A 621 -6.61 17.71 17.17
N VAL A 622 -6.36 18.62 16.23
CA VAL A 622 -6.62 20.03 16.50
C VAL A 622 -7.61 20.67 15.53
N MET A 623 -8.57 21.39 16.09
CA MET A 623 -9.60 21.97 15.27
C MET A 623 -10.00 23.35 15.74
N ALA A 624 -10.86 23.98 14.94
CA ALA A 624 -11.34 25.29 15.25
C ALA A 624 -12.82 25.21 15.55
N SER A 625 -13.27 26.03 16.49
CA SER A 625 -14.67 26.13 16.75
C SER A 625 -15.41 26.70 15.54
N GLN A 626 -16.57 26.12 15.23
CA GLN A 626 -17.45 26.68 14.22
C GLN A 626 -17.83 28.13 14.55
N GLU A 627 -17.87 28.48 15.82
CA GLU A 627 -18.16 29.87 16.17
C GLU A 627 -16.96 30.57 16.80
N ILE A 628 -15.79 30.31 16.21
CA ILE A 628 -14.53 30.93 16.57
C ILE A 628 -14.63 32.44 16.50
N VAL A 629 -14.00 33.10 17.46
CA VAL A 629 -14.12 34.53 17.63
C VAL A 629 -12.85 35.21 17.12
N SER A 630 -13.01 36.28 16.34
CA SER A 630 -11.91 37.15 16.02
C SER A 630 -12.37 38.54 15.60
N ALA A 631 -12.01 39.54 16.38
CA ALA A 631 -12.25 40.93 16.05
C ALA A 631 -11.24 41.48 15.04
N THR A 632 -9.99 41.02 15.11
CA THR A 632 -8.95 41.60 14.28
C THR A 632 -8.84 40.95 12.91
N VAL A 633 -9.23 39.69 12.80
CA VAL A 633 -9.22 39.02 11.51
C VAL A 633 -10.65 38.64 11.14
N ARG A 634 -11.40 39.59 10.61
CA ARG A 634 -12.79 39.33 10.24
C ARG A 634 -13.23 39.89 8.88
N LEU A 635 -12.82 41.11 8.56
CA LEU A 635 -13.25 41.71 7.30
C LEU A 635 -12.50 41.23 6.05
N GLN A 636 -11.19 41.09 6.13
CA GLN A 636 -10.40 40.70 4.94
C GLN A 636 -10.28 39.18 4.68
N THR A 637 -10.21 38.36 5.73
CA THR A 637 -9.98 36.93 5.53
C THR A 637 -10.59 36.11 6.66
N ASP A 638 -10.87 34.85 6.40
CA ASP A 638 -11.40 33.94 7.42
C ASP A 638 -10.26 33.60 8.39
N PRO A 639 -10.55 33.68 9.71
CA PRO A 639 -9.49 33.59 10.73
C PRO A 639 -8.79 32.24 10.69
N VAL A 640 -9.57 31.19 10.48
CA VAL A 640 -9.00 29.85 10.37
C VAL A 640 -8.15 29.73 9.10
N GLU A 641 -8.66 30.26 8.00
CA GLU A 641 -7.90 30.31 6.76
C GLU A 641 -6.61 31.11 6.96
N TYR A 642 -6.68 32.21 7.69
CA TYR A 642 -5.50 33.03 7.94
C TYR A 642 -4.44 32.31 8.80
N LEU A 643 -4.88 31.67 9.87
CA LEU A 643 -4.02 30.88 10.72
C LEU A 643 -3.31 29.80 9.93
N LEU A 644 -4.07 29.13 9.06
CA LEU A 644 -3.53 28.03 8.28
C LEU A 644 -2.43 28.49 7.30
N GLU A 645 -2.57 29.71 6.77
CA GLU A 645 -1.53 30.29 5.92
C GLU A 645 -0.25 30.47 6.72
N GLN A 646 -0.36 30.92 7.97
CA GLN A 646 0.84 31.02 8.82
C GLN A 646 1.39 29.64 9.15
N LEU A 647 0.52 28.71 9.54
CA LEU A 647 0.95 27.36 9.88
C LEU A 647 1.69 26.65 8.74
N ASN A 648 1.30 26.94 7.50
CA ASN A 648 1.91 26.29 6.35
C ASN A 648 3.31 26.84 6.03
N ASN A 649 3.82 27.69 6.91
CA ASN A 649 5.20 28.15 6.82
C ASN A 649 6.14 27.32 7.68
N LEU A 650 5.58 26.39 8.47
CA LEU A 650 6.41 25.51 9.28
C LEU A 650 7.36 24.70 8.42
N THR A 651 8.63 24.63 8.81
CA THR A 651 9.61 23.77 8.15
C THR A 651 10.62 23.14 9.11
N SER A 671 6.05 36.59 9.67
CA SER A 671 5.16 36.88 10.79
C SER A 671 4.58 35.60 11.39
N ASP A 672 4.97 35.28 12.62
CA ASP A 672 4.58 33.99 13.22
C ASP A 672 3.92 34.08 14.61
N ASP A 673 3.49 35.28 14.99
CA ASP A 673 2.87 35.54 16.30
C ASP A 673 1.61 34.69 16.57
N LEU A 674 0.78 34.51 15.55
CA LEU A 674 -0.46 33.76 15.68
C LEU A 674 -0.20 32.26 15.79
N MET A 675 0.71 31.79 14.96
CA MET A 675 1.09 30.40 14.96
C MET A 675 1.70 30.03 16.30
N VAL A 676 2.58 30.90 16.80
CA VAL A 676 3.26 30.67 18.07
C VAL A 676 2.25 30.66 19.23
N ALA A 677 1.34 31.63 19.23
CA ALA A 677 0.30 31.70 20.27
C ALA A 677 -0.58 30.47 20.27
N VAL A 678 -0.95 30.00 19.08
CA VAL A 678 -1.83 28.83 18.95
C VAL A 678 -1.11 27.58 19.42
N ILE A 679 0.11 27.38 18.94
CA ILE A 679 0.88 26.20 19.29
C ILE A 679 1.19 26.15 20.79
N MET A 680 1.55 27.31 21.36
CA MET A 680 1.84 27.44 22.80
C MET A 680 0.60 27.38 23.70
N ALA A 681 -0.52 27.96 23.25
CA ALA A 681 -1.74 27.85 24.05
C ALA A 681 -2.11 26.38 24.19
N ILE A 682 -2.01 25.65 23.08
CA ILE A 682 -2.30 24.21 23.05
C ILE A 682 -1.33 23.41 23.92
N TYR A 683 -0.04 23.76 23.84
CA TYR A 683 0.97 23.08 24.66
C TYR A 683 0.63 23.22 26.15
N LEU A 684 0.21 24.42 26.55
CA LEU A 684 -0.24 24.65 27.92
C LEU A 684 -1.47 23.83 28.30
N ALA A 685 -2.45 23.73 27.41
CA ALA A 685 -3.62 22.91 27.67
C ALA A 685 -3.21 21.44 27.75
N ALA A 686 -2.06 21.10 27.17
CA ALA A 686 -1.51 19.71 27.14
C ALA A 686 -1.00 19.23 28.51
N GLN A 687 0.30 19.40 28.80
CA GLN A 687 0.82 19.08 30.17
C GLN A 687 2.12 19.86 30.45
N ALA A 688 2.32 20.23 31.73
CA ALA A 688 3.50 20.96 32.28
C ALA A 688 3.30 21.24 33.77
N GLY A 689 4.16 22.11 34.31
CA GLY A 689 4.16 22.65 35.65
C GLY A 689 2.93 23.50 35.90
N PRO A 690 2.50 23.60 37.16
CA PRO A 690 1.22 24.24 37.47
C PRO A 690 1.29 25.76 37.36
N PRO A 691 0.31 26.37 36.71
CA PRO A 691 0.12 27.82 36.78
C PRO A 691 -0.96 28.14 37.81
N HIS A 692 -0.94 29.38 38.31
CA HIS A 692 -1.59 29.65 39.58
C HIS A 692 -2.36 30.98 39.57
N THR A 693 -2.77 31.41 40.75
CA THR A 693 -3.71 32.52 40.92
C THR A 693 -2.98 33.85 40.97
N ALA B 1 -0.96 -32.92 -27.30
CA ALA B 1 -1.42 -31.98 -26.29
C ALA B 1 -1.86 -32.71 -25.02
N ALA B 2 -1.90 -34.04 -25.10
CA ALA B 2 -2.32 -34.88 -23.98
C ALA B 2 -1.30 -34.91 -22.84
N PRO B 3 0.01 -35.08 -23.10
CA PRO B 3 0.96 -35.17 -21.98
C PRO B 3 1.13 -33.84 -21.24
N VAL B 4 0.68 -33.80 -19.98
CA VAL B 4 0.86 -32.65 -19.12
C VAL B 4 2.02 -32.93 -18.17
N SER B 5 2.87 -31.93 -17.96
CA SER B 5 4.07 -32.11 -17.17
C SER B 5 3.74 -32.40 -15.72
N GLU B 6 4.61 -33.18 -15.07
CA GLU B 6 4.44 -33.47 -13.65
C GLU B 6 4.39 -32.22 -12.76
N PRO B 7 5.20 -31.17 -12.99
CA PRO B 7 5.08 -29.98 -12.13
C PRO B 7 3.84 -29.15 -12.39
N THR B 8 2.92 -29.68 -13.21
CA THR B 8 1.62 -29.07 -13.41
C THR B 8 0.50 -29.81 -12.70
N VAL B 9 0.52 -31.14 -12.68
CA VAL B 9 -0.45 -31.87 -11.89
C VAL B 9 -0.04 -31.87 -10.42
N ALA B 10 1.27 -31.77 -10.14
CA ALA B 10 1.72 -31.66 -8.76
C ALA B 10 1.26 -30.34 -8.15
N ARG B 11 1.24 -29.27 -8.94
CA ARG B 11 0.76 -27.99 -8.44
C ARG B 11 -0.73 -28.04 -8.15
N GLN B 12 -1.50 -28.74 -8.98
CA GLN B 12 -2.93 -28.89 -8.71
C GLN B 12 -3.17 -29.73 -7.46
N LYS B 13 -2.38 -30.79 -7.29
CA LYS B 13 -2.49 -31.59 -6.07
C LYS B 13 -2.15 -30.76 -4.83
N LEU B 14 -1.12 -29.92 -4.94
CA LEU B 14 -0.74 -29.06 -3.82
C LEU B 14 -1.81 -28.02 -3.53
N LEU B 15 -2.47 -27.51 -4.58
CA LEU B 15 -3.55 -26.55 -4.37
C LEU B 15 -4.74 -27.23 -3.68
N ALA B 16 -5.05 -28.46 -4.07
CA ALA B 16 -6.12 -29.18 -3.39
C ALA B 16 -5.77 -29.42 -1.92
N LEU B 17 -4.53 -29.83 -1.66
CA LEU B 17 -4.10 -30.03 -0.27
C LEU B 17 -4.14 -28.73 0.52
N LEU B 18 -3.78 -27.61 -0.13
CA LEU B 18 -3.84 -26.32 0.53
C LEU B 18 -5.27 -25.95 0.87
N GLY B 19 -6.21 -26.26 -0.02
CA GLY B 19 -7.61 -26.00 0.27
C GLY B 19 -8.10 -26.84 1.44
N GLN B 20 -7.75 -28.13 1.47
CA GLN B 20 -8.14 -28.97 2.59
C GLN B 20 -7.55 -28.45 3.90
N VAL B 21 -6.28 -28.06 3.89
CA VAL B 21 -5.65 -27.58 5.12
C VAL B 21 -6.24 -26.25 5.56
N GLN B 22 -6.59 -25.38 4.62
CA GLN B 22 -7.24 -24.13 4.99
C GLN B 22 -8.60 -24.40 5.61
N THR B 23 -9.35 -25.35 5.05
CA THR B 23 -10.61 -25.75 5.65
C THR B 23 -10.40 -26.25 7.07
N TYR B 24 -9.37 -27.08 7.27
CA TYR B 24 -9.10 -27.63 8.60
C TYR B 24 -8.75 -26.53 9.58
N VAL B 25 -7.97 -25.53 9.14
CA VAL B 25 -7.63 -24.44 10.03
C VAL B 25 -8.87 -23.61 10.36
N PHE B 26 -9.82 -23.52 9.42
CA PHE B 26 -11.09 -22.87 9.71
C PHE B 26 -11.85 -23.62 10.80
N GLN B 27 -11.95 -24.94 10.66
CA GLN B 27 -12.63 -25.73 11.68
C GLN B 27 -11.94 -25.60 13.04
N ILE B 28 -10.61 -25.52 13.03
CA ILE B 28 -9.86 -25.34 14.28
C ILE B 28 -10.22 -24.00 14.92
N GLU B 29 -10.13 -22.92 14.15
CA GLU B 29 -10.50 -21.62 14.67
C GLU B 29 -11.95 -21.56 15.12
N LEU B 30 -12.80 -22.44 14.60
CA LEU B 30 -14.16 -22.53 15.11
C LEU B 30 -14.23 -23.26 16.44
N LEU B 31 -13.56 -24.41 16.56
CA LEU B 31 -13.61 -25.18 17.80
C LEU B 31 -12.96 -24.45 18.96
N ARG B 32 -12.12 -23.46 18.70
CA ARG B 32 -11.55 -22.66 19.78
C ARG B 32 -12.56 -21.70 20.40
N ARG B 33 -13.82 -21.74 19.95
CA ARG B 33 -14.86 -20.87 20.49
C ARG B 33 -16.14 -21.61 20.83
N CYS B 34 -16.29 -22.87 20.46
CA CYS B 34 -17.48 -23.63 20.80
C CYS B 34 -17.42 -24.10 22.24
N ASP B 35 -18.58 -24.45 22.78
CA ASP B 35 -18.67 -24.96 24.13
C ASP B 35 -17.83 -26.22 24.27
N PRO B 36 -17.04 -26.37 25.33
CA PRO B 36 -16.17 -27.56 25.45
C PRO B 36 -16.92 -28.87 25.41
N HIS B 37 -18.12 -28.92 26.00
CA HIS B 37 -18.89 -30.17 25.99
C HIS B 37 -19.25 -30.59 24.57
N ILE B 38 -19.44 -29.63 23.68
CA ILE B 38 -19.69 -29.96 22.27
C ILE B 38 -18.38 -30.26 21.56
N GLY B 39 -17.32 -29.51 21.87
CA GLY B 39 -16.03 -29.80 21.29
C GLY B 39 -15.54 -31.19 21.62
N ARG B 40 -15.76 -31.64 22.86
CA ARG B 40 -15.39 -32.99 23.25
C ARG B 40 -16.09 -34.04 22.40
N GLY B 41 -17.26 -33.73 21.84
CA GLY B 41 -17.88 -34.65 20.92
C GLY B 41 -17.10 -34.83 19.64
N LYS B 42 -16.41 -33.77 19.20
CA LYS B 42 -15.55 -33.81 18.03
C LYS B 42 -14.10 -34.10 18.39
N LEU B 43 -13.86 -34.73 19.54
CA LEU B 43 -12.51 -35.05 19.98
C LEU B 43 -11.88 -36.12 19.08
N PRO B 44 -12.58 -37.20 18.72
CA PRO B 44 -11.97 -38.15 17.78
C PRO B 44 -11.73 -37.55 16.40
N GLN B 45 -12.64 -36.71 15.91
CA GLN B 45 -12.43 -36.07 14.62
C GLN B 45 -11.22 -35.14 14.66
N LEU B 46 -11.08 -34.36 15.73
CA LEU B 46 -9.94 -33.46 15.85
C LEU B 46 -8.64 -34.22 16.00
N LYS B 47 -8.65 -35.29 16.79
CA LYS B 47 -7.47 -36.15 16.91
C LYS B 47 -7.08 -36.75 15.57
N LEU B 48 -8.06 -37.21 14.79
CA LEU B 48 -7.77 -37.79 13.48
C LEU B 48 -7.24 -36.74 12.51
N ASN B 49 -7.77 -35.52 12.57
CA ASN B 49 -7.28 -34.47 11.70
C ASN B 49 -5.85 -34.07 12.07
N ALA B 50 -5.55 -34.01 13.37
CA ALA B 50 -4.18 -33.72 13.78
C ALA B 50 -3.23 -34.83 13.36
N LEU B 51 -3.69 -36.09 13.46
CA LEU B 51 -2.89 -37.20 12.96
C LEU B 51 -2.65 -37.05 11.45
N GLN B 52 -3.67 -36.63 10.71
CA GLN B 52 -3.54 -36.47 9.27
C GLN B 52 -2.55 -35.36 8.93
N VAL B 53 -2.59 -34.26 9.68
CA VAL B 53 -1.65 -33.17 9.43
C VAL B 53 -0.23 -33.61 9.77
N ARG B 54 -0.06 -34.33 10.88
CA ARG B 54 1.26 -34.87 11.21
C ARG B 54 1.78 -35.76 10.10
N ALA B 55 0.96 -36.68 9.62
CA ALA B 55 1.38 -37.58 8.55
C ALA B 55 1.52 -36.86 7.22
N LEU B 56 0.96 -35.65 7.10
CA LEU B 56 1.10 -34.89 5.87
C LEU B 56 2.49 -34.30 5.74
N ARG B 57 3.09 -33.89 6.86
CA ARG B 57 4.51 -33.63 6.92
C ARG B 57 5.24 -34.98 6.94
N ARG B 58 6.57 -34.95 7.06
CA ARG B 58 7.41 -36.14 7.01
C ARG B 58 7.39 -36.75 5.62
N ARG B 59 6.58 -36.18 4.73
CA ARG B 59 6.63 -36.43 3.29
C ARG B 59 6.91 -35.16 2.53
N LEU B 60 6.17 -34.09 2.80
CA LEU B 60 6.50 -32.78 2.27
C LEU B 60 7.64 -32.13 3.02
N ARG B 61 8.15 -32.76 4.09
CA ARG B 61 9.27 -32.17 4.82
C ARG B 61 10.54 -32.12 3.97
N PRO B 62 11.03 -33.22 3.40
CA PRO B 62 12.22 -33.11 2.55
C PRO B 62 11.97 -32.32 1.29
N GLY B 63 10.79 -32.43 0.69
CA GLY B 63 10.48 -31.63 -0.49
C GLY B 63 10.54 -30.14 -0.21
N LEU B 64 9.84 -29.69 0.82
CA LEU B 64 9.86 -28.28 1.18
C LEU B 64 11.21 -27.84 1.72
N GLU B 65 12.02 -28.76 2.24
CA GLU B 65 13.38 -28.41 2.64
C GLU B 65 14.26 -28.16 1.44
N ALA B 66 14.19 -29.02 0.43
CA ALA B 66 14.92 -28.79 -0.81
C ALA B 66 14.34 -27.65 -1.62
N GLN B 67 13.10 -27.25 -1.33
CA GLN B 67 12.52 -26.08 -2.00
C GLN B 67 12.98 -24.79 -1.33
N ALA B 68 12.96 -24.74 0.00
CA ALA B 68 13.38 -23.53 0.71
C ALA B 68 14.81 -23.14 0.39
N GLY B 69 15.65 -24.08 0.01
CA GLY B 69 17.00 -23.78 -0.40
C GLY B 69 17.18 -23.55 -1.88
N ALA B 70 16.11 -23.62 -2.66
CA ALA B 70 16.19 -23.38 -4.11
C ALA B 70 14.87 -22.76 -4.57
N PHE B 71 14.83 -21.44 -4.63
CA PHE B 71 13.78 -20.68 -5.31
C PHE B 71 12.39 -20.98 -4.74
N LEU B 72 12.18 -20.52 -3.51
CA LEU B 72 10.84 -20.47 -2.95
C LEU B 72 9.87 -19.79 -3.90
N THR B 73 8.60 -20.14 -3.79
CA THR B 73 7.53 -19.58 -4.61
C THR B 73 6.33 -19.31 -3.71
N PRO B 74 5.50 -18.31 -4.06
CA PRO B 74 4.37 -17.95 -3.20
C PRO B 74 3.37 -19.07 -2.95
N LEU B 75 3.53 -20.23 -3.59
CA LEU B 75 2.71 -21.38 -3.26
C LEU B 75 3.26 -22.11 -2.05
N SER B 76 4.50 -22.58 -2.14
CA SER B 76 5.11 -23.37 -1.08
C SER B 76 5.56 -22.52 0.10
N VAL B 77 5.22 -21.24 0.13
CA VAL B 77 5.39 -20.44 1.33
C VAL B 77 4.11 -20.43 2.16
N THR B 78 2.98 -20.13 1.52
CA THR B 78 1.71 -20.25 2.21
C THR B 78 1.43 -21.70 2.61
N LEU B 79 1.87 -22.66 1.80
CA LEU B 79 1.69 -24.05 2.18
C LEU B 79 2.48 -24.39 3.43
N GLU B 80 3.73 -23.91 3.51
CA GLU B 80 4.52 -24.14 4.72
C GLU B 80 3.88 -23.47 5.92
N LEU B 81 3.44 -22.22 5.77
CA LEU B 81 2.82 -21.50 6.89
C LEU B 81 1.57 -22.23 7.37
N LEU B 82 0.75 -22.73 6.46
CA LEU B 82 -0.49 -23.35 6.89
C LEU B 82 -0.26 -24.74 7.46
N LEU B 83 0.65 -25.53 6.86
CA LEU B 83 0.96 -26.83 7.43
C LEU B 83 1.70 -26.72 8.76
N GLU B 84 2.29 -25.56 9.06
CA GLU B 84 2.85 -25.34 10.39
C GLU B 84 1.81 -24.84 11.38
N TYR B 85 0.97 -23.89 10.99
CA TYR B 85 -0.07 -23.40 11.87
C TYR B 85 -1.09 -24.47 12.22
N ALA B 86 -1.39 -25.38 11.30
CA ALA B 86 -2.27 -26.49 11.64
C ALA B 86 -1.61 -27.41 12.64
N TRP B 87 -0.40 -27.87 12.35
CA TRP B 87 0.32 -28.76 13.26
C TRP B 87 0.56 -28.10 14.62
N ARG B 88 0.48 -26.77 14.71
CA ARG B 88 0.64 -26.09 15.98
C ARG B 88 -0.70 -25.98 16.72
N GLU B 89 -1.69 -25.32 16.08
CA GLU B 89 -2.93 -25.01 16.76
C GLU B 89 -3.80 -26.24 16.97
N GLY B 90 -3.73 -27.23 16.08
CA GLY B 90 -4.48 -28.46 16.31
C GLY B 90 -4.05 -29.15 17.58
N GLU B 91 -2.74 -29.34 17.75
CA GLU B 91 -2.24 -29.98 18.96
C GLU B 91 -2.49 -29.11 20.19
N ARG B 92 -2.37 -27.79 20.04
CA ARG B 92 -2.62 -26.91 21.18
C ARG B 92 -4.08 -27.02 21.63
N LEU B 93 -5.01 -26.95 20.70
CA LEU B 93 -6.43 -27.06 21.03
C LEU B 93 -6.77 -28.45 21.56
N LEU B 94 -6.13 -29.48 21.01
CA LEU B 94 -6.38 -30.84 21.51
C LEU B 94 -5.89 -30.98 22.95
N GLY B 95 -4.74 -30.39 23.27
CA GLY B 95 -4.30 -30.36 24.64
C GLY B 95 -5.24 -29.60 25.54
N SER B 96 -5.77 -28.48 25.06
CA SER B 96 -6.71 -27.70 25.85
C SER B 96 -8.05 -28.41 26.02
N LEU B 97 -8.41 -29.30 25.10
CA LEU B 97 -9.64 -30.08 25.22
C LEU B 97 -9.47 -31.30 26.11
N GLU B 98 -8.28 -31.91 26.11
CA GLU B 98 -8.03 -33.03 27.00
C GLU B 98 -7.71 -32.55 28.42
N THR B 99 -7.27 -31.30 28.57
CA THR B 99 -7.23 -30.70 29.89
C THR B 99 -8.64 -30.55 30.45
N PHE B 100 -9.59 -30.17 29.60
CA PHE B 100 -11.00 -30.28 29.94
C PHE B 100 -11.35 -31.75 30.18
N ALA B 101 -12.55 -31.96 30.71
CA ALA B 101 -13.02 -33.24 31.23
C ALA B 101 -12.16 -33.76 32.37
N THR B 102 -11.25 -32.92 32.87
CA THR B 102 -10.51 -33.15 34.10
C THR B 102 -10.78 -32.07 35.12
N ALA B 103 -10.72 -30.81 34.72
CA ALA B 103 -11.14 -29.70 35.57
C ALA B 103 -12.62 -29.38 35.38
N GLY B 104 -13.13 -29.50 34.16
CA GLY B 104 -14.55 -29.34 33.91
C GLY B 104 -15.08 -27.93 34.07
N ASP B 105 -14.27 -26.92 33.73
CA ASP B 105 -14.71 -25.52 33.78
C ASP B 105 -14.50 -24.87 32.42
N VAL B 106 -15.45 -24.04 32.03
CA VAL B 106 -15.43 -23.44 30.69
C VAL B 106 -14.69 -22.10 30.70
N ALA B 107 -14.92 -21.27 31.71
CA ALA B 107 -14.29 -19.95 31.73
C ALA B 107 -12.76 -20.03 31.78
N ALA B 108 -12.21 -21.18 32.11
CA ALA B 108 -10.77 -21.39 32.04
C ALA B 108 -10.35 -22.18 30.81
N PHE B 109 -11.30 -22.59 29.98
CA PHE B 109 -11.00 -23.18 28.69
C PHE B 109 -10.85 -22.12 27.62
N PHE B 110 -11.66 -21.06 27.68
CA PHE B 110 -11.54 -19.95 26.75
C PHE B 110 -10.43 -18.98 27.12
N THR B 111 -9.72 -19.23 28.21
CA THR B 111 -8.49 -18.50 28.49
C THR B 111 -7.25 -19.23 28.00
N GLU B 112 -7.37 -20.54 27.74
CA GLU B 112 -6.27 -21.31 27.16
C GLU B 112 -6.30 -21.22 25.64
N THR B 113 -7.43 -21.60 25.03
CA THR B 113 -7.53 -21.60 23.57
C THR B 113 -7.46 -20.18 23.02
N MET B 114 -8.40 -19.32 23.41
CA MET B 114 -8.41 -17.96 22.89
C MET B 114 -7.22 -17.14 23.36
N GLY B 115 -6.39 -17.68 24.26
CA GLY B 115 -5.19 -17.00 24.68
C GLY B 115 -5.43 -15.69 25.41
N LEU B 116 -6.00 -15.77 26.60
CA LEU B 116 -6.20 -14.60 27.45
C LEU B 116 -5.20 -14.55 28.60
N ALA B 117 -4.29 -15.51 28.69
CA ALA B 117 -3.30 -15.54 29.76
C ALA B 117 -1.88 -15.73 29.21
N ARG B 118 -1.67 -15.47 27.94
CA ARG B 118 -0.38 -15.64 27.31
C ARG B 118 0.47 -14.38 27.46
N PRO B 119 1.79 -14.50 27.34
CA PRO B 119 2.66 -13.31 27.35
C PRO B 119 2.81 -12.66 25.97
N CYS B 120 1.68 -12.49 25.28
CA CYS B 120 1.62 -11.83 23.98
C CYS B 120 2.63 -12.40 22.99
N PRO B 121 2.40 -13.59 22.46
CA PRO B 121 3.38 -14.24 21.59
C PRO B 121 3.45 -13.66 20.18
N TYR B 122 3.57 -12.34 20.09
CA TYR B 122 3.71 -11.63 18.83
C TYR B 122 4.94 -10.73 18.87
N HIS B 123 6.05 -11.25 19.35
CA HIS B 123 7.31 -10.54 19.37
C HIS B 123 8.42 -11.44 18.84
N GLN B 124 9.41 -10.84 18.21
CA GLN B 124 10.51 -11.60 17.62
C GLN B 124 11.73 -10.69 17.52
N ARG B 125 12.90 -11.30 17.34
CA ARG B 125 14.15 -10.60 17.15
C ARG B 125 14.80 -11.06 15.86
N VAL B 126 15.21 -10.12 15.02
CA VAL B 126 15.66 -10.43 13.68
C VAL B 126 17.19 -10.45 13.58
N ARG B 127 17.85 -9.42 14.09
CA ARG B 127 19.31 -9.27 14.07
C ARG B 127 19.89 -9.52 12.67
N LEU B 128 19.53 -8.58 11.78
CA LEU B 128 19.92 -8.60 10.38
C LEU B 128 21.36 -9.07 10.14
N ASP B 129 22.31 -8.58 10.94
CA ASP B 129 23.70 -9.04 10.92
C ASP B 129 24.35 -8.82 9.55
N THR B 130 24.49 -7.54 9.20
CA THR B 130 25.17 -7.15 7.96
C THR B 130 26.68 -7.18 8.16
N TYR B 131 27.42 -6.64 7.19
CA TYR B 131 28.85 -6.39 7.38
C TYR B 131 29.06 -5.13 8.18
N GLY B 132 30.16 -5.08 8.91
CA GLY B 132 30.50 -3.89 9.68
C GLY B 132 29.71 -3.75 10.96
N GLY B 133 28.39 -3.89 10.88
CA GLY B 133 27.54 -3.74 12.03
C GLY B 133 26.28 -4.56 11.96
N THR B 134 25.97 -5.31 13.02
CA THR B 134 24.82 -6.21 13.06
C THR B 134 23.64 -5.47 13.67
N VAL B 135 22.88 -4.78 12.81
CA VAL B 135 21.67 -4.10 13.27
C VAL B 135 20.60 -5.14 13.57
N HIS B 136 19.85 -4.90 14.64
CA HIS B 136 18.80 -5.82 15.07
C HIS B 136 17.48 -5.08 15.21
N MET B 137 16.41 -5.70 14.72
CA MET B 137 15.06 -5.16 14.78
C MET B 137 14.13 -6.20 15.37
N GLU B 138 12.98 -5.75 15.84
CA GLU B 138 11.96 -6.63 16.40
C GLU B 138 10.70 -6.56 15.54
N LEU B 139 10.10 -7.72 15.28
CA LEU B 139 8.94 -7.84 14.40
C LEU B 139 7.70 -7.93 15.27
N CYS B 140 7.03 -6.79 15.47
CA CYS B 140 5.84 -6.73 16.30
C CYS B 140 4.55 -6.83 15.50
N PHE B 141 4.47 -6.21 14.33
CA PHE B 141 3.23 -6.09 13.58
C PHE B 141 3.35 -6.78 12.23
N LEU B 142 2.33 -6.62 11.40
CA LEU B 142 2.37 -7.18 10.06
C LEU B 142 3.19 -6.32 9.12
N HIS B 143 3.00 -4.99 9.19
CA HIS B 143 3.82 -4.10 8.38
C HIS B 143 5.28 -4.13 8.82
N ASP B 144 5.56 -4.63 10.02
CA ASP B 144 6.93 -4.73 10.50
C ASP B 144 7.68 -5.90 9.87
N VAL B 145 6.98 -6.79 9.17
CA VAL B 145 7.65 -7.79 8.35
C VAL B 145 7.93 -7.24 6.96
N GLU B 146 7.02 -6.43 6.42
CA GLU B 146 7.28 -5.76 5.15
C GLU B 146 8.47 -4.82 5.29
N ASN B 147 8.48 -3.99 6.33
CA ASN B 147 9.55 -3.02 6.53
C ASN B 147 10.86 -3.68 6.91
N PHE B 148 10.86 -4.97 7.26
CA PHE B 148 12.12 -5.66 7.47
C PHE B 148 12.58 -6.40 6.23
N LEU B 149 11.65 -6.97 5.46
CA LEU B 149 12.04 -7.63 4.22
C LEU B 149 12.53 -6.61 3.19
N LYS B 150 11.92 -5.43 3.15
CA LYS B 150 12.42 -4.39 2.26
C LYS B 150 13.79 -3.88 2.72
N GLN B 151 14.02 -3.85 4.03
CA GLN B 151 15.34 -3.46 4.53
C GLN B 151 16.39 -4.49 4.18
N LEU B 152 16.06 -5.77 4.33
CA LEU B 152 17.00 -6.83 3.96
C LEU B 152 17.20 -6.90 2.45
N ASN B 153 16.21 -6.45 1.67
CA ASN B 153 16.39 -6.37 0.23
C ASN B 153 17.33 -5.23 -0.13
N TYR B 154 17.15 -4.06 0.48
CA TYR B 154 18.00 -2.93 0.15
C TYR B 154 19.43 -3.16 0.65
N CYS B 155 19.59 -3.78 1.81
CA CYS B 155 20.91 -4.08 2.37
C CYS B 155 21.31 -5.52 2.06
N HIS B 156 21.34 -5.84 0.76
CA HIS B 156 21.70 -7.18 0.32
C HIS B 156 23.14 -7.29 -0.15
N LEU B 157 23.70 -6.22 -0.68
CA LEU B 157 25.11 -6.15 -1.05
C LEU B 157 26.02 -5.96 0.12
N ILE B 158 25.45 -6.02 1.32
CA ILE B 158 26.15 -5.67 2.55
C ILE B 158 25.94 -6.77 3.58
N THR B 159 25.08 -7.74 3.25
CA THR B 159 24.66 -8.77 4.19
C THR B 159 25.16 -10.13 3.74
N PRO B 160 25.79 -10.91 4.60
CA PRO B 160 26.27 -12.23 4.19
C PRO B 160 25.11 -13.14 3.85
N SER B 161 25.41 -14.18 3.07
CA SER B 161 24.37 -15.10 2.64
C SER B 161 23.81 -15.89 3.82
N ARG B 162 24.65 -16.67 4.48
CA ARG B 162 24.18 -17.48 5.60
C ARG B 162 23.91 -16.66 6.86
N GLY B 163 24.05 -15.34 6.79
CA GLY B 163 23.66 -14.49 7.90
C GLY B 163 22.32 -13.85 7.61
N ALA B 164 21.80 -14.09 6.41
CA ALA B 164 20.48 -13.62 6.00
C ALA B 164 19.46 -14.75 5.95
N THR B 165 19.82 -15.89 5.36
CA THR B 165 18.94 -17.05 5.39
C THR B 165 18.84 -17.68 6.77
N ALA B 166 19.53 -17.13 7.76
CA ALA B 166 19.34 -17.49 9.16
C ALA B 166 18.59 -16.41 9.93
N ALA B 167 18.37 -15.25 9.31
CA ALA B 167 17.48 -14.23 9.83
C ALA B 167 16.14 -14.21 9.10
N LEU B 168 15.98 -15.05 8.09
CA LEU B 168 14.68 -15.28 7.47
C LEU B 168 13.95 -16.45 8.10
N GLU B 169 14.68 -17.45 8.58
CA GLU B 169 14.06 -18.49 9.39
C GLU B 169 13.52 -17.93 10.69
N ARG B 170 14.02 -16.77 11.12
CA ARG B 170 13.48 -16.08 12.28
C ARG B 170 12.31 -15.19 11.93
N VAL B 171 12.11 -14.88 10.65
CA VAL B 171 10.93 -14.15 10.22
C VAL B 171 9.78 -15.12 9.96
N ARG B 172 10.09 -16.28 9.38
CA ARG B 172 9.06 -17.29 9.16
C ARG B 172 8.49 -17.81 10.48
N GLU B 173 9.31 -17.89 11.53
CA GLU B 173 8.81 -18.31 12.83
C GLU B 173 7.78 -17.34 13.38
N PHE B 174 7.87 -16.06 12.99
CA PHE B 174 6.86 -15.10 13.39
C PHE B 174 5.65 -15.15 12.47
N MET B 175 5.89 -15.27 11.17
CA MET B 175 4.80 -15.28 10.21
C MET B 175 3.88 -16.49 10.43
N VAL B 176 4.45 -17.62 10.84
CA VAL B 176 3.62 -18.78 11.17
C VAL B 176 2.62 -18.45 12.26
N GLY B 177 3.00 -17.58 13.19
CA GLY B 177 2.11 -17.20 14.27
C GLY B 177 1.14 -16.10 13.91
N ALA B 178 1.58 -15.16 13.07
CA ALA B 178 0.76 -13.99 12.74
C ALA B 178 -0.06 -14.20 11.48
N VAL B 179 0.60 -14.43 10.34
CA VAL B 179 -0.11 -14.65 9.09
C VAL B 179 -0.28 -16.13 8.79
N GLY B 180 0.03 -17.00 9.75
CA GLY B 180 -0.06 -18.42 9.53
C GLY B 180 -1.47 -18.92 9.33
N SER B 181 -2.44 -18.23 9.93
CA SER B 181 -3.83 -18.65 9.79
C SER B 181 -4.36 -18.42 8.39
N GLY B 182 -3.94 -17.31 7.76
CA GLY B 182 -4.38 -16.99 6.42
C GLY B 182 -5.86 -16.74 6.25
N LEU B 183 -6.61 -16.67 7.34
CA LEU B 183 -8.05 -16.55 7.25
C LEU B 183 -8.60 -15.36 8.02
N ILE B 184 -8.00 -15.01 9.15
CA ILE B 184 -8.43 -13.86 9.93
C ILE B 184 -7.20 -13.26 10.59
N VAL B 185 -7.17 -11.93 10.67
CA VAL B 185 -6.04 -11.20 11.23
C VAL B 185 -6.47 -10.61 12.55
N PRO B 186 -5.77 -10.88 13.65
CA PRO B 186 -6.12 -10.27 14.92
C PRO B 186 -5.94 -8.77 14.86
N PRO B 187 -6.82 -8.01 15.51
CA PRO B 187 -6.71 -6.54 15.47
C PRO B 187 -5.41 -6.01 16.07
N GLU B 188 -4.68 -6.82 16.83
CA GLU B 188 -3.42 -6.36 17.41
C GLU B 188 -2.38 -6.09 16.33
N LEU B 189 -2.09 -7.10 15.51
CA LEU B 189 -1.04 -7.00 14.51
C LEU B 189 -1.62 -6.62 13.15
N SER B 190 -2.18 -5.41 13.10
CA SER B 190 -2.66 -4.87 11.84
C SER B 190 -2.76 -3.35 12.00
N ASP B 191 -1.88 -2.63 11.30
CA ASP B 191 -1.89 -1.17 11.30
C ASP B 191 -2.10 -0.70 9.87
N PRO B 192 -3.35 -0.48 9.46
CA PRO B 192 -3.60 -0.06 8.07
C PRO B 192 -3.10 1.34 7.75
N SER B 193 -2.55 2.07 8.71
CA SER B 193 -2.02 3.39 8.41
C SER B 193 -0.70 3.29 7.66
N HIS B 194 0.12 2.31 8.01
CA HIS B 194 1.44 2.17 7.39
C HIS B 194 1.30 1.60 5.99
N PRO B 195 1.73 2.32 4.95
CA PRO B 195 1.58 1.82 3.59
C PRO B 195 2.53 0.66 3.32
N CYS B 196 2.09 -0.23 2.42
CA CYS B 196 2.87 -1.41 2.06
C CYS B 196 3.77 -1.09 0.88
N ALA B 197 4.38 -2.12 0.29
CA ALA B 197 5.28 -1.95 -0.83
C ALA B 197 4.57 -1.92 -2.17
N VAL B 198 3.34 -2.43 -2.24
CA VAL B 198 2.60 -2.44 -3.49
C VAL B 198 1.63 -1.27 -3.59
N CYS B 199 1.30 -0.60 -2.49
CA CYS B 199 0.54 0.64 -2.55
C CYS B 199 1.45 1.85 -2.63
N PHE B 200 2.74 1.66 -2.84
CA PHE B 200 3.64 2.72 -3.27
C PHE B 200 3.72 2.76 -4.78
N GLU B 201 3.59 1.59 -5.43
CA GLU B 201 3.50 1.55 -6.88
C GLU B 201 2.16 2.07 -7.37
N GLU B 202 1.10 1.91 -6.59
CA GLU B 202 -0.19 2.49 -6.95
C GLU B 202 -0.06 3.99 -7.17
N LEU B 203 0.48 4.71 -6.20
CA LEU B 203 0.62 6.15 -6.34
C LEU B 203 1.57 6.51 -7.48
N CYS B 204 2.59 5.69 -7.72
CA CYS B 204 3.51 5.96 -8.82
C CYS B 204 2.86 5.76 -10.18
N VAL B 205 1.84 4.92 -10.28
CA VAL B 205 1.24 4.56 -11.55
C VAL B 205 -0.08 5.29 -11.78
N THR B 206 -0.88 5.47 -10.74
CA THR B 206 -2.12 6.23 -10.89
C THR B 206 -1.80 7.72 -11.07
N ALA B 207 -2.84 8.53 -11.17
CA ALA B 207 -2.71 9.93 -11.53
C ALA B 207 -2.37 10.78 -10.32
N ASN B 208 -1.33 11.60 -10.44
CA ASN B 208 -0.93 12.55 -9.42
C ASN B 208 -1.03 13.96 -9.97
N GLN B 209 -1.75 14.83 -9.26
CA GLN B 209 -1.93 16.21 -9.66
C GLN B 209 -0.96 17.05 -8.84
N GLY B 210 0.27 17.16 -9.34
CA GLY B 210 1.34 17.64 -8.47
C GLY B 210 1.46 16.68 -7.30
N ALA B 211 1.60 17.23 -6.10
CA ALA B 211 1.43 16.47 -4.86
C ALA B 211 2.35 15.25 -4.85
N THR B 212 3.65 15.53 -4.78
CA THR B 212 4.67 14.49 -4.85
C THR B 212 4.35 13.34 -3.90
N ILE B 213 4.83 12.15 -4.27
CA ILE B 213 4.38 10.92 -3.62
C ILE B 213 4.67 10.93 -2.12
N ALA B 214 5.72 11.65 -1.69
CA ALA B 214 6.03 11.73 -0.27
C ALA B 214 4.88 12.30 0.53
N SER B 215 3.99 13.08 -0.08
CA SER B 215 2.84 13.64 0.59
C SER B 215 1.55 12.89 0.31
N ARG B 216 1.47 12.17 -0.82
CA ARG B 216 0.29 11.36 -1.09
C ARG B 216 0.31 10.06 -0.30
N LEU B 217 1.50 9.56 0.05
CA LEU B 217 1.62 8.30 0.76
C LEU B 217 1.13 8.36 2.20
N ALA B 218 0.83 9.55 2.71
CA ALA B 218 0.42 9.71 4.10
C ALA B 218 -1.10 9.73 4.28
N ASP B 219 -1.87 9.61 3.21
CA ASP B 219 -3.31 9.57 3.29
C ASP B 219 -3.84 8.24 2.73
N ARG B 220 -3.21 7.14 3.13
CA ARG B 220 -3.47 5.86 2.50
C ARG B 220 -3.79 4.81 3.56
N ILE B 221 -4.60 3.83 3.18
CA ILE B 221 -4.92 2.72 4.05
C ILE B 221 -4.23 1.43 3.62
N CYS B 222 -3.72 1.38 2.39
CA CYS B 222 -2.78 0.40 1.86
C CYS B 222 -3.39 -0.98 1.59
N ASN B 223 -4.57 -1.26 2.17
CA ASN B 223 -5.55 -2.21 1.65
C ASN B 223 -4.98 -3.49 1.02
N HIS B 224 -3.75 -3.87 1.36
CA HIS B 224 -3.16 -5.00 0.64
C HIS B 224 -2.58 -6.05 1.57
N VAL B 225 -1.99 -5.65 2.70
CA VAL B 225 -1.54 -6.63 3.67
C VAL B 225 -2.69 -7.13 4.52
N THR B 226 -3.85 -6.48 4.43
CA THR B 226 -5.11 -6.94 5.00
C THR B 226 -6.22 -6.53 4.05
N GLN B 227 -7.20 -7.41 3.89
CA GLN B 227 -8.30 -7.17 2.97
C GLN B 227 -9.60 -7.10 3.77
N GLN B 228 -10.74 -7.05 3.07
CA GLN B 228 -12.01 -6.78 3.74
C GLN B 228 -13.06 -7.87 3.60
N ALA B 229 -12.93 -8.76 2.62
CA ALA B 229 -13.66 -10.02 2.57
C ALA B 229 -15.17 -9.87 2.37
N GLN B 230 -15.68 -8.65 2.44
CA GLN B 230 -17.04 -8.29 2.04
C GLN B 230 -18.07 -9.34 2.48
N VAL B 231 -18.16 -9.55 3.79
CA VAL B 231 -19.10 -10.53 4.34
C VAL B 231 -20.49 -9.94 4.36
N ARG B 232 -21.46 -10.70 3.86
CA ARG B 232 -22.87 -10.32 3.89
C ARG B 232 -23.67 -11.41 4.60
N LEU B 233 -24.69 -10.97 5.34
CA LEU B 233 -25.42 -11.88 6.21
C LEU B 233 -26.89 -11.51 6.19
N ASP B 234 -27.74 -12.44 5.78
CA ASP B 234 -29.16 -12.17 5.61
C ASP B 234 -29.83 -11.95 6.97
N ALA B 235 -31.13 -11.65 6.93
CA ALA B 235 -31.86 -11.34 8.16
C ALA B 235 -32.31 -12.60 8.88
N ASN B 236 -33.16 -13.40 8.24
CA ASN B 236 -33.68 -14.62 8.85
C ASN B 236 -32.88 -15.84 8.40
N GLU B 237 -31.60 -15.85 8.79
CA GLU B 237 -30.73 -16.95 8.42
C GLU B 237 -30.99 -18.19 9.27
N LEU B 238 -31.52 -18.01 10.48
CA LEU B 238 -31.78 -19.16 11.34
C LEU B 238 -33.05 -19.88 10.92
N ARG B 239 -34.09 -19.14 10.54
CA ARG B 239 -35.34 -19.76 10.12
C ARG B 239 -35.23 -20.41 8.75
N ARG B 240 -34.39 -19.87 7.87
CA ARG B 240 -34.18 -20.46 6.56
C ARG B 240 -33.67 -21.89 6.69
N TYR B 241 -32.50 -22.06 7.31
CA TYR B 241 -31.82 -23.34 7.37
C TYR B 241 -32.32 -24.25 8.48
N LEU B 242 -33.41 -23.89 9.15
CA LEU B 242 -33.88 -24.75 10.23
C LEU B 242 -34.61 -25.97 9.69
N PRO B 243 -35.53 -25.84 8.71
CA PRO B 243 -36.16 -27.06 8.16
C PRO B 243 -35.21 -27.92 7.34
N HIS B 244 -33.95 -27.50 7.22
CA HIS B 244 -32.95 -28.27 6.49
C HIS B 244 -31.68 -28.33 7.33
N ALA B 245 -31.55 -29.39 8.14
CA ALA B 245 -30.39 -29.57 9.00
C ALA B 245 -29.72 -30.89 8.63
N ALA B 246 -28.52 -31.09 9.20
CA ALA B 246 -27.73 -32.27 8.89
C ALA B 246 -28.46 -33.54 9.32
N GLY B 247 -28.70 -33.69 10.62
CA GLY B 247 -29.47 -34.81 11.12
C GLY B 247 -30.95 -34.47 11.15
N LEU B 248 -31.57 -34.62 12.32
CA LEU B 248 -32.93 -34.17 12.55
C LEU B 248 -33.93 -34.79 11.58
N SER B 249 -33.71 -36.06 11.22
CA SER B 249 -34.62 -36.77 10.34
C SER B 249 -36.01 -36.95 10.92
N ASP B 250 -36.18 -36.73 12.22
CA ASP B 250 -37.46 -36.88 12.89
C ASP B 250 -38.32 -35.65 12.64
N ALA B 251 -39.56 -35.70 13.14
CA ALA B 251 -40.44 -34.55 13.09
C ALA B 251 -40.02 -33.45 14.06
N ASP B 252 -38.94 -33.65 14.81
CA ASP B 252 -38.43 -32.60 15.68
C ASP B 252 -38.05 -31.36 14.89
N ARG B 253 -37.76 -31.51 13.60
CA ARG B 253 -37.53 -30.37 12.72
C ARG B 253 -38.76 -29.49 12.58
N ALA B 254 -39.94 -29.97 12.98
CA ALA B 254 -41.15 -29.17 12.98
C ALA B 254 -41.42 -28.54 14.35
N ARG B 255 -41.23 -29.31 15.43
CA ARG B 255 -41.40 -28.73 16.76
C ARG B 255 -40.34 -27.67 17.05
N ALA B 256 -39.14 -27.83 16.50
CA ALA B 256 -38.12 -26.80 16.64
C ALA B 256 -38.55 -25.50 15.98
N LEU B 257 -39.12 -25.61 14.77
CA LEU B 257 -39.64 -24.42 14.10
C LEU B 257 -40.79 -23.81 14.89
N SER B 258 -41.64 -24.66 15.48
CA SER B 258 -42.73 -24.16 16.31
C SER B 258 -42.21 -23.36 17.50
N VAL B 259 -41.20 -23.89 18.19
CA VAL B 259 -40.63 -23.18 19.33
C VAL B 259 -39.93 -21.90 18.86
N LEU B 260 -39.32 -21.92 17.68
CA LEU B 260 -38.72 -20.70 17.14
C LEU B 260 -39.77 -19.62 16.93
N ASP B 261 -40.88 -19.99 16.29
CA ASP B 261 -41.94 -19.00 16.06
C ASP B 261 -42.55 -18.53 17.36
N HIS B 262 -42.68 -19.44 18.34
CA HIS B 262 -43.23 -19.05 19.63
C HIS B 262 -42.32 -18.08 20.37
N ALA B 263 -41.01 -18.31 20.32
CA ALA B 263 -40.07 -17.42 20.99
C ALA B 263 -39.92 -16.10 20.25
N LEU B 264 -40.10 -16.10 18.92
CA LEU B 264 -40.09 -14.85 18.17
C LEU B 264 -41.34 -14.03 18.49
N ALA B 265 -42.49 -14.68 18.62
CA ALA B 265 -43.70 -13.98 19.00
C ALA B 265 -43.75 -13.68 20.49
N ARG B 266 -42.92 -14.35 21.29
CA ARG B 266 -42.90 -14.12 22.73
C ARG B 266 -42.20 -12.81 23.07
N TYR B 305 -26.55 -2.45 21.87
CA TYR B 305 -25.61 -1.34 21.97
C TYR B 305 -26.10 -0.36 23.03
N ALA B 306 -25.16 0.25 23.76
CA ALA B 306 -25.49 1.23 24.78
C ALA B 306 -25.85 2.54 24.08
N ILE B 307 -27.09 2.60 23.60
CA ILE B 307 -27.54 3.74 22.81
C ILE B 307 -27.68 5.00 23.66
N SER B 308 -27.69 4.87 24.98
CA SER B 308 -27.81 6.00 25.89
C SER B 308 -26.49 6.74 26.09
N GLU B 309 -25.49 6.50 25.24
CA GLU B 309 -24.18 7.09 25.39
C GLU B 309 -23.80 7.99 24.23
N LEU B 310 -24.68 8.14 23.23
CA LEU B 310 -24.35 8.95 22.08
C LEU B 310 -24.31 10.43 22.41
N GLN B 311 -25.10 10.85 23.42
CA GLN B 311 -25.20 12.28 23.72
C GLN B 311 -23.87 12.87 24.18
N PHE B 312 -23.03 12.06 24.83
CA PHE B 312 -21.74 12.55 25.30
C PHE B 312 -20.73 12.74 24.17
N TRP B 313 -21.08 12.37 22.95
CA TRP B 313 -20.28 12.72 21.80
C TRP B 313 -20.56 14.16 21.38
N LEU B 314 -19.68 14.69 20.53
CA LEU B 314 -19.88 16.03 20.02
C LEU B 314 -21.14 16.09 19.18
N ALA B 315 -21.99 17.09 19.44
CA ALA B 315 -23.24 17.26 18.73
C ALA B 315 -23.35 18.72 18.29
N SER B 316 -23.70 18.94 17.03
CA SER B 316 -23.82 20.28 16.48
C SER B 316 -25.27 20.56 16.07
N GLY B 317 -25.52 21.82 15.72
CA GLY B 317 -26.79 22.21 15.17
C GLY B 317 -27.94 22.17 16.16
N ASP B 318 -29.15 22.26 15.59
CA ASP B 318 -30.37 22.27 16.38
C ASP B 318 -30.65 20.89 16.94
N ARG B 319 -31.17 20.86 18.17
CA ARG B 319 -31.52 19.59 18.81
C ARG B 319 -32.97 19.20 18.56
N ALA B 320 -33.88 20.15 18.58
CA ALA B 320 -35.30 19.87 18.36
C ALA B 320 -35.51 19.43 16.92
N GLY B 321 -36.08 18.25 16.74
CA GLY B 321 -36.33 17.68 15.43
C GLY B 321 -35.36 16.54 15.13
N GLN B 322 -35.50 16.00 13.93
CA GLN B 322 -34.63 14.93 13.48
C GLN B 322 -33.19 15.44 13.38
N THR B 323 -32.25 14.58 13.78
CA THR B 323 -30.83 14.88 13.67
C THR B 323 -30.12 13.64 13.14
N THR B 324 -28.85 13.81 12.78
CA THR B 324 -28.03 12.66 12.41
C THR B 324 -27.87 11.71 13.60
N MET B 325 -27.73 12.27 14.80
CA MET B 325 -27.60 11.43 15.99
C MET B 325 -28.88 10.65 16.25
N ASP B 326 -30.04 11.28 16.05
CA ASP B 326 -31.31 10.57 16.23
C ASP B 326 -31.45 9.42 15.24
N ALA B 327 -31.12 9.67 13.97
CA ALA B 327 -31.20 8.61 12.98
C ALA B 327 -30.24 7.48 13.30
N PHE B 328 -29.02 7.82 13.74
CA PHE B 328 -28.05 6.79 14.10
C PHE B 328 -28.54 5.98 15.30
N ALA B 329 -29.16 6.65 16.27
CA ALA B 329 -29.69 5.94 17.43
C ALA B 329 -30.82 5.00 17.04
N SER B 330 -31.70 5.44 16.14
CA SER B 330 -32.78 4.58 15.70
C SER B 330 -32.25 3.37 14.95
N ASN B 331 -31.27 3.58 14.06
CA ASN B 331 -30.70 2.48 13.31
C ASN B 331 -30.01 1.48 14.23
N LEU B 332 -29.24 1.99 15.21
CA LEU B 332 -28.57 1.10 16.14
C LEU B 332 -29.56 0.37 17.03
N THR B 333 -30.68 1.01 17.38
CA THR B 333 -31.71 0.31 18.13
C THR B 333 -32.32 -0.82 17.32
N ALA B 334 -32.58 -0.57 16.04
CA ALA B 334 -33.08 -1.63 15.18
C ALA B 334 -32.09 -2.79 15.11
N LEU B 335 -30.81 -2.48 14.95
CA LEU B 335 -29.78 -3.53 14.88
C LEU B 335 -29.73 -4.32 16.19
N ALA B 336 -29.81 -3.63 17.33
CA ALA B 336 -29.78 -4.32 18.61
C ALA B 336 -31.01 -5.20 18.79
N ARG B 337 -32.16 -4.75 18.30
CA ARG B 337 -33.37 -5.56 18.40
C ARG B 337 -33.25 -6.81 17.54
N ARG B 338 -32.71 -6.68 16.33
CA ARG B 338 -32.50 -7.87 15.50
C ARG B 338 -31.51 -8.83 16.17
N GLU B 339 -30.45 -8.29 16.78
CA GLU B 339 -29.47 -9.14 17.45
C GLU B 339 -30.11 -9.89 18.62
N LEU B 340 -30.92 -9.19 19.42
CA LEU B 340 -31.56 -9.84 20.56
C LEU B 340 -32.56 -10.90 20.11
N GLN B 341 -33.32 -10.61 19.06
CA GLN B 341 -34.26 -11.61 18.54
C GLN B 341 -33.52 -12.85 18.05
N GLN B 342 -32.43 -12.65 17.29
CA GLN B 342 -31.66 -13.79 16.83
C GLN B 342 -31.07 -14.58 17.99
N GLU B 343 -30.62 -13.87 19.03
CA GLU B 343 -30.05 -14.56 20.18
C GLU B 343 -31.08 -15.43 20.88
N THR B 344 -32.27 -14.87 21.14
CA THR B 344 -33.29 -15.63 21.85
C THR B 344 -33.81 -16.78 20.99
N ALA B 345 -33.89 -16.58 19.66
CA ALA B 345 -34.32 -17.66 18.79
C ALA B 345 -33.29 -18.79 18.76
N ALA B 346 -32.00 -18.44 18.73
CA ALA B 346 -30.96 -19.44 18.76
C ALA B 346 -30.99 -20.22 20.08
N VAL B 347 -31.18 -19.53 21.20
CA VAL B 347 -31.25 -20.21 22.48
C VAL B 347 -32.42 -21.17 22.51
N ALA B 348 -33.60 -20.71 22.06
CA ALA B 348 -34.77 -21.57 22.06
C ALA B 348 -34.59 -22.77 21.15
N VAL B 349 -33.95 -22.58 19.99
CA VAL B 349 -33.77 -23.69 19.06
C VAL B 349 -32.80 -24.71 19.63
N GLU B 350 -31.67 -24.26 20.19
CA GLU B 350 -30.73 -25.19 20.80
C GLU B 350 -31.37 -25.93 21.98
N LEU B 351 -32.24 -25.25 22.73
CA LEU B 351 -32.91 -25.91 23.83
C LEU B 351 -33.89 -26.97 23.33
N ALA B 352 -34.65 -26.65 22.29
CA ALA B 352 -35.67 -27.58 21.81
C ALA B 352 -35.08 -28.75 21.02
N LEU B 353 -33.91 -28.56 20.40
CA LEU B 353 -33.36 -29.56 19.51
C LEU B 353 -32.46 -30.56 20.24
N PHE B 354 -31.42 -30.07 20.91
CA PHE B 354 -30.49 -30.94 21.62
C PHE B 354 -30.81 -31.10 23.09
N GLY B 355 -31.48 -30.12 23.69
CA GLY B 355 -31.89 -30.17 25.07
C GLY B 355 -31.08 -29.29 26.01
N ARG B 356 -29.84 -28.97 25.64
CA ARG B 356 -28.95 -28.21 26.49
C ARG B 356 -28.61 -26.88 25.80
N ARG B 357 -28.75 -25.79 26.55
CA ARG B 357 -28.33 -24.48 26.06
C ARG B 357 -26.81 -24.39 26.12
N ALA B 358 -26.17 -24.30 24.96
CA ALA B 358 -24.72 -24.32 24.90
C ALA B 358 -24.15 -22.97 25.33
N GLU B 359 -22.94 -23.00 25.86
CA GLU B 359 -22.22 -21.80 26.28
C GLU B 359 -20.99 -21.65 25.38
N HIS B 360 -21.18 -20.98 24.26
CA HIS B 360 -20.08 -20.69 23.34
C HIS B 360 -19.26 -19.52 23.91
N PHE B 361 -18.29 -19.04 23.14
CA PHE B 361 -17.44 -17.97 23.64
C PHE B 361 -18.25 -16.69 23.87
N ASP B 362 -19.16 -16.35 22.96
CA ASP B 362 -19.93 -15.12 23.10
C ASP B 362 -20.92 -15.17 24.24
N ARG B 363 -21.14 -16.34 24.85
CA ARG B 363 -22.03 -16.46 26.00
C ARG B 363 -21.28 -16.68 27.30
N ALA B 364 -20.26 -17.55 27.31
CA ALA B 364 -19.47 -17.75 28.52
C ALA B 364 -18.83 -16.45 28.99
N PHE B 365 -18.47 -15.58 28.04
CA PHE B 365 -17.95 -14.26 28.37
C PHE B 365 -18.97 -13.16 28.05
N GLY B 366 -20.25 -13.51 28.01
CA GLY B 366 -21.28 -12.55 27.66
C GLY B 366 -21.42 -11.40 28.63
N SER B 367 -20.97 -11.58 29.87
CA SER B 367 -21.01 -10.49 30.84
C SER B 367 -20.15 -9.32 30.38
N HIS B 368 -19.04 -9.60 29.70
CA HIS B 368 -18.17 -8.55 29.20
C HIS B 368 -18.71 -7.89 27.93
N LEU B 369 -19.73 -8.47 27.30
CA LEU B 369 -20.41 -7.79 26.20
C LEU B 369 -21.49 -6.84 26.67
N ALA B 370 -21.82 -6.85 27.97
CA ALA B 370 -22.79 -5.89 28.49
C ALA B 370 -22.13 -4.57 28.86
N ALA B 371 -21.13 -4.63 29.74
CA ALA B 371 -20.40 -3.45 30.18
C ALA B 371 -19.42 -3.03 29.09
N LEU B 372 -19.98 -2.52 27.99
CA LEU B 372 -19.22 -2.14 26.82
C LEU B 372 -19.65 -0.75 26.37
N ASP B 373 -18.68 0.14 26.17
CA ASP B 373 -18.97 1.50 25.73
C ASP B 373 -19.56 1.50 24.32
N MET B 374 -19.96 2.67 23.83
CA MET B 374 -20.54 2.74 22.49
C MET B 374 -19.50 2.36 21.43
N VAL B 375 -18.27 2.82 21.58
CA VAL B 375 -17.26 2.55 20.57
C VAL B 375 -16.69 1.15 20.73
N ASP B 376 -16.40 0.74 21.97
CA ASP B 376 -15.88 -0.60 22.20
C ASP B 376 -16.88 -1.69 21.84
N ALA B 377 -18.17 -1.34 21.78
CA ALA B 377 -19.19 -2.28 21.32
C ALA B 377 -19.67 -2.00 19.91
N LEU B 378 -19.18 -0.93 19.28
CA LEU B 378 -19.40 -0.69 17.88
C LEU B 378 -18.32 -1.33 17.01
N ILE B 379 -17.08 -1.31 17.49
CA ILE B 379 -16.00 -2.01 16.78
C ILE B 379 -16.29 -3.50 16.71
N ILE B 380 -16.37 -4.15 17.88
CA ILE B 380 -16.76 -5.54 17.95
C ILE B 380 -18.28 -5.58 17.95
N GLY B 381 -18.85 -6.76 17.79
CA GLY B 381 -20.28 -6.94 17.96
C GLY B 381 -20.98 -7.25 16.66
N GLY B 382 -22.23 -7.69 16.80
CA GLY B 382 -23.05 -8.03 15.66
C GLY B 382 -22.77 -9.42 15.11
N GLN B 383 -22.94 -10.43 15.95
CA GLN B 383 -22.87 -11.81 15.47
C GLN B 383 -24.15 -12.24 14.77
N ALA B 384 -25.23 -11.47 14.93
CA ALA B 384 -26.47 -11.69 14.20
C ALA B 384 -26.52 -10.87 12.93
N THR B 385 -26.16 -9.58 13.03
CA THR B 385 -26.05 -8.72 11.86
C THR B 385 -24.68 -8.90 11.23
N SER B 386 -24.32 -8.01 10.33
CA SER B 386 -23.02 -8.05 9.68
C SER B 386 -22.29 -6.73 9.89
N PRO B 387 -20.95 -6.73 9.86
CA PRO B 387 -20.22 -5.46 9.97
C PRO B 387 -20.51 -4.51 8.82
N ASP B 388 -21.15 -4.97 7.76
CA ASP B 388 -21.64 -4.07 6.73
C ASP B 388 -22.97 -3.45 7.10
N ASP B 389 -23.74 -4.09 7.98
CA ASP B 389 -25.00 -3.51 8.41
C ASP B 389 -24.77 -2.28 9.28
N GLN B 390 -23.65 -2.22 10.00
CA GLN B 390 -23.34 -1.02 10.76
C GLN B 390 -22.97 0.15 9.84
N ILE B 391 -22.23 -0.14 8.77
CA ILE B 391 -21.94 0.89 7.77
C ILE B 391 -23.24 1.35 7.11
N GLU B 392 -24.16 0.42 6.86
CA GLU B 392 -25.45 0.78 6.30
C GLU B 392 -26.24 1.67 7.26
N ALA B 393 -26.23 1.33 8.55
CA ALA B 393 -26.91 2.12 9.55
C ALA B 393 -26.30 3.50 9.73
N LEU B 394 -25.01 3.64 9.46
CA LEU B 394 -24.37 4.95 9.53
C LEU B 394 -24.67 5.79 8.29
N ILE B 395 -24.60 5.17 7.11
CA ILE B 395 -24.85 5.90 5.88
C ILE B 395 -26.30 6.31 5.77
N ARG B 396 -27.23 5.42 6.14
CA ARG B 396 -28.64 5.78 6.16
C ARG B 396 -28.95 6.90 7.14
N ALA B 397 -28.08 7.15 8.11
CA ALA B 397 -28.23 8.25 9.04
C ALA B 397 -27.62 9.54 8.52
N CYS B 398 -26.47 9.46 7.84
CA CYS B 398 -25.83 10.67 7.35
C CYS B 398 -26.37 11.16 6.01
N TYR B 399 -27.17 10.37 5.31
CA TYR B 399 -27.63 10.72 3.97
C TYR B 399 -29.15 10.56 3.90
N ASP B 400 -29.86 11.67 3.99
CA ASP B 400 -31.31 11.69 3.83
C ASP B 400 -31.66 12.57 2.64
N HIS B 401 -32.96 12.70 2.36
CA HIS B 401 -33.41 13.47 1.21
C HIS B 401 -33.24 14.97 1.42
N HIS B 402 -32.89 15.41 2.62
CA HIS B 402 -32.80 16.84 2.92
C HIS B 402 -31.38 17.38 2.87
N LEU B 403 -30.39 16.58 2.48
CA LEU B 403 -29.00 17.02 2.55
C LEU B 403 -28.73 18.23 1.66
N THR B 404 -28.80 18.05 0.35
CA THR B 404 -28.58 19.12 -0.62
C THR B 404 -28.75 18.54 -2.02
N THR B 405 -28.91 19.44 -2.99
CA THR B 405 -28.86 19.07 -4.40
C THR B 405 -27.41 18.82 -4.78
N PRO B 406 -26.54 19.82 -4.59
CA PRO B 406 -25.10 19.57 -4.78
C PRO B 406 -24.52 18.78 -3.63
N LEU B 407 -23.21 18.56 -3.62
CA LEU B 407 -22.49 17.86 -2.55
C LEU B 407 -23.09 16.48 -2.26
N LEU B 408 -23.94 15.98 -3.16
CA LEU B 408 -24.54 14.68 -3.01
C LEU B 408 -24.32 13.87 -4.28
N ARG B 409 -24.28 14.58 -5.42
CA ARG B 409 -24.04 13.92 -6.70
C ARG B 409 -22.56 13.63 -6.91
N ARG B 410 -21.68 14.39 -6.25
CA ARG B 410 -20.25 14.15 -6.40
C ARG B 410 -19.82 12.88 -5.68
N LEU B 411 -20.55 12.47 -4.64
CA LEU B 411 -20.25 11.20 -3.98
C LEU B 411 -20.77 10.03 -4.78
N VAL B 412 -22.00 10.13 -5.28
CA VAL B 412 -22.58 9.03 -6.05
C VAL B 412 -21.95 8.90 -7.44
N SER B 413 -21.17 9.89 -7.86
CA SER B 413 -20.49 9.84 -9.16
C SER B 413 -19.29 10.76 -9.12
N PRO B 414 -18.19 10.33 -8.48
CA PRO B 414 -16.97 11.15 -8.47
C PRO B 414 -16.26 11.23 -9.82
N GLU B 415 -16.81 10.63 -10.87
CA GLU B 415 -16.22 10.78 -12.20
C GLU B 415 -16.87 11.90 -12.98
N GLN B 416 -18.19 12.06 -12.86
CA GLN B 416 -18.87 13.13 -13.57
C GLN B 416 -18.46 14.50 -13.05
N CYS B 417 -18.10 14.56 -11.76
CA CYS B 417 -17.61 15.81 -11.21
C CYS B 417 -16.31 16.24 -11.89
N ASP B 418 -15.35 15.32 -12.01
CA ASP B 418 -14.09 15.69 -12.64
C ASP B 418 -14.27 15.91 -14.14
N GLU B 419 -15.20 15.19 -14.78
CA GLU B 419 -15.49 15.44 -16.18
C GLU B 419 -16.06 16.84 -16.39
N GLU B 420 -17.02 17.23 -15.56
CA GLU B 420 -17.56 18.59 -15.63
C GLU B 420 -16.49 19.63 -15.35
N ALA B 421 -15.57 19.33 -14.42
CA ALA B 421 -14.48 20.25 -14.15
C ALA B 421 -13.56 20.40 -15.35
N LEU B 422 -13.31 19.29 -16.06
CA LEU B 422 -12.51 19.37 -17.28
C LEU B 422 -13.22 20.19 -18.36
N ARG B 423 -14.53 19.99 -18.52
CA ARG B 423 -15.28 20.80 -19.46
C ARG B 423 -15.19 22.28 -19.10
N ARG B 424 -15.35 22.60 -17.82
CA ARG B 424 -15.27 24.00 -17.39
C ARG B 424 -13.90 24.59 -17.63
N VAL B 425 -12.84 23.82 -17.35
CA VAL B 425 -11.48 24.30 -17.58
C VAL B 425 -11.25 24.55 -19.07
N LEU B 426 -11.71 23.62 -19.92
CA LEU B 426 -11.53 23.79 -21.35
C LEU B 426 -12.30 24.99 -21.88
N ALA B 427 -13.51 25.21 -21.37
CA ALA B 427 -14.31 26.34 -21.82
C ALA B 427 -13.71 27.67 -21.35
N ARG B 428 -13.16 27.70 -20.13
CA ARG B 428 -12.56 28.93 -19.63
C ARG B 428 -11.26 29.24 -20.34
N MET B 429 -10.47 28.21 -20.68
CA MET B 429 -9.21 28.40 -21.38
C MET B 429 -9.40 28.58 -22.88
N GLY B 430 -10.59 28.28 -23.41
CA GLY B 430 -10.83 28.56 -24.82
C GLY B 430 -10.96 30.03 -25.12
N ALA B 431 -11.74 30.75 -24.31
CA ALA B 431 -11.93 32.18 -24.48
C ALA B 431 -12.29 32.85 -23.16
N GLY B 477 -14.23 51.83 16.67
CA GLY B 477 -13.32 52.91 17.02
C GLY B 477 -13.89 53.83 18.08
N GLY B 478 -13.18 53.94 19.21
CA GLY B 478 -13.62 54.79 20.30
C GLY B 478 -14.79 54.21 21.07
N GLN B 479 -15.08 54.78 22.24
CA GLN B 479 -16.20 54.38 23.09
C GLN B 479 -16.08 52.90 23.46
N GLY B 480 -15.02 52.62 24.23
CA GLY B 480 -14.75 51.28 24.68
C GLY B 480 -15.62 50.88 25.87
N PRO B 481 -16.53 49.93 25.66
CA PRO B 481 -17.46 49.54 26.72
C PRO B 481 -16.87 48.49 27.65
N GLU B 482 -17.31 48.54 28.91
CA GLU B 482 -16.84 47.60 29.92
C GLU B 482 -17.85 46.51 30.24
N THR B 483 -19.14 46.86 30.28
CA THR B 483 -20.16 45.93 30.74
C THR B 483 -20.45 44.86 29.70
N TRP B 484 -21.37 43.96 30.05
CA TRP B 484 -21.69 42.83 29.20
C TRP B 484 -22.53 43.22 27.99
N GLY B 485 -23.47 44.16 28.18
CA GLY B 485 -24.47 44.45 27.16
C GLY B 485 -23.91 44.83 25.81
N ASP B 486 -22.63 45.22 25.74
CA ASP B 486 -22.02 45.65 24.50
C ASP B 486 -21.04 44.63 23.93
N ILE B 487 -20.13 44.11 24.75
CA ILE B 487 -19.19 43.09 24.27
C ILE B 487 -19.95 41.83 23.89
N ALA B 488 -20.98 41.47 24.66
CA ALA B 488 -21.79 40.30 24.32
C ALA B 488 -22.51 40.51 22.99
N THR B 489 -23.03 41.72 22.76
CA THR B 489 -23.75 41.99 21.52
C THR B 489 -22.81 41.96 20.33
N GLN B 490 -21.61 42.54 20.48
CA GLN B 490 -20.67 42.52 19.35
C GLN B 490 -20.17 41.11 19.06
N ALA B 491 -19.95 40.31 20.11
CA ALA B 491 -19.55 38.93 19.89
C ALA B 491 -20.68 38.14 19.23
N ALA B 492 -21.93 38.38 19.65
CA ALA B 492 -23.06 37.73 19.03
C ALA B 492 -23.18 38.11 17.55
N ALA B 493 -22.97 39.37 17.21
CA ALA B 493 -22.99 39.76 15.80
C ALA B 493 -21.85 39.10 15.02
N ASP B 494 -20.65 39.05 15.61
CA ASP B 494 -19.52 38.43 14.91
C ASP B 494 -19.77 36.95 14.65
N VAL B 495 -20.27 36.23 15.66
CA VAL B 495 -20.56 34.81 15.44
C VAL B 495 -21.75 34.64 14.51
N ARG B 496 -22.70 35.57 14.50
CA ARG B 496 -23.80 35.48 13.55
C ARG B 496 -23.30 35.59 12.12
N GLU B 497 -22.30 36.45 11.89
CA GLU B 497 -21.69 36.52 10.56
C GLU B 497 -20.89 35.25 10.25
N ARG B 498 -20.06 34.80 11.19
CA ARG B 498 -19.11 33.74 10.89
C ARG B 498 -19.76 32.36 10.83
N ARG B 499 -20.86 32.11 11.53
CA ARG B 499 -21.56 30.84 11.39
C ARG B 499 -22.19 30.68 10.03
N ARG B 500 -22.56 31.78 9.38
CA ARG B 500 -23.04 31.74 8.01
C ARG B 500 -21.90 31.77 7.01
N LEU B 501 -20.78 32.38 7.37
CA LEU B 501 -19.63 32.45 6.45
C LEU B 501 -19.18 31.05 6.02
N TYR B 502 -18.75 30.23 6.98
CA TYR B 502 -18.26 28.90 6.62
C TYR B 502 -19.40 28.00 6.15
N ALA B 503 -20.62 28.22 6.65
CA ALA B 503 -21.76 27.47 6.13
C ALA B 503 -21.95 27.72 4.64
N ASP B 504 -21.67 28.94 4.18
CA ASP B 504 -21.70 29.20 2.75
C ASP B 504 -20.41 28.75 2.06
N ARG B 505 -19.32 28.59 2.82
CA ARG B 505 -18.13 27.99 2.23
C ARG B 505 -18.36 26.52 1.92
N LEU B 506 -18.91 25.76 2.87
CA LEU B 506 -19.12 24.33 2.68
C LEU B 506 -20.14 24.00 1.60
N THR B 507 -20.87 24.99 1.08
CA THR B 507 -21.91 24.74 0.10
C THR B 507 -21.59 25.32 -1.26
N LYS B 508 -21.10 26.57 -1.32
CA LYS B 508 -20.77 27.17 -2.60
C LYS B 508 -19.39 26.72 -3.08
N ARG B 509 -18.36 26.98 -2.30
CA ARG B 509 -17.02 26.53 -2.61
C ARG B 509 -16.74 25.20 -1.90
N SER B 510 -15.48 24.78 -1.91
CA SER B 510 -15.02 23.64 -1.11
C SER B 510 -15.79 22.35 -1.41
N LEU B 511 -16.23 22.16 -2.65
CA LEU B 511 -16.84 20.89 -3.01
C LEU B 511 -15.78 19.84 -3.30
N ALA B 512 -14.69 20.22 -3.94
CA ALA B 512 -13.62 19.27 -4.24
C ALA B 512 -12.94 18.79 -2.97
N SER B 513 -12.89 19.63 -1.94
CA SER B 513 -12.27 19.23 -0.69
C SER B 513 -13.19 18.35 0.14
N LEU B 514 -14.50 18.66 0.14
CA LEU B 514 -15.43 17.84 0.89
C LEU B 514 -15.63 16.47 0.24
N GLY B 515 -15.69 16.44 -1.10
CA GLY B 515 -15.80 15.18 -1.80
C GLY B 515 -14.61 14.27 -1.61
N ARG B 516 -13.49 14.80 -1.13
CA ARG B 516 -12.35 13.98 -0.76
C ARG B 516 -12.36 13.63 0.73
N CYS B 517 -12.69 14.60 1.58
CA CYS B 517 -12.71 14.34 3.02
C CYS B 517 -13.73 13.26 3.37
N VAL B 518 -14.92 13.32 2.79
CA VAL B 518 -15.94 12.33 3.14
C VAL B 518 -15.61 10.96 2.55
N ARG B 519 -15.12 10.92 1.31
CA ARG B 519 -14.73 9.64 0.72
C ARG B 519 -13.47 9.07 1.34
N GLU B 520 -12.74 9.85 2.13
CA GLU B 520 -11.61 9.32 2.88
C GLU B 520 -12.04 8.84 4.26
N GLN B 521 -12.89 9.59 4.96
CA GLN B 521 -13.38 9.13 6.25
C GLN B 521 -14.24 7.88 6.10
N ARG B 522 -14.98 7.76 5.00
CA ARG B 522 -15.79 6.55 4.80
C ARG B 522 -14.89 5.34 4.58
N GLY B 523 -13.81 5.48 3.82
CA GLY B 523 -12.87 4.38 3.67
C GLY B 523 -12.20 4.02 4.97
N GLU B 524 -11.75 5.03 5.74
CA GLU B 524 -11.13 4.78 7.02
C GLU B 524 -12.10 4.13 8.00
N LEU B 525 -13.40 4.31 7.80
CA LEU B 525 -14.38 3.62 8.64
C LEU B 525 -14.58 2.17 8.19
N GLU B 526 -14.90 1.98 6.91
CA GLU B 526 -15.13 0.62 6.41
C GLU B 526 -13.92 -0.28 6.62
N LYS B 527 -12.70 0.28 6.62
CA LYS B 527 -11.54 -0.56 6.90
C LYS B 527 -11.50 -0.98 8.36
N MET B 528 -12.11 -0.20 9.25
CA MET B 528 -12.07 -0.52 10.67
C MET B 528 -13.22 -1.43 11.08
N LEU B 529 -14.37 -1.32 10.41
CA LEU B 529 -15.54 -2.11 10.82
C LEU B 529 -15.65 -3.44 10.09
N ARG B 530 -15.34 -3.48 8.80
CA ARG B 530 -15.49 -4.71 8.03
C ARG B 530 -14.52 -5.78 8.53
N VAL B 531 -14.90 -7.04 8.32
CA VAL B 531 -14.10 -8.17 8.77
C VAL B 531 -12.86 -8.27 7.88
N SER B 532 -11.70 -8.00 8.45
CA SER B 532 -10.44 -8.04 7.71
C SER B 532 -9.82 -9.43 7.82
N VAL B 533 -9.38 -9.99 6.70
CA VAL B 533 -8.96 -11.38 6.72
C VAL B 533 -7.45 -11.53 6.66
N HIS B 534 -6.84 -11.22 5.52
CA HIS B 534 -5.39 -11.31 5.34
C HIS B 534 -5.07 -10.89 3.92
N GLY B 535 -3.83 -10.46 3.71
CA GLY B 535 -3.40 -10.05 2.39
C GLY B 535 -2.33 -10.92 1.81
N GLU B 536 -2.23 -10.96 0.49
CA GLU B 536 -1.29 -11.81 -0.22
C GLU B 536 0.09 -11.19 -0.38
N VAL B 537 0.40 -10.15 0.39
CA VAL B 537 1.67 -9.45 0.20
C VAL B 537 2.81 -10.19 0.88
N LEU B 538 2.68 -10.44 2.19
CA LEU B 538 3.80 -11.00 2.96
C LEU B 538 4.33 -12.30 2.38
N PRO B 539 3.52 -13.32 2.09
CA PRO B 539 4.09 -14.56 1.53
C PRO B 539 4.59 -14.41 0.11
N ALA B 540 4.46 -13.24 -0.51
CA ALA B 540 5.03 -13.00 -1.83
C ALA B 540 6.36 -12.26 -1.73
N THR B 541 6.41 -11.18 -0.96
CA THR B 541 7.68 -10.48 -0.77
C THR B 541 8.67 -11.31 0.01
N PHE B 542 8.21 -12.14 0.95
CA PHE B 542 9.13 -13.05 1.62
C PHE B 542 9.83 -13.95 0.63
N ALA B 543 9.07 -14.56 -0.29
CA ALA B 543 9.68 -15.42 -1.29
C ALA B 543 10.60 -14.62 -2.21
N ALA B 544 10.16 -13.43 -2.63
CA ALA B 544 10.97 -12.64 -3.54
C ALA B 544 12.30 -12.24 -2.93
N VAL B 545 12.31 -11.98 -1.61
CA VAL B 545 13.57 -11.64 -0.94
C VAL B 545 14.42 -12.88 -0.73
N ALA B 546 13.81 -13.96 -0.24
CA ALA B 546 14.59 -15.15 0.10
C ALA B 546 15.19 -15.80 -1.13
N ASN B 547 14.57 -15.62 -2.30
CA ASN B 547 15.09 -16.28 -3.50
C ASN B 547 16.45 -15.73 -3.89
N GLY B 548 16.67 -14.44 -3.68
CA GLY B 548 17.98 -13.86 -4.00
C GLY B 548 19.09 -14.49 -3.18
N PHE B 549 18.92 -14.54 -1.87
CA PHE B 549 19.96 -15.11 -1.02
C PHE B 549 20.09 -16.61 -1.25
N ALA B 550 18.98 -17.30 -1.52
CA ALA B 550 19.06 -18.72 -1.85
C ALA B 550 19.89 -18.94 -3.10
N ALA B 551 19.65 -18.15 -4.14
CA ALA B 551 20.41 -18.29 -5.38
C ALA B 551 21.87 -17.93 -5.19
N ARG B 552 22.15 -16.94 -4.36
CA ARG B 552 23.54 -16.55 -4.13
C ARG B 552 24.29 -17.67 -3.39
N ALA B 553 23.69 -18.22 -2.34
CA ALA B 553 24.31 -19.32 -1.62
C ALA B 553 24.40 -20.58 -2.49
N ARG B 554 23.50 -20.72 -3.44
CA ARG B 554 23.54 -21.86 -4.35
C ARG B 554 24.66 -21.72 -5.37
N PHE B 555 24.88 -20.51 -5.86
CA PHE B 555 25.97 -20.28 -6.80
C PHE B 555 27.32 -20.34 -6.11
N CYS B 556 27.38 -19.96 -4.83
CA CYS B 556 28.63 -20.06 -4.09
C CYS B 556 29.09 -21.51 -3.95
N ALA B 557 28.14 -22.44 -3.83
CA ALA B 557 28.48 -23.84 -3.57
C ALA B 557 28.39 -24.72 -4.80
N LEU B 558 27.73 -24.28 -5.86
CA LEU B 558 27.65 -25.06 -7.09
C LEU B 558 28.91 -24.95 -7.93
N THR B 559 29.68 -23.88 -7.78
CA THR B 559 30.90 -23.69 -8.52
C THR B 559 32.11 -24.33 -7.85
N ALA B 560 32.08 -24.49 -6.53
CA ALA B 560 33.15 -25.21 -5.85
C ALA B 560 33.31 -26.61 -6.42
N GLY B 561 32.21 -27.26 -6.76
CA GLY B 561 32.24 -28.51 -7.48
C GLY B 561 32.12 -28.27 -8.97
N ALA B 562 33.26 -28.18 -9.65
CA ALA B 562 33.30 -27.87 -11.08
C ALA B 562 34.52 -28.56 -11.67
N GLY B 563 34.97 -28.09 -12.82
CA GLY B 563 36.16 -28.65 -13.43
C GLY B 563 37.40 -28.06 -12.79
N THR B 564 38.35 -27.62 -13.59
CA THR B 564 39.56 -27.02 -13.04
C THR B 564 39.20 -25.70 -12.35
N VAL B 565 39.46 -25.63 -11.06
CA VAL B 565 39.27 -24.39 -10.29
C VAL B 565 40.62 -23.72 -10.12
N ILE B 566 40.62 -22.40 -10.18
CA ILE B 566 41.86 -21.62 -10.18
C ILE B 566 41.83 -20.65 -9.02
N ASP B 567 41.25 -21.07 -7.89
CA ASP B 567 41.11 -20.24 -6.69
C ASP B 567 42.38 -19.44 -6.41
N ASN B 568 42.22 -18.12 -6.36
CA ASN B 568 43.35 -17.20 -6.26
C ASN B 568 43.33 -16.41 -4.95
N ARG B 569 42.54 -16.85 -3.98
CA ARG B 569 42.52 -16.16 -2.69
C ARG B 569 43.84 -16.31 -1.95
N SER B 570 44.65 -17.31 -2.30
CA SER B 570 46.02 -17.42 -1.83
C SER B 570 46.94 -16.80 -2.87
N ALA B 571 47.82 -15.89 -2.43
CA ALA B 571 48.63 -15.07 -3.33
C ALA B 571 50.11 -15.34 -3.10
N PRO B 572 50.64 -16.46 -3.61
CA PRO B 572 52.08 -16.67 -3.56
C PRO B 572 52.81 -15.89 -4.66
N GLY B 573 52.16 -15.76 -5.82
CA GLY B 573 52.75 -15.07 -6.95
C GLY B 573 51.76 -14.23 -7.73
N VAL B 574 50.73 -13.73 -7.04
CA VAL B 574 49.67 -13.00 -7.72
C VAL B 574 49.89 -11.48 -7.69
N PHE B 575 50.70 -10.98 -6.76
CA PHE B 575 50.97 -9.54 -6.70
C PHE B 575 51.48 -9.02 -8.03
N ASP B 576 52.37 -9.76 -8.67
CA ASP B 576 52.92 -9.33 -9.96
C ASP B 576 51.81 -9.16 -10.99
N ALA B 577 50.98 -10.19 -11.16
CA ALA B 577 49.93 -10.15 -12.17
C ALA B 577 48.80 -9.20 -11.79
N HIS B 578 48.64 -8.88 -10.51
CA HIS B 578 47.66 -7.87 -10.13
C HIS B 578 48.16 -6.47 -10.46
N ARG B 579 49.41 -6.18 -10.09
CA ARG B 579 49.95 -4.85 -10.32
C ARG B 579 50.14 -4.57 -11.80
N PHE B 580 50.57 -5.58 -12.57
CA PHE B 580 50.69 -5.41 -14.01
C PHE B 580 49.38 -5.00 -14.64
N MET B 581 48.30 -5.74 -14.34
CA MET B 581 47.01 -5.43 -14.93
C MET B 581 46.45 -4.11 -14.43
N ARG B 582 46.64 -3.81 -13.15
CA ARG B 582 46.15 -2.54 -12.63
C ARG B 582 46.84 -1.38 -13.32
N ALA B 583 48.16 -1.50 -13.57
CA ALA B 583 48.87 -0.44 -14.29
C ALA B 583 48.42 -0.36 -15.74
N SER B 584 48.22 -1.51 -16.39
CA SER B 584 47.83 -1.52 -17.78
C SER B 584 46.40 -1.04 -18.01
N LEU B 585 45.57 -1.05 -16.96
CA LEU B 585 44.21 -0.54 -17.08
C LEU B 585 44.08 0.90 -16.61
N LEU B 586 44.83 1.30 -15.59
CA LEU B 586 44.77 2.69 -15.12
C LEU B 586 45.43 3.66 -16.09
N ARG B 587 45.93 3.18 -17.23
CA ARG B 587 46.59 4.03 -18.20
C ARG B 587 45.62 4.65 -19.21
N HIS B 588 44.34 4.27 -19.16
CA HIS B 588 43.35 4.73 -20.12
C HIS B 588 42.25 5.49 -19.41
N GLN B 589 41.65 6.42 -20.14
CA GLN B 589 40.53 7.20 -19.62
C GLN B 589 39.23 6.39 -19.76
N VAL B 590 38.19 6.88 -19.08
CA VAL B 590 36.95 6.12 -18.96
C VAL B 590 36.07 6.21 -20.21
N ASP B 591 36.52 6.94 -21.24
CA ASP B 591 35.76 7.08 -22.49
C ASP B 591 34.38 7.67 -22.22
N PRO B 592 34.30 8.98 -21.94
CA PRO B 592 33.04 9.56 -21.43
C PRO B 592 31.83 9.38 -22.34
N ALA B 593 32.01 8.76 -23.50
CA ALA B 593 30.87 8.38 -24.33
C ALA B 593 30.21 7.09 -23.85
N LEU B 594 30.75 6.45 -22.80
CA LEU B 594 30.23 5.19 -22.29
C LEU B 594 29.64 5.32 -20.90
N LEU B 595 29.53 6.53 -20.37
CA LEU B 595 29.08 6.75 -19.00
C LEU B 595 27.62 6.34 -18.78
N PRO B 596 26.71 6.47 -19.76
CA PRO B 596 25.37 5.92 -19.54
C PRO B 596 25.35 4.40 -19.45
N SER B 597 26.09 3.71 -20.31
CA SER B 597 26.18 2.26 -20.25
C SER B 597 26.90 1.77 -19.01
N ILE B 598 27.52 2.66 -18.25
CA ILE B 598 28.11 2.30 -16.96
C ILE B 598 27.16 2.63 -15.82
N THR B 599 26.48 3.76 -15.89
CA THR B 599 25.51 4.11 -14.87
C THR B 599 24.36 3.09 -14.84
N HIS B 600 23.98 2.59 -16.01
CA HIS B 600 22.92 1.58 -16.05
C HIS B 600 23.38 0.28 -15.40
N ARG B 601 24.58 -0.19 -15.74
CA ARG B 601 25.08 -1.42 -15.13
C ARG B 601 25.48 -1.23 -13.68
N PHE B 602 25.54 0.01 -13.20
CA PHE B 602 25.72 0.23 -11.77
C PHE B 602 24.39 0.18 -11.03
N PHE B 603 23.38 0.86 -11.57
CA PHE B 603 22.06 0.78 -10.96
C PHE B 603 21.46 -0.61 -11.09
N GLU B 604 21.99 -1.45 -11.98
CA GLU B 604 21.50 -2.82 -12.10
C GLU B 604 22.17 -3.75 -11.11
N LEU B 605 23.41 -3.45 -10.73
CA LEU B 605 24.07 -4.32 -9.73
C LEU B 605 23.62 -3.88 -8.33
N VAL B 606 23.52 -2.58 -8.10
CA VAL B 606 23.23 -2.12 -6.74
C VAL B 606 21.83 -2.53 -6.30
N ASN B 607 20.88 -2.58 -7.24
CA ASN B 607 19.51 -2.89 -6.90
C ASN B 607 19.38 -4.29 -6.32
N GLY B 608 18.27 -4.53 -5.62
CA GLY B 608 18.05 -5.78 -4.95
C GLY B 608 17.17 -6.72 -5.76
N PRO B 609 16.83 -7.87 -5.17
CA PRO B 609 16.04 -8.86 -5.91
C PRO B 609 14.53 -8.68 -5.80
N LEU B 610 14.05 -7.94 -4.80
CA LEU B 610 12.61 -7.81 -4.62
C LEU B 610 12.00 -6.97 -5.72
N PHE B 611 12.39 -5.70 -5.81
CA PHE B 611 11.84 -4.79 -6.80
C PHE B 611 12.58 -5.02 -8.10
N ASP B 612 11.99 -5.82 -8.98
CA ASP B 612 12.68 -6.22 -10.20
C ASP B 612 12.61 -5.09 -11.23
N HIS B 613 11.41 -4.85 -11.78
CA HIS B 613 11.10 -3.66 -12.57
C HIS B 613 12.09 -3.39 -13.68
N SER B 614 12.94 -4.36 -13.99
CA SER B 614 13.91 -4.20 -15.06
C SER B 614 14.08 -5.46 -15.89
N THR B 615 13.42 -6.56 -15.53
CA THR B 615 13.36 -7.76 -16.35
C THR B 615 11.94 -8.10 -16.75
N HIS B 616 10.98 -7.22 -16.47
CA HIS B 616 9.62 -7.42 -16.95
C HIS B 616 9.60 -7.41 -18.48
N SER B 617 8.46 -7.82 -19.03
CA SER B 617 8.25 -7.68 -20.46
C SER B 617 8.19 -6.20 -20.84
N PHE B 618 7.44 -5.42 -20.08
CA PHE B 618 7.44 -3.96 -20.20
C PHE B 618 8.44 -3.40 -19.20
N ALA B 619 9.72 -3.52 -19.53
CA ALA B 619 10.77 -3.15 -18.60
C ALA B 619 10.75 -1.65 -18.33
N GLN B 620 11.54 -1.25 -17.35
CA GLN B 620 11.72 0.14 -16.95
C GLN B 620 13.21 0.36 -16.70
N PRO B 621 13.68 1.60 -16.79
CA PRO B 621 15.10 1.86 -16.62
C PRO B 621 15.57 1.43 -15.24
N PRO B 622 16.81 0.92 -15.12
CA PRO B 622 17.29 0.47 -13.81
C PRO B 622 17.28 1.54 -12.75
N ASN B 623 17.35 2.82 -13.13
CA ASN B 623 17.25 3.88 -12.13
C ASN B 623 15.86 3.91 -11.50
N THR B 624 14.82 3.52 -12.24
CA THR B 624 13.49 3.45 -11.65
C THR B 624 13.35 2.22 -10.76
N ALA B 625 13.86 1.08 -11.21
CA ALA B 625 13.85 -0.11 -10.38
C ALA B 625 14.65 0.08 -9.11
N LEU B 626 15.61 1.02 -9.13
CA LEU B 626 16.35 1.34 -7.92
C LEU B 626 15.64 2.39 -7.08
N TYR B 627 14.96 3.33 -7.72
CA TYR B 627 14.18 4.32 -7.00
C TYR B 627 13.08 3.67 -6.18
N TYR B 628 12.44 2.64 -6.75
CA TYR B 628 11.46 1.88 -5.98
C TYR B 628 12.09 1.25 -4.75
N SER B 629 13.16 0.48 -4.96
CA SER B 629 13.77 -0.27 -3.86
C SER B 629 14.42 0.63 -2.82
N VAL B 630 14.74 1.88 -3.16
CA VAL B 630 15.40 2.76 -2.22
C VAL B 630 14.46 3.78 -1.59
N GLU B 631 13.29 4.01 -2.19
CA GLU B 631 12.32 4.92 -1.59
C GLU B 631 11.37 4.21 -0.64
N ASN B 632 11.11 2.92 -0.84
CA ASN B 632 10.27 2.15 0.05
C ASN B 632 10.88 2.14 1.45
N VAL B 633 12.08 1.57 1.59
CA VAL B 633 12.86 1.76 2.80
C VAL B 633 13.27 3.23 2.85
N GLY B 634 12.71 3.98 3.79
CA GLY B 634 12.93 5.41 3.80
C GLY B 634 14.40 5.77 3.90
N LEU B 635 14.96 6.24 2.80
CA LEU B 635 16.36 6.64 2.74
C LEU B 635 16.43 8.16 2.79
N LEU B 636 17.38 8.68 3.57
CA LEU B 636 17.52 10.12 3.69
C LEU B 636 17.77 10.74 2.32
N PRO B 637 17.17 11.89 2.02
CA PRO B 637 17.38 12.50 0.70
C PRO B 637 18.82 12.85 0.42
N HIS B 638 19.63 13.08 1.46
CA HIS B 638 21.03 13.43 1.27
C HIS B 638 21.89 12.26 0.80
N LEU B 639 21.30 11.08 0.60
CA LEU B 639 22.01 9.93 0.07
C LEU B 639 21.56 9.53 -1.32
N LYS B 640 20.49 10.12 -1.85
CA LYS B 640 20.07 9.80 -3.21
C LYS B 640 20.95 10.49 -4.24
N GLU B 641 21.49 11.66 -3.92
CA GLU B 641 22.45 12.30 -4.81
C GLU B 641 23.76 11.52 -4.84
N GLU B 642 24.17 10.98 -3.68
CA GLU B 642 25.35 10.13 -3.62
C GLU B 642 25.15 8.82 -4.38
N LEU B 643 23.92 8.47 -4.73
CA LEU B 643 23.63 7.28 -5.52
C LEU B 643 23.44 7.60 -7.00
N ALA B 644 22.64 8.62 -7.31
CA ALA B 644 22.39 8.97 -8.71
C ALA B 644 23.61 9.60 -9.36
N ARG B 645 24.38 10.37 -8.59
CA ARG B 645 25.55 11.08 -9.10
C ARG B 645 26.84 10.39 -8.65
N PHE B 646 26.85 9.07 -8.62
CA PHE B 646 28.03 8.34 -8.19
C PHE B 646 29.02 8.12 -9.32
N ILE B 647 28.55 7.68 -10.49
CA ILE B 647 29.42 7.49 -11.65
C ILE B 647 29.27 8.63 -12.64
N MET B 648 28.47 9.65 -12.32
CA MET B 648 28.42 10.84 -13.17
C MET B 648 29.80 11.45 -13.33
N GLY B 649 30.64 11.36 -12.30
CA GLY B 649 32.02 11.76 -12.41
C GLY B 649 32.94 10.56 -12.42
N ALA B 650 33.67 10.37 -13.52
CA ALA B 650 34.58 9.24 -13.64
C ALA B 650 35.79 9.62 -14.49
N SER B 653 40.51 9.95 -14.14
CA SER B 653 41.81 9.60 -13.58
C SER B 653 41.69 8.39 -12.66
N GLY B 654 42.82 7.97 -12.09
CA GLY B 654 42.84 6.83 -11.18
C GLY B 654 42.18 7.09 -9.84
N ALA B 655 41.84 8.34 -9.54
CA ALA B 655 41.16 8.67 -8.29
C ALA B 655 39.68 8.36 -8.42
N ASP B 656 39.09 7.86 -7.33
CA ASP B 656 37.69 7.44 -7.29
C ASP B 656 37.45 6.31 -8.29
N TRP B 657 38.53 5.74 -8.83
CA TRP B 657 38.47 4.68 -9.81
C TRP B 657 38.81 3.33 -9.19
N ALA B 658 39.98 3.23 -8.56
CA ALA B 658 40.44 2.01 -7.91
C ALA B 658 40.45 2.23 -6.42
N VAL B 659 39.61 1.48 -5.70
CA VAL B 659 39.53 1.57 -4.26
C VAL B 659 40.05 0.31 -3.56
N SER B 660 39.96 -0.84 -4.20
CA SER B 660 40.37 -2.09 -3.57
C SER B 660 41.87 -2.13 -3.36
N GLU B 661 42.28 -2.71 -2.24
CA GLU B 661 43.69 -3.01 -2.00
C GLU B 661 44.05 -4.28 -2.74
N PHE B 662 45.19 -4.89 -2.39
CA PHE B 662 45.66 -6.05 -3.14
C PHE B 662 44.65 -7.19 -3.10
N GLN B 663 44.38 -7.71 -1.91
CA GLN B 663 43.44 -8.81 -1.77
C GLN B 663 42.15 -8.43 -1.08
N ARG B 664 42.01 -7.18 -0.63
CA ARG B 664 40.82 -6.75 0.09
C ARG B 664 39.87 -6.03 -0.88
N PHE B 665 39.33 -6.80 -1.83
CA PHE B 665 38.35 -6.21 -2.74
C PHE B 665 37.02 -6.03 -2.03
N TYR B 666 36.40 -7.13 -1.60
CA TYR B 666 35.19 -7.06 -0.77
C TYR B 666 35.56 -7.37 0.68
N CYS B 667 36.12 -6.35 1.34
CA CYS B 667 36.43 -6.44 2.76
C CYS B 667 35.96 -5.17 3.44
N PHE B 668 35.20 -5.33 4.53
CA PHE B 668 34.65 -4.21 5.28
C PHE B 668 35.21 -4.20 6.70
N ASP B 669 36.52 -4.43 6.83
CA ASP B 669 37.13 -4.55 8.15
C ASP B 669 37.16 -3.21 8.87
N GLY B 670 37.50 -2.14 8.15
CA GLY B 670 37.65 -0.84 8.78
C GLY B 670 36.47 0.08 8.62
N ILE B 671 35.26 -0.49 8.58
CA ILE B 671 34.05 0.32 8.41
C ILE B 671 32.94 -0.30 9.23
N SER B 672 32.19 0.54 9.94
CA SER B 672 31.05 0.10 10.73
C SER B 672 29.87 1.01 10.41
N GLY B 673 28.69 0.55 10.78
CA GLY B 673 27.46 1.24 10.45
C GLY B 673 26.73 0.55 9.31
N ILE B 674 25.75 1.27 8.76
CA ILE B 674 24.93 0.76 7.67
C ILE B 674 25.08 1.60 6.41
N THR B 675 25.09 2.92 6.52
CA THR B 675 25.29 3.75 5.35
C THR B 675 26.77 3.87 4.99
N PRO B 676 27.69 4.10 5.95
CA PRO B 676 29.11 4.13 5.57
C PRO B 676 29.68 2.76 5.25
N THR B 677 28.95 1.69 5.58
CA THR B 677 29.30 0.36 5.14
C THR B 677 28.74 0.04 3.77
N GLN B 678 27.73 0.80 3.32
CA GLN B 678 27.18 0.64 1.98
C GLN B 678 27.88 1.52 0.96
N ARG B 679 28.38 2.68 1.38
CA ARG B 679 29.23 3.47 0.48
C ARG B 679 30.44 2.67 0.05
N ALA B 680 31.02 1.91 0.97
CA ALA B 680 32.17 1.07 0.64
C ALA B 680 31.81 -0.04 -0.32
N ALA B 681 30.54 -0.44 -0.37
CA ALA B 681 30.12 -1.44 -1.35
C ALA B 681 29.86 -0.80 -2.71
N TRP B 682 29.26 0.38 -2.71
CA TRP B 682 29.10 1.13 -3.96
C TRP B 682 30.45 1.39 -4.60
N ARG B 683 31.47 1.67 -3.79
CA ARG B 683 32.80 1.93 -4.34
C ARG B 683 33.37 0.69 -5.02
N TYR B 684 33.22 -0.48 -4.38
CA TYR B 684 33.74 -1.70 -4.99
C TYR B 684 32.98 -2.05 -6.26
N ILE B 685 31.67 -1.80 -6.27
CA ILE B 685 30.88 -2.10 -7.46
C ILE B 685 31.29 -1.17 -8.61
N ARG B 686 31.48 0.12 -8.32
CA ARG B 686 31.94 1.04 -9.34
C ARG B 686 33.32 0.65 -9.86
N GLU B 687 34.24 0.29 -8.97
CA GLU B 687 35.55 -0.16 -9.41
C GLU B 687 35.45 -1.36 -10.33
N LEU B 688 34.65 -2.36 -9.96
CA LEU B 688 34.50 -3.54 -10.79
C LEU B 688 33.95 -3.18 -12.16
N ILE B 689 32.91 -2.34 -12.20
CA ILE B 689 32.28 -2.01 -13.48
C ILE B 689 33.25 -1.26 -14.38
N ILE B 690 33.94 -0.26 -13.83
CA ILE B 690 34.82 0.55 -14.67
C ILE B 690 36.04 -0.26 -15.10
N ALA B 691 36.54 -1.13 -14.23
CA ALA B 691 37.66 -1.99 -14.61
C ALA B 691 37.26 -2.95 -15.73
N THR B 692 36.05 -3.51 -15.65
CA THR B 692 35.59 -4.38 -16.72
C THR B 692 35.41 -3.63 -18.02
N THR B 693 34.87 -2.40 -17.97
CA THR B 693 34.74 -1.59 -19.17
C THR B 693 36.10 -1.32 -19.80
N LEU B 694 37.07 -0.88 -19.01
CA LEU B 694 38.38 -0.58 -19.54
C LEU B 694 39.09 -1.83 -20.04
N PHE B 695 38.83 -2.99 -19.43
CA PHE B 695 39.42 -4.22 -19.92
C PHE B 695 38.81 -4.62 -21.26
N ALA B 696 37.50 -4.43 -21.42
CA ALA B 696 36.88 -4.70 -22.71
C ALA B 696 37.38 -3.73 -23.77
N SER B 697 37.73 -2.50 -23.37
CA SER B 697 38.21 -1.52 -24.32
C SER B 697 39.67 -1.78 -24.72
N VAL B 698 40.51 -2.18 -23.78
CA VAL B 698 41.93 -2.35 -24.05
C VAL B 698 42.20 -3.70 -24.71
N TYR B 699 41.88 -4.78 -24.00
CA TYR B 699 42.05 -6.14 -24.52
C TYR B 699 40.72 -6.58 -25.12
N ARG B 700 40.56 -6.34 -26.42
CA ARG B 700 39.28 -6.57 -27.08
C ARG B 700 38.91 -8.05 -27.13
N CYS B 701 39.86 -8.95 -26.87
CA CYS B 701 39.59 -10.39 -26.95
C CYS B 701 38.44 -10.79 -26.03
N GLY B 702 38.49 -10.36 -24.77
CA GLY B 702 37.46 -10.75 -23.81
C GLY B 702 36.16 -9.97 -24.03
N GLU B 703 35.07 -10.58 -23.58
CA GLU B 703 33.76 -9.93 -23.65
C GLU B 703 33.29 -9.46 -22.27
N LEU B 704 33.53 -10.26 -21.23
CA LEU B 704 33.29 -9.89 -19.84
C LEU B 704 31.86 -9.41 -19.61
N GLU B 705 30.91 -10.32 -19.81
CA GLU B 705 29.54 -10.05 -19.45
C GLU B 705 29.43 -10.02 -17.93
N LEU B 706 29.32 -8.82 -17.37
CA LEU B 706 29.28 -8.65 -15.92
C LEU B 706 27.90 -9.05 -15.43
N ARG B 707 27.82 -10.20 -14.77
CA ARG B 707 26.55 -10.80 -14.36
C ARG B 707 26.43 -10.82 -12.84
N ARG B 708 25.26 -11.24 -12.38
CA ARG B 708 24.92 -11.37 -10.99
C ARG B 708 24.26 -12.72 -10.75
N PRO B 709 24.60 -13.43 -9.67
CA PRO B 709 24.01 -14.76 -9.46
C PRO B 709 22.56 -14.73 -9.03
N ASP B 710 22.05 -13.59 -8.56
CA ASP B 710 20.66 -13.51 -8.12
C ASP B 710 19.67 -13.75 -9.26
N CYS B 711 20.11 -13.56 -10.50
CA CYS B 711 19.27 -13.88 -11.66
C CYS B 711 19.35 -15.37 -11.95
N SER B 712 18.90 -15.77 -13.14
CA SER B 712 18.92 -17.16 -13.58
C SER B 712 18.05 -18.03 -12.68
N ARG B 713 16.76 -17.75 -12.70
CA ARG B 713 15.79 -18.58 -12.02
C ARG B 713 15.76 -19.97 -12.66
N PRO B 714 15.43 -21.00 -11.88
CA PRO B 714 15.52 -22.37 -12.39
C PRO B 714 14.42 -22.71 -13.37
N THR B 715 14.76 -23.58 -14.32
CA THR B 715 13.80 -24.07 -15.31
C THR B 715 12.96 -25.19 -14.70
N SER B 716 12.39 -26.04 -15.55
CA SER B 716 11.44 -27.06 -15.14
C SER B 716 11.89 -27.88 -13.94
N GLU B 717 13.18 -28.21 -13.85
CA GLU B 717 13.66 -28.98 -12.72
C GLU B 717 15.18 -28.85 -12.61
N GLY B 718 15.65 -28.54 -11.39
CA GLY B 718 17.04 -28.68 -11.00
C GLY B 718 18.10 -28.30 -12.01
N ARG B 719 17.85 -27.29 -12.83
CA ARG B 719 18.81 -26.83 -13.81
C ARG B 719 18.85 -25.31 -13.76
N TYR B 720 20.06 -24.75 -13.71
CA TYR B 720 20.24 -23.32 -13.52
C TYR B 720 21.01 -22.63 -14.64
N ARG B 721 21.86 -23.34 -15.36
CA ARG B 721 22.51 -22.89 -16.60
C ARG B 721 23.12 -21.49 -16.45
N TYR B 722 24.13 -21.43 -15.59
CA TYR B 722 24.87 -20.18 -15.40
C TYR B 722 25.75 -19.91 -16.62
N PRO B 723 25.50 -18.84 -17.37
CA PRO B 723 26.30 -18.57 -18.57
C PRO B 723 27.66 -18.03 -18.19
N PRO B 724 28.58 -17.94 -19.15
CA PRO B 724 29.90 -17.38 -18.84
C PRO B 724 29.84 -15.90 -18.51
N GLY B 725 30.84 -15.44 -17.80
CA GLY B 725 30.91 -14.05 -17.38
C GLY B 725 31.78 -13.91 -16.14
N VAL B 726 31.54 -12.82 -15.41
CA VAL B 726 32.26 -12.55 -14.17
C VAL B 726 31.22 -12.11 -13.13
N TYR B 727 30.93 -13.00 -12.18
CA TYR B 727 29.87 -12.80 -11.20
C TYR B 727 30.41 -12.12 -9.95
N LEU B 728 29.61 -11.20 -9.41
CA LEU B 728 30.01 -10.41 -8.25
C LEU B 728 29.79 -11.16 -6.95
N THR B 729 28.62 -11.77 -6.78
CA THR B 729 28.32 -12.74 -5.73
C THR B 729 28.24 -12.09 -4.35
N TYR B 730 28.67 -10.84 -4.22
CA TYR B 730 28.46 -10.04 -3.03
C TYR B 730 28.98 -10.68 -1.75
N ASP B 731 29.80 -11.71 -1.86
CA ASP B 731 30.24 -12.50 -0.71
C ASP B 731 31.66 -12.08 -0.35
N SER B 732 31.83 -11.47 0.82
CA SER B 732 33.14 -11.00 1.27
C SER B 732 34.14 -12.14 1.46
N ASP B 733 33.71 -13.40 1.35
CA ASP B 733 34.63 -14.52 1.46
C ASP B 733 35.37 -14.77 0.15
N CYS B 734 34.63 -14.83 -0.96
CA CYS B 734 35.22 -15.03 -2.29
C CYS B 734 34.34 -14.35 -3.31
N PRO B 735 34.39 -13.01 -3.38
CA PRO B 735 33.41 -12.27 -4.17
C PRO B 735 33.43 -12.58 -5.66
N LEU B 736 34.54 -12.36 -6.34
CA LEU B 736 34.56 -12.42 -7.79
C LEU B 736 34.73 -13.86 -8.25
N VAL B 737 33.79 -14.34 -9.05
CA VAL B 737 33.84 -15.68 -9.62
C VAL B 737 33.76 -15.55 -11.13
N ALA B 738 34.83 -15.89 -11.82
CA ALA B 738 34.88 -15.75 -13.28
C ALA B 738 34.62 -17.11 -13.90
N ILE B 739 33.51 -17.22 -14.63
CA ILE B 739 33.18 -18.43 -15.37
C ILE B 739 33.55 -18.18 -16.83
N VAL B 740 34.75 -18.59 -17.22
CA VAL B 740 35.28 -18.22 -18.53
C VAL B 740 34.75 -19.16 -19.61
N GLU B 741 34.79 -20.46 -19.37
CA GLU B 741 34.26 -21.46 -20.29
C GLU B 741 33.52 -22.52 -19.48
N SER B 742 32.18 -22.45 -19.51
CA SER B 742 31.36 -23.30 -18.65
C SER B 742 30.93 -24.58 -19.33
N ALA B 743 30.16 -24.48 -20.42
CA ALA B 743 29.59 -25.64 -21.09
C ALA B 743 28.85 -25.21 -22.35
N PRO B 744 28.69 -26.08 -23.34
CA PRO B 744 27.87 -25.76 -24.51
C PRO B 744 26.36 -25.83 -24.24
N ASP B 745 25.93 -26.16 -23.03
CA ASP B 745 24.51 -26.25 -22.75
C ASP B 745 24.11 -25.38 -21.56
N GLY B 746 25.07 -25.02 -20.72
CA GLY B 746 24.81 -24.06 -19.66
C GLY B 746 25.22 -24.46 -18.26
N CYS B 747 25.09 -25.74 -17.93
CA CYS B 747 25.36 -26.19 -16.57
C CYS B 747 26.86 -26.11 -16.27
N ILE B 748 27.21 -26.36 -15.02
CA ILE B 748 28.59 -26.26 -14.53
C ILE B 748 29.05 -27.66 -14.19
N GLY B 749 29.96 -28.20 -14.99
CA GLY B 749 30.43 -29.56 -14.81
C GLY B 749 31.94 -29.71 -14.96
N PRO B 750 32.36 -30.67 -15.79
CA PRO B 750 33.79 -30.95 -15.91
C PRO B 750 34.52 -30.04 -16.89
N ARG B 751 33.81 -29.41 -17.83
CA ARG B 751 34.41 -28.47 -18.77
C ARG B 751 34.12 -27.03 -18.38
N SER B 752 34.12 -26.76 -17.08
CA SER B 752 33.62 -25.49 -16.56
C SER B 752 34.67 -24.78 -15.71
N VAL B 753 35.88 -24.63 -16.26
CA VAL B 753 36.95 -23.94 -15.55
C VAL B 753 36.48 -22.60 -15.03
N VAL B 754 36.63 -22.39 -13.72
CA VAL B 754 36.19 -21.17 -13.04
C VAL B 754 37.33 -20.64 -12.20
N VAL B 755 37.35 -19.33 -12.00
CA VAL B 755 38.40 -18.65 -11.27
C VAL B 755 37.78 -17.95 -10.07
N TYR B 756 38.14 -18.38 -8.87
CA TYR B 756 37.77 -17.69 -7.65
C TYR B 756 38.79 -16.61 -7.36
N ASP B 757 38.35 -15.44 -6.91
CA ASP B 757 39.29 -14.45 -6.43
C ASP B 757 38.55 -13.35 -5.68
N ARG B 758 39.26 -12.73 -4.75
CA ARG B 758 38.80 -11.49 -4.14
C ARG B 758 39.01 -10.32 -5.09
N ASP B 759 40.26 -10.05 -5.43
CA ASP B 759 40.61 -8.87 -6.21
C ASP B 759 40.02 -8.94 -7.62
N VAL B 760 39.86 -7.77 -8.22
CA VAL B 760 39.28 -7.65 -9.55
C VAL B 760 40.34 -7.76 -10.64
N PHE B 761 41.49 -7.09 -10.46
CA PHE B 761 42.49 -7.06 -11.51
C PHE B 761 43.14 -8.43 -11.72
N SER B 762 43.32 -9.20 -10.64
CA SER B 762 43.82 -10.56 -10.81
C SER B 762 42.81 -11.42 -11.54
N ILE B 763 41.51 -11.20 -11.28
CA ILE B 763 40.47 -11.89 -12.03
C ILE B 763 40.58 -11.58 -13.51
N LEU B 764 40.79 -10.29 -13.82
CA LEU B 764 40.90 -9.91 -15.23
C LEU B 764 42.15 -10.50 -15.87
N TYR B 765 43.25 -10.58 -15.13
CA TYR B 765 44.45 -11.22 -15.66
C TYR B 765 44.22 -12.70 -15.93
N SER B 766 43.55 -13.39 -15.00
CA SER B 766 43.28 -14.81 -15.22
C SER B 766 42.31 -15.03 -16.37
N VAL B 767 41.37 -14.11 -16.57
CA VAL B 767 40.48 -14.20 -17.71
C VAL B 767 41.25 -13.98 -19.01
N LEU B 768 42.19 -13.03 -19.01
CA LEU B 768 43.01 -12.79 -20.19
C LEU B 768 43.87 -13.98 -20.53
N GLN B 769 44.47 -14.63 -19.52
CA GLN B 769 45.32 -15.78 -19.78
C GLN B 769 44.58 -16.95 -20.40
N HIS B 770 43.24 -16.96 -20.30
CA HIS B 770 42.43 -18.01 -20.89
C HIS B 770 41.85 -17.62 -22.24
N LEU B 771 41.18 -16.47 -22.31
CA LEU B 771 40.43 -16.12 -23.51
C LEU B 771 41.34 -15.70 -24.67
N ALA B 772 42.55 -15.24 -24.36
CA ALA B 772 43.41 -14.69 -25.41
C ALA B 772 43.91 -15.73 -26.40
N PRO B 773 44.51 -16.89 -25.97
CA PRO B 773 45.05 -17.85 -26.93
C PRO B 773 43.98 -18.72 -27.60
N ARG B 774 42.91 -18.08 -28.06
CA ARG B 774 41.82 -18.78 -28.74
C ARG B 774 41.28 -17.96 -29.90
N THR C 1 -9.26 -50.49 -1.92
CA THR C 1 -7.82 -50.33 -1.78
C THR C 1 -7.48 -48.90 -1.37
N LEU C 2 -6.27 -48.72 -0.82
CA LEU C 2 -5.79 -47.41 -0.36
C LEU C 2 -6.74 -46.81 0.67
N ARG C 3 -6.84 -47.53 1.79
CA ARG C 3 -7.79 -47.17 2.84
C ARG C 3 -7.36 -45.91 3.56
N ASP C 4 -8.33 -45.28 4.23
CA ASP C 4 -8.13 -44.03 4.95
C ASP C 4 -7.64 -44.31 6.36
N THR C 5 -7.45 -43.24 7.14
CA THR C 5 -6.98 -43.38 8.52
C THR C 5 -8.13 -43.68 9.49
N ILE C 6 -9.35 -43.25 9.16
CA ILE C 6 -10.50 -43.47 10.02
C ILE C 6 -10.89 -44.95 10.01
N PRO C 7 -10.81 -45.68 8.89
CA PRO C 7 -10.95 -47.13 8.96
C PRO C 7 -9.72 -47.82 9.55
N ASP C 8 -8.64 -47.09 9.79
CA ASP C 8 -7.42 -47.71 10.30
C ASP C 8 -7.34 -47.66 11.82
N CYS C 9 -7.66 -46.51 12.41
CA CYS C 9 -7.45 -46.35 13.85
C CYS C 9 -8.46 -47.15 14.65
N ALA C 10 -9.75 -46.80 14.54
CA ALA C 10 -10.86 -47.56 15.11
C ALA C 10 -10.89 -47.54 16.64
N LEU C 11 -9.91 -46.90 17.27
CA LEU C 11 -9.85 -46.83 18.73
C LEU C 11 -9.40 -45.44 19.15
N ARG C 12 -10.11 -44.86 20.10
CA ARG C 12 -9.88 -43.47 20.50
C ARG C 12 -9.83 -43.34 22.02
N SER C 13 -9.05 -44.22 22.65
CA SER C 13 -8.74 -44.12 24.08
C SER C 13 -7.22 -44.21 24.21
N GLN C 14 -6.54 -43.08 23.99
CA GLN C 14 -5.08 -43.02 23.95
C GLN C 14 -4.69 -41.55 23.83
N THR C 15 -3.39 -41.31 23.78
CA THR C 15 -2.87 -39.98 23.50
C THR C 15 -2.44 -39.87 22.04
N LEU C 16 -2.18 -38.63 21.60
CA LEU C 16 -1.90 -38.40 20.20
C LEU C 16 -0.54 -38.97 19.79
N GLU C 17 0.46 -38.84 20.65
CA GLU C 17 1.81 -39.27 20.27
C GLU C 17 1.90 -40.78 20.13
N SER C 18 1.15 -41.53 20.95
CA SER C 18 1.12 -42.99 20.81
C SER C 18 0.58 -43.39 19.45
N LEU C 19 -0.55 -42.77 19.05
CA LEU C 19 -1.12 -43.06 17.73
C LEU C 19 -0.17 -42.64 16.62
N ASP C 20 0.53 -41.51 16.80
CA ASP C 20 1.53 -41.09 15.82
C ASP C 20 2.59 -42.15 15.64
N ALA C 21 3.19 -42.60 16.75
CA ALA C 21 4.25 -43.61 16.67
C ALA C 21 3.74 -44.96 16.20
N ARG C 22 2.44 -45.24 16.36
CA ARG C 22 1.90 -46.55 16.04
C ARG C 22 1.31 -46.65 14.64
N TYR C 23 0.89 -45.55 14.02
CA TYR C 23 0.18 -45.61 12.75
C TYR C 23 0.77 -44.75 11.65
N VAL C 24 1.40 -43.62 11.97
CA VAL C 24 1.92 -42.73 10.95
C VAL C 24 3.45 -42.63 10.97
N SER C 25 4.10 -43.08 12.04
CA SER C 25 5.55 -42.99 12.15
C SER C 25 6.25 -44.34 12.02
N ARG C 26 5.50 -45.44 11.96
CA ARG C 26 6.11 -46.73 11.72
C ARG C 26 6.67 -46.81 10.30
N ASP C 27 7.77 -47.55 10.14
CA ASP C 27 8.37 -47.70 8.83
C ASP C 27 7.44 -48.45 7.88
N GLY C 28 6.69 -49.42 8.40
CA GLY C 28 5.75 -50.18 7.60
C GLY C 28 4.43 -49.53 7.33
N ALA C 29 4.21 -48.33 7.86
CA ALA C 29 2.96 -47.61 7.62
C ALA C 29 2.82 -47.28 6.14
N HIS C 30 1.76 -47.79 5.52
CA HIS C 30 1.58 -47.58 4.09
C HIS C 30 1.28 -46.12 3.76
N ASP C 31 0.47 -45.46 4.59
CA ASP C 31 0.20 -44.03 4.49
C ASP C 31 -0.25 -43.66 3.07
N ALA C 32 -1.44 -44.13 2.71
CA ALA C 32 -1.96 -43.99 1.36
C ALA C 32 -3.34 -43.36 1.36
N ALA C 33 -3.50 -42.28 2.13
CA ALA C 33 -4.77 -41.58 2.15
C ALA C 33 -4.58 -40.18 2.73
N VAL C 34 -5.42 -39.25 2.27
CA VAL C 34 -5.48 -37.89 2.79
C VAL C 34 -6.95 -37.50 2.83
N TRP C 35 -7.52 -37.41 4.04
CA TRP C 35 -8.93 -37.09 4.17
C TRP C 35 -9.15 -36.39 5.51
N PHE C 36 -9.47 -35.10 5.46
CA PHE C 36 -9.68 -34.31 6.65
C PHE C 36 -11.13 -34.42 7.10
N GLU C 37 -11.35 -34.93 8.30
CA GLU C 37 -12.70 -35.11 8.82
C GLU C 37 -13.39 -33.76 9.01
N ASP C 38 -14.71 -33.78 8.98
CA ASP C 38 -15.51 -32.60 9.24
C ASP C 38 -15.59 -32.38 10.75
N MET C 39 -15.06 -31.26 11.23
CA MET C 39 -14.95 -31.01 12.65
C MET C 39 -15.98 -30.02 13.18
N THR C 40 -16.76 -29.40 12.33
CA THR C 40 -17.73 -28.42 12.81
C THR C 40 -18.87 -29.15 13.52
N PRO C 41 -19.28 -28.69 14.70
CA PRO C 41 -20.34 -29.39 15.43
C PRO C 41 -21.72 -28.96 14.96
N ALA C 42 -22.60 -29.96 14.79
CA ALA C 42 -23.97 -29.67 14.36
C ALA C 42 -24.66 -28.71 15.30
N GLU C 43 -24.29 -28.71 16.58
CA GLU C 43 -24.81 -27.74 17.54
C GLU C 43 -24.38 -26.32 17.22
N LEU C 44 -23.43 -26.14 16.30
CA LEU C 44 -23.01 -24.81 15.85
C LEU C 44 -23.45 -24.49 14.44
N GLU C 45 -23.67 -25.50 13.60
CA GLU C 45 -24.20 -25.25 12.26
C GLU C 45 -25.66 -24.83 12.32
N VAL C 46 -26.42 -25.40 13.26
CA VAL C 46 -27.85 -25.11 13.36
C VAL C 46 -28.12 -23.68 13.79
N VAL C 47 -27.10 -22.94 14.25
CA VAL C 47 -27.25 -21.55 14.65
C VAL C 47 -26.52 -20.60 13.72
N PHE C 48 -25.35 -20.99 13.22
CA PHE C 48 -24.62 -20.22 12.22
C PHE C 48 -24.56 -21.01 10.91
N PRO C 49 -25.66 -21.13 10.18
CA PRO C 49 -25.71 -22.02 9.01
C PRO C 49 -25.26 -21.36 7.72
N THR C 50 -24.11 -20.70 7.75
CA THR C 50 -23.59 -20.00 6.59
C THR C 50 -22.13 -19.64 6.81
N THR C 51 -21.28 -19.93 5.82
CA THR C 51 -19.86 -19.64 5.98
C THR C 51 -19.63 -18.15 6.23
N ASP C 52 -20.44 -17.28 5.63
CA ASP C 52 -20.38 -15.88 6.00
C ASP C 52 -20.83 -15.66 7.44
N ALA C 53 -21.85 -16.41 7.87
CA ALA C 53 -22.31 -16.29 9.26
C ALA C 53 -21.36 -16.95 10.23
N LYS C 54 -20.66 -18.00 9.78
CA LYS C 54 -19.64 -18.62 10.62
C LYS C 54 -18.33 -17.85 10.61
N LEU C 55 -18.16 -16.91 9.68
CA LEU C 55 -16.98 -16.05 9.67
C LEU C 55 -17.20 -14.74 10.38
N ASN C 56 -18.40 -14.17 10.32
CA ASN C 56 -18.69 -12.97 11.09
C ASN C 56 -18.57 -13.24 12.58
N TYR C 57 -19.08 -14.39 13.03
CA TYR C 57 -18.94 -14.76 14.44
C TYR C 57 -17.49 -15.02 14.79
N LEU C 58 -16.75 -15.68 13.89
CA LEU C 58 -15.35 -16.00 14.11
C LEU C 58 -14.48 -14.76 14.12
N SER C 59 -14.94 -13.66 13.53
CA SER C 59 -14.23 -12.40 13.59
C SER C 59 -14.65 -11.55 14.78
N ARG C 60 -15.94 -11.57 15.13
CA ARG C 60 -16.40 -10.82 16.28
C ARG C 60 -15.80 -11.36 17.57
N THR C 61 -15.76 -12.68 17.72
CA THR C 61 -15.12 -13.23 18.92
C THR C 61 -13.62 -13.00 18.91
N GLN C 62 -13.00 -12.95 17.73
CA GLN C 62 -11.58 -12.62 17.66
C GLN C 62 -11.32 -11.21 18.13
N ARG C 63 -12.16 -10.25 17.70
CA ARG C 63 -12.03 -8.88 18.16
C ARG C 63 -12.26 -8.77 19.66
N LEU C 64 -13.26 -9.51 20.17
CA LEU C 64 -13.51 -9.52 21.61
C LEU C 64 -12.30 -10.02 22.37
N ALA C 65 -11.77 -11.18 21.96
CA ALA C 65 -10.60 -11.74 22.64
C ALA C 65 -9.42 -10.78 22.59
N SER C 66 -9.18 -10.16 21.43
CA SER C 66 -8.08 -9.21 21.34
C SER C 66 -8.33 -7.96 22.17
N LEU C 67 -9.59 -7.68 22.51
CA LEU C 67 -9.86 -6.60 23.44
C LEU C 67 -9.63 -7.02 24.88
N LEU C 68 -9.92 -8.28 25.21
CA LEU C 68 -9.92 -8.71 26.60
C LEU C 68 -8.51 -8.97 27.13
N THR C 69 -7.62 -9.50 26.29
CA THR C 69 -6.28 -9.79 26.77
C THR C 69 -5.49 -8.51 27.05
N TYR C 70 -5.78 -7.43 26.32
CA TYR C 70 -5.09 -6.16 26.48
C TYR C 70 -5.96 -5.13 27.20
N ALA C 71 -6.77 -5.57 28.15
CA ALA C 71 -7.59 -4.67 28.96
C ALA C 71 -7.99 -5.35 30.26
N THR C 85 5.34 -9.62 37.35
CA THR C 85 3.91 -9.57 37.03
C THR C 85 3.52 -8.31 36.25
N PRO C 86 3.82 -7.09 36.77
CA PRO C 86 3.33 -5.89 36.08
C PRO C 86 4.21 -5.40 34.92
N ASP C 87 4.09 -6.07 33.77
CA ASP C 87 4.85 -5.64 32.60
C ASP C 87 4.14 -4.49 31.89
N THR C 88 2.97 -4.74 31.32
CA THR C 88 2.07 -3.74 30.75
C THR C 88 2.71 -2.93 29.63
N ALA C 89 3.96 -3.24 29.29
CA ALA C 89 4.70 -2.50 28.27
C ALA C 89 4.69 -3.25 26.94
N CYS C 90 3.49 -3.39 26.37
CA CYS C 90 3.30 -4.08 25.10
C CYS C 90 2.83 -3.08 24.06
N VAL C 91 3.42 -3.16 22.87
CA VAL C 91 3.05 -2.23 21.81
C VAL C 91 1.66 -2.54 21.26
N HIS C 92 1.15 -3.75 21.45
CA HIS C 92 -0.14 -4.11 20.89
C HIS C 92 -1.29 -3.48 21.69
N GLY C 93 -1.16 -3.41 23.01
CA GLY C 93 -2.14 -2.68 23.79
C GLY C 93 -2.23 -1.22 23.37
N GLU C 94 -1.07 -0.58 23.19
CA GLU C 94 -1.06 0.81 22.75
C GLU C 94 -1.63 0.95 21.34
N LEU C 95 -1.36 -0.02 20.47
CA LEU C 95 -1.90 0.06 19.11
C LEU C 95 -3.42 -0.07 19.13
N LEU C 96 -3.95 -1.00 19.93
CA LEU C 96 -5.40 -1.14 20.02
C LEU C 96 -6.03 0.12 20.61
N ALA C 97 -5.40 0.69 21.63
CA ALA C 97 -5.92 1.92 22.23
C ALA C 97 -5.95 3.05 21.21
N ARG C 98 -4.85 3.22 20.47
CA ARG C 98 -4.80 4.29 19.48
C ARG C 98 -5.82 4.07 18.37
N LYS C 99 -6.00 2.82 17.94
CA LYS C 99 -6.98 2.53 16.91
C LYS C 99 -8.39 2.85 17.39
N ARG C 100 -8.72 2.45 18.62
CA ARG C 100 -10.04 2.75 19.16
C ARG C 100 -10.27 4.25 19.27
N GLU C 101 -9.27 4.99 19.78
CA GLU C 101 -9.42 6.44 19.90
C GLU C 101 -9.61 7.10 18.54
N ARG C 102 -8.82 6.69 17.55
CA ARG C 102 -8.95 7.29 16.22
C ARG C 102 -10.29 6.94 15.60
N PHE C 103 -10.78 5.72 15.82
CA PHE C 103 -12.08 5.34 15.28
C PHE C 103 -13.20 6.16 15.91
N ALA C 104 -13.17 6.33 17.23
CA ALA C 104 -14.14 7.17 17.90
C ALA C 104 -14.09 8.60 17.36
N ALA C 105 -12.89 9.18 17.27
CA ALA C 105 -12.76 10.55 16.79
C ALA C 105 -13.17 10.69 15.33
N VAL C 106 -13.07 9.61 14.55
CA VAL C 106 -13.43 9.68 13.14
C VAL C 106 -14.94 9.62 12.97
N ILE C 107 -15.60 8.71 13.71
CA ILE C 107 -17.05 8.68 13.66
C ILE C 107 -17.64 9.95 14.23
N ASN C 108 -16.97 10.55 15.21
CA ASN C 108 -17.44 11.81 15.78
C ASN C 108 -17.56 12.89 14.70
N ARG C 109 -16.51 13.08 13.91
CA ARG C 109 -16.49 14.08 12.86
C ARG C 109 -17.04 13.57 11.54
N PHE C 110 -17.87 12.52 11.57
CA PHE C 110 -18.56 12.02 10.40
C PHE C 110 -20.07 12.11 10.52
N LEU C 111 -20.61 12.15 11.73
CA LEU C 111 -22.01 12.45 11.91
C LEU C 111 -22.26 13.95 11.95
N ASP C 112 -21.39 14.68 12.66
CA ASP C 112 -21.55 16.13 12.77
C ASP C 112 -21.33 16.81 11.43
N LEU C 113 -20.38 16.31 10.64
CA LEU C 113 -20.13 16.91 9.33
C LEU C 113 -21.36 16.83 8.44
N HIS C 114 -22.09 15.71 8.50
CA HIS C 114 -23.31 15.58 7.72
C HIS C 114 -24.51 16.22 8.39
N GLN C 115 -24.42 16.52 9.69
CA GLN C 115 -25.42 17.38 10.31
C GLN C 115 -25.29 18.81 9.80
N ILE C 116 -24.04 19.28 9.64
CA ILE C 116 -23.80 20.65 9.21
C ILE C 116 -24.25 20.85 7.76
N LEU C 117 -23.95 19.88 6.89
CA LEU C 117 -24.22 20.03 5.46
C LEU C 117 -25.68 20.27 5.15
N ARG C 118 -26.59 19.98 6.09
CA ARG C 118 -28.01 20.20 5.86
C ARG C 118 -28.38 21.65 6.13
#